data_5ZMB
#
_entry.id   5ZMB
#
_entity_poly.entity_id   1
_entity_poly.type   'polypeptide(L)'
_entity_poly.pdbx_seq_one_letter_code
;MSETIPVSVQCCEGRFELSVDSNHTLRDVLRQFKREVAALDPINLEEYVVNHEGKLLLDDSVTLQTVGVKKDSVFVLVRK
A
;
_entity_poly.pdbx_strand_id   A
#
# COMPACT_ATOMS: atom_id res chain seq x y z
N MET A 1 -2.82 19.99 -3.97
CA MET A 1 -1.64 19.56 -4.72
C MET A 1 -0.41 20.36 -4.28
N SER A 2 -0.16 20.38 -2.97
CA SER A 2 0.98 21.10 -2.42
C SER A 2 2.06 20.13 -1.93
N GLU A 3 1.61 18.98 -1.43
CA GLU A 3 2.53 17.97 -0.93
C GLU A 3 2.19 16.59 -1.49
N THR A 4 2.78 16.26 -2.64
CA THR A 4 2.53 14.97 -3.27
C THR A 4 3.59 13.95 -2.87
N ILE A 5 3.18 12.69 -2.80
CA ILE A 5 4.09 11.61 -2.43
C ILE A 5 3.85 10.36 -3.27
N PRO A 6 4.73 10.16 -4.27
CA PRO A 6 4.64 9.01 -5.18
C PRO A 6 4.97 7.69 -4.48
N VAL A 7 4.19 6.66 -4.78
CA VAL A 7 4.40 5.35 -4.18
C VAL A 7 4.30 4.24 -5.24
N SER A 8 5.00 3.14 -4.99
CA SER A 8 5.00 2.01 -5.91
C SER A 8 4.58 0.73 -5.20
N VAL A 9 3.72 -0.06 -5.86
CA VAL A 9 3.25 -1.31 -5.28
C VAL A 9 3.51 -2.47 -6.24
N GLN A 10 3.94 -3.60 -5.68
CA GLN A 10 4.22 -4.79 -6.48
C GLN A 10 3.17 -5.87 -6.24
N CYS A 11 2.72 -6.50 -7.32
CA CYS A 11 1.72 -7.56 -7.24
C CYS A 11 2.11 -8.75 -8.10
N CYS A 12 1.69 -9.94 -7.67
CA CYS A 12 1.99 -11.15 -8.42
C CYS A 12 1.37 -11.12 -9.80
N GLU A 13 0.36 -10.28 -9.97
CA GLU A 13 -0.32 -10.15 -11.26
C GLU A 13 0.29 -9.03 -12.10
N GLY A 14 0.96 -8.10 -11.43
CA GLY A 14 1.59 -7.00 -12.13
C GLY A 14 2.08 -5.92 -11.18
N ARG A 15 2.15 -4.69 -11.68
CA ARG A 15 2.61 -3.56 -10.87
C ARG A 15 1.62 -2.41 -10.93
N PHE A 16 1.47 -1.71 -9.81
CA PHE A 16 0.54 -0.58 -9.73
C PHE A 16 1.14 0.55 -8.91
N GLU A 17 1.22 1.73 -9.52
CA GLU A 17 1.78 2.90 -8.84
C GLU A 17 0.71 3.97 -8.64
N LEU A 18 0.88 4.77 -7.60
CA LEU A 18 -0.08 5.85 -7.30
C LEU A 18 0.60 6.97 -6.51
N SER A 19 -0.06 8.12 -6.45
CA SER A 19 0.47 9.27 -5.74
C SER A 19 -0.59 9.88 -4.82
N VAL A 20 -0.25 10.03 -3.55
CA VAL A 20 -1.16 10.60 -2.56
C VAL A 20 -0.41 11.42 -1.53
N ASP A 21 -1.09 12.42 -0.97
CA ASP A 21 -0.50 13.28 0.04
C ASP A 21 -0.42 12.58 1.38
N SER A 22 0.69 12.78 2.09
CA SER A 22 0.88 12.15 3.40
C SER A 22 0.21 12.97 4.49
N ASN A 23 -0.56 12.29 5.34
CA ASN A 23 -1.27 12.95 6.43
C ASN A 23 -2.00 11.93 7.30
N HIS A 24 -2.65 10.96 6.65
CA HIS A 24 -3.39 9.93 7.36
C HIS A 24 -2.53 8.68 7.55
N THR A 25 -3.05 7.73 8.32
CA THR A 25 -2.33 6.49 8.58
C THR A 25 -2.37 5.56 7.37
N LEU A 26 -1.69 4.43 7.47
CA LEU A 26 -1.66 3.45 6.38
C LEU A 26 -3.06 3.10 5.93
N ARG A 27 -4.02 3.18 6.85
CA ARG A 27 -5.41 2.87 6.54
C ARG A 27 -5.87 3.63 5.30
N ASP A 28 -5.31 4.82 5.10
CA ASP A 28 -5.67 5.65 3.95
C ASP A 28 -5.01 5.14 2.68
N VAL A 29 -3.71 4.87 2.77
CA VAL A 29 -2.95 4.38 1.63
C VAL A 29 -3.50 3.04 1.13
N LEU A 30 -3.79 2.15 2.07
CA LEU A 30 -4.32 0.84 1.74
C LEU A 30 -5.75 0.94 1.23
N ARG A 31 -6.51 1.87 1.82
CA ARG A 31 -7.90 2.07 1.42
C ARG A 31 -8.01 2.35 -0.07
N GLN A 32 -7.14 3.23 -0.57
CA GLN A 32 -7.15 3.59 -1.98
C GLN A 32 -6.55 2.47 -2.83
N PHE A 33 -5.40 1.96 -2.41
CA PHE A 33 -4.72 0.88 -3.13
C PHE A 33 -5.66 -0.31 -3.33
N LYS A 34 -6.31 -0.73 -2.25
CA LYS A 34 -7.23 -1.86 -2.30
C LYS A 34 -8.51 -1.48 -3.06
N ARG A 35 -8.87 -0.21 -3.00
CA ARG A 35 -10.06 0.28 -3.68
C ARG A 35 -9.86 0.27 -5.19
N GLU A 36 -8.60 0.36 -5.63
CA GLU A 36 -8.28 0.37 -7.04
C GLU A 36 -7.86 -1.02 -7.52
N VAL A 37 -7.10 -1.72 -6.66
CA VAL A 37 -6.63 -3.06 -6.99
C VAL A 37 -7.80 -3.98 -7.33
N ALA A 38 -8.97 -3.66 -6.81
CA ALA A 38 -10.16 -4.46 -7.06
C ALA A 38 -10.60 -4.36 -8.51
N ALA A 39 -10.06 -3.37 -9.22
CA ALA A 39 -10.40 -3.17 -10.62
C ALA A 39 -9.95 -4.34 -11.48
N LEU A 40 -8.78 -4.90 -11.14
CA LEU A 40 -8.23 -6.04 -11.88
C LEU A 40 -8.20 -7.28 -11.00
N ASP A 41 -8.18 -7.08 -9.69
CA ASP A 41 -8.15 -8.20 -8.75
C ASP A 41 -9.54 -8.46 -8.18
N PRO A 42 -10.19 -9.52 -8.69
CA PRO A 42 -11.53 -9.92 -8.24
C PRO A 42 -11.54 -10.45 -6.81
N ILE A 43 -10.45 -11.12 -6.44
CA ILE A 43 -10.34 -11.69 -5.10
C ILE A 43 -10.13 -10.60 -4.05
N ASN A 44 -10.66 -10.82 -2.86
CA ASN A 44 -10.55 -9.86 -1.77
C ASN A 44 -9.13 -9.86 -1.20
N LEU A 45 -8.39 -8.78 -1.44
CA LEU A 45 -7.02 -8.66 -0.95
C LEU A 45 -6.99 -8.59 0.57
N GLU A 46 -8.14 -8.28 1.17
CA GLU A 46 -8.25 -8.19 2.61
C GLU A 46 -7.87 -9.51 3.27
N GLU A 47 -7.94 -10.60 2.51
CA GLU A 47 -7.61 -11.91 3.01
C GLU A 47 -6.11 -12.19 2.91
N TYR A 48 -5.36 -11.17 2.48
CA TYR A 48 -3.92 -11.29 2.32
C TYR A 48 -3.20 -10.18 3.09
N VAL A 49 -1.89 -10.31 3.21
CA VAL A 49 -1.08 -9.33 3.89
C VAL A 49 -0.13 -8.60 2.94
N VAL A 50 0.08 -7.32 3.18
CA VAL A 50 0.97 -6.52 2.34
C VAL A 50 2.13 -5.95 3.15
N ASN A 51 3.33 -6.04 2.58
CA ASN A 51 4.53 -5.54 3.24
C ASN A 51 4.91 -4.16 2.73
N HIS A 52 5.23 -3.25 3.64
CA HIS A 52 5.61 -1.89 3.28
C HIS A 52 7.08 -1.65 3.56
N GLU A 53 7.83 -1.28 2.51
CA GLU A 53 9.26 -1.02 2.64
C GLU A 53 10.00 -2.27 3.11
N GLY A 54 9.56 -3.43 2.60
CA GLY A 54 10.20 -4.68 2.98
C GLY A 54 9.92 -5.07 4.42
N LYS A 55 8.95 -4.39 5.03
CA LYS A 55 8.58 -4.67 6.42
C LYS A 55 7.09 -4.99 6.52
N LEU A 56 6.79 -6.08 7.24
CA LEU A 56 5.40 -6.50 7.42
C LEU A 56 4.78 -5.84 8.65
N LEU A 57 3.78 -5.00 8.43
CA LEU A 57 3.11 -4.30 9.52
C LEU A 57 1.94 -5.13 10.06
N LEU A 58 1.59 -4.89 11.32
CA LEU A 58 0.49 -5.61 11.94
C LEU A 58 -0.84 -4.91 11.68
N ASP A 59 -0.91 -3.63 11.98
CA ASP A 59 -2.12 -2.85 11.78
C ASP A 59 -1.86 -1.68 10.82
N ASP A 60 -2.90 -0.90 10.55
CA ASP A 60 -2.78 0.25 9.65
C ASP A 60 -2.97 1.55 10.42
N SER A 61 -2.57 1.54 11.69
CA SER A 61 -2.70 2.73 12.54
C SER A 61 -1.48 3.64 12.37
N VAL A 62 -0.36 3.06 11.98
CA VAL A 62 0.87 3.82 11.78
C VAL A 62 0.89 4.51 10.42
N THR A 63 1.48 5.70 10.38
CA THR A 63 1.57 6.46 9.14
C THR A 63 2.73 6.00 8.28
N LEU A 64 2.75 6.44 7.03
CA LEU A 64 3.81 6.07 6.10
C LEU A 64 5.18 6.36 6.68
N GLN A 65 5.32 7.54 7.29
CA GLN A 65 6.57 7.95 7.89
C GLN A 65 6.83 7.19 9.20
N THR A 66 5.75 6.91 9.93
CA THR A 66 5.85 6.20 11.19
C THR A 66 6.51 4.83 11.01
N VAL A 67 6.23 4.20 9.87
CA VAL A 67 6.79 2.89 9.56
C VAL A 67 8.24 3.01 9.09
N GLY A 68 8.58 4.17 8.54
CA GLY A 68 9.92 4.39 8.06
C GLY A 68 10.02 4.29 6.55
N VAL A 69 8.90 4.50 5.87
CA VAL A 69 8.87 4.42 4.41
C VAL A 69 9.65 5.57 3.79
N LYS A 70 10.35 5.27 2.70
CA LYS A 70 11.15 6.27 2.00
C LYS A 70 10.32 6.98 0.94
N LYS A 71 10.92 7.99 0.29
CA LYS A 71 10.23 8.74 -0.74
C LYS A 71 9.62 7.81 -1.79
N ASP A 72 10.42 6.86 -2.27
CA ASP A 72 9.94 5.90 -3.27
C ASP A 72 8.75 5.12 -2.75
N SER A 73 8.85 4.63 -1.52
CA SER A 73 7.78 3.86 -0.91
C SER A 73 7.42 2.65 -1.77
N VAL A 74 8.03 1.51 -1.46
CA VAL A 74 7.78 0.28 -2.21
C VAL A 74 7.15 -0.78 -1.32
N PHE A 75 5.95 -1.22 -1.68
CA PHE A 75 5.26 -2.24 -0.91
C PHE A 75 4.82 -3.40 -1.80
N VAL A 76 5.03 -4.62 -1.31
CA VAL A 76 4.65 -5.81 -2.07
C VAL A 76 3.50 -6.54 -1.41
N LEU A 77 2.60 -7.08 -2.24
CA LEU A 77 1.44 -7.81 -1.73
C LEU A 77 1.54 -9.29 -2.07
N VAL A 78 1.24 -10.14 -1.08
CA VAL A 78 1.29 -11.57 -1.27
C VAL A 78 0.16 -12.27 -0.52
N ARG A 79 -0.35 -13.35 -1.10
CA ARG A 79 -1.44 -14.11 -0.49
C ARG A 79 -0.90 -15.04 0.59
N LYS A 80 -1.42 -14.88 1.81
CA LYS A 80 -0.99 -15.70 2.94
C LYS A 80 -1.68 -17.06 2.91
N ALA A 81 -2.96 -17.07 2.54
CA ALA A 81 -3.73 -18.29 2.46
C ALA A 81 -4.45 -18.42 1.12
N MET A 1 -0.77 21.73 -5.11
CA MET A 1 -0.73 20.26 -5.15
C MET A 1 0.56 19.74 -4.53
N SER A 2 1.07 20.47 -3.54
CA SER A 2 2.30 20.07 -2.86
C SER A 2 2.04 18.95 -1.86
N GLU A 3 3.06 18.63 -1.06
CA GLU A 3 2.94 17.58 -0.06
C GLU A 3 2.52 16.26 -0.71
N THR A 4 3.17 15.93 -1.82
CA THR A 4 2.87 14.70 -2.53
C THR A 4 3.81 13.57 -2.12
N ILE A 5 3.30 12.34 -2.11
CA ILE A 5 4.09 11.18 -1.73
C ILE A 5 3.80 9.99 -2.65
N PRO A 6 4.70 9.73 -3.59
CA PRO A 6 4.57 8.63 -4.54
C PRO A 6 4.74 7.27 -3.87
N VAL A 7 3.89 6.32 -4.25
CA VAL A 7 3.94 4.98 -3.68
C VAL A 7 3.78 3.91 -4.77
N SER A 8 4.37 2.74 -4.53
CA SER A 8 4.29 1.64 -5.49
C SER A 8 3.89 0.35 -4.81
N VAL A 9 3.01 -0.42 -5.46
CA VAL A 9 2.55 -1.69 -4.91
C VAL A 9 2.66 -2.80 -5.94
N GLN A 10 3.10 -3.97 -5.47
CA GLN A 10 3.25 -5.13 -6.36
C GLN A 10 2.18 -6.18 -6.08
N CYS A 11 1.61 -6.72 -7.14
CA CYS A 11 0.58 -7.74 -7.01
C CYS A 11 0.82 -8.89 -7.98
N CYS A 12 0.39 -10.08 -7.59
CA CYS A 12 0.56 -11.27 -8.42
C CYS A 12 -0.15 -11.10 -9.76
N GLU A 13 -1.11 -10.18 -9.81
CA GLU A 13 -1.86 -9.92 -11.03
C GLU A 13 -1.22 -8.79 -11.84
N GLY A 14 -0.44 -7.95 -11.16
CA GLY A 14 0.22 -6.85 -11.83
C GLY A 14 0.76 -5.82 -10.85
N ARG A 15 1.27 -4.72 -11.38
CA ARG A 15 1.83 -3.65 -10.55
C ARG A 15 1.04 -2.36 -10.72
N PHE A 16 0.92 -1.60 -9.65
CA PHE A 16 0.20 -0.33 -9.66
C PHE A 16 0.91 0.72 -8.84
N GLU A 17 0.88 1.96 -9.30
CA GLU A 17 1.52 3.07 -8.60
C GLU A 17 0.58 4.27 -8.49
N LEU A 18 0.65 4.96 -7.36
CA LEU A 18 -0.19 6.13 -7.13
C LEU A 18 0.51 7.13 -6.21
N SER A 19 -0.05 8.33 -6.13
CA SER A 19 0.52 9.38 -5.28
C SER A 19 -0.57 10.02 -4.42
N VAL A 20 -0.29 10.16 -3.12
CA VAL A 20 -1.23 10.75 -2.19
C VAL A 20 -0.51 11.49 -1.07
N ASP A 21 -1.15 12.50 -0.52
CA ASP A 21 -0.57 13.29 0.57
C ASP A 21 -0.63 12.52 1.88
N SER A 22 0.44 12.63 2.67
CA SER A 22 0.51 11.93 3.96
C SER A 22 -0.21 12.72 5.04
N ASN A 23 -1.06 12.04 5.80
CA ASN A 23 -1.81 12.67 6.87
C ASN A 23 -2.66 11.64 7.63
N HIS A 24 -3.28 10.73 6.89
CA HIS A 24 -4.11 9.70 7.50
C HIS A 24 -3.29 8.43 7.76
N THR A 25 -3.90 7.46 8.44
CA THR A 25 -3.23 6.21 8.76
C THR A 25 -3.12 5.33 7.52
N LEU A 26 -2.31 4.28 7.62
CA LEU A 26 -2.12 3.34 6.52
C LEU A 26 -3.46 2.83 5.99
N ARG A 27 -4.45 2.78 6.88
CA ARG A 27 -5.78 2.31 6.50
C ARG A 27 -6.31 3.07 5.29
N ASP A 28 -6.04 4.36 5.25
CA ASP A 28 -6.49 5.21 4.15
C ASP A 28 -5.73 4.86 2.87
N VAL A 29 -4.41 4.74 2.97
CA VAL A 29 -3.57 4.41 1.82
C VAL A 29 -3.98 3.07 1.21
N LEU A 30 -4.20 2.08 2.06
CA LEU A 30 -4.59 0.75 1.60
C LEU A 30 -5.95 0.80 0.93
N ARG A 31 -6.84 1.64 1.44
CA ARG A 31 -8.18 1.78 0.88
C ARG A 31 -8.12 2.23 -0.58
N GLN A 32 -7.29 3.23 -0.85
CA GLN A 32 -7.14 3.76 -2.20
C GLN A 32 -6.53 2.71 -3.12
N PHE A 33 -5.41 2.14 -2.72
CA PHE A 33 -4.73 1.11 -3.51
C PHE A 33 -5.64 -0.08 -3.74
N LYS A 34 -6.47 -0.39 -2.75
CA LYS A 34 -7.40 -1.52 -2.85
C LYS A 34 -8.47 -1.24 -3.88
N ARG A 35 -8.88 0.02 -4.00
CA ARG A 35 -9.90 0.41 -4.95
C ARG A 35 -9.33 0.52 -6.36
N GLU A 36 -8.03 0.75 -6.44
CA GLU A 36 -7.35 0.87 -7.73
C GLU A 36 -6.74 -0.48 -8.15
N VAL A 37 -6.69 -1.41 -7.22
CA VAL A 37 -6.13 -2.73 -7.48
C VAL A 37 -7.23 -3.77 -7.62
N ALA A 38 -8.38 -3.49 -7.01
CA ALA A 38 -9.51 -4.41 -7.05
C ALA A 38 -10.03 -4.56 -8.48
N ALA A 39 -9.62 -3.63 -9.35
CA ALA A 39 -10.05 -3.67 -10.74
C ALA A 39 -9.33 -4.76 -11.52
N LEU A 40 -8.14 -5.14 -11.04
CA LEU A 40 -7.34 -6.17 -11.69
C LEU A 40 -7.24 -7.40 -10.81
N ASP A 41 -7.42 -7.22 -9.50
CA ASP A 41 -7.35 -8.33 -8.55
C ASP A 41 -8.75 -8.80 -8.18
N PRO A 42 -9.16 -9.95 -8.75
CA PRO A 42 -10.48 -10.54 -8.49
C PRO A 42 -10.59 -11.08 -7.06
N ILE A 43 -9.45 -11.27 -6.41
CA ILE A 43 -9.42 -11.78 -5.05
C ILE A 43 -9.32 -10.65 -4.03
N ASN A 44 -9.95 -10.85 -2.87
CA ASN A 44 -9.92 -9.84 -1.81
C ASN A 44 -8.52 -9.67 -1.25
N LEU A 45 -7.92 -8.51 -1.48
CA LEU A 45 -6.58 -8.22 -1.00
C LEU A 45 -6.54 -8.24 0.53
N GLU A 46 -7.65 -7.89 1.16
CA GLU A 46 -7.74 -7.87 2.60
C GLU A 46 -7.48 -9.26 3.19
N GLU A 47 -7.61 -10.27 2.35
CA GLU A 47 -7.39 -11.65 2.78
C GLU A 47 -5.91 -12.02 2.68
N TYR A 48 -5.08 -11.04 2.34
CA TYR A 48 -3.65 -11.26 2.21
C TYR A 48 -2.87 -10.18 2.95
N VAL A 49 -1.55 -10.39 3.09
CA VAL A 49 -0.70 -9.44 3.77
C VAL A 49 0.31 -8.82 2.81
N VAL A 50 0.61 -7.55 3.01
CA VAL A 50 1.56 -6.84 2.15
C VAL A 50 2.72 -6.27 2.97
N ASN A 51 3.94 -6.45 2.48
CA ASN A 51 5.12 -5.95 3.16
C ASN A 51 5.69 -4.73 2.45
N HIS A 52 6.21 -3.79 3.23
CA HIS A 52 6.79 -2.57 2.68
C HIS A 52 8.30 -2.55 2.87
N GLU A 53 9.04 -2.55 1.76
CA GLU A 53 10.49 -2.52 1.81
C GLU A 53 11.03 -3.68 2.66
N GLY A 54 10.31 -4.80 2.64
CA GLY A 54 10.72 -5.95 3.40
C GLY A 54 10.29 -5.88 4.86
N LYS A 55 9.39 -4.95 5.15
CA LYS A 55 8.89 -4.77 6.50
C LYS A 55 7.41 -5.11 6.59
N LEU A 56 7.06 -5.98 7.53
CA LEU A 56 5.67 -6.39 7.71
C LEU A 56 4.96 -5.46 8.69
N LEU A 57 3.82 -4.92 8.26
CA LEU A 57 3.04 -4.02 9.10
C LEU A 57 2.32 -4.79 10.20
N LEU A 58 2.00 -4.09 11.28
CA LEU A 58 1.31 -4.70 12.40
C LEU A 58 -0.14 -4.23 12.48
N ASP A 59 -0.41 -3.06 11.91
CA ASP A 59 -1.76 -2.50 11.91
C ASP A 59 -1.84 -1.32 10.94
N ASP A 60 -3.07 -0.93 10.62
CA ASP A 60 -3.30 0.19 9.70
C ASP A 60 -3.53 1.48 10.48
N SER A 61 -3.02 1.53 11.70
CA SER A 61 -3.18 2.71 12.55
C SER A 61 -1.99 3.64 12.40
N VAL A 62 -0.89 3.10 11.89
CA VAL A 62 0.33 3.89 11.70
C VAL A 62 0.28 4.66 10.38
N THR A 63 0.77 5.89 10.41
CA THR A 63 0.78 6.74 9.21
C THR A 63 1.86 6.30 8.23
N LEU A 64 2.06 7.08 7.19
CA LEU A 64 3.07 6.76 6.17
C LEU A 64 4.47 7.02 6.71
N GLN A 65 4.68 8.20 7.28
CA GLN A 65 5.98 8.56 7.82
C GLN A 65 6.24 7.83 9.14
N THR A 66 5.18 7.58 9.89
CA THR A 66 5.29 6.90 11.17
C THR A 66 5.92 5.51 11.00
N VAL A 67 5.63 4.88 9.86
CA VAL A 67 6.16 3.55 9.58
C VAL A 67 7.63 3.63 9.18
N GLY A 68 8.03 4.78 8.65
CA GLY A 68 9.42 4.97 8.24
C GLY A 68 9.66 4.52 6.81
N VAL A 69 8.64 4.67 5.97
CA VAL A 69 8.75 4.28 4.57
C VAL A 69 9.74 5.17 3.82
N LYS A 70 10.46 4.58 2.87
CA LYS A 70 11.44 5.33 2.09
C LYS A 70 10.74 6.25 1.09
N LYS A 71 11.54 7.04 0.37
CA LYS A 71 11.00 7.97 -0.61
C LYS A 71 10.21 7.23 -1.69
N ASP A 72 10.82 6.17 -2.23
CA ASP A 72 10.17 5.37 -3.27
C ASP A 72 8.94 4.67 -2.73
N SER A 73 9.07 4.08 -1.54
CA SER A 73 7.97 3.37 -0.91
C SER A 73 7.47 2.23 -1.80
N VAL A 74 8.18 1.11 -1.75
CA VAL A 74 7.82 -0.06 -2.55
C VAL A 74 7.38 -1.22 -1.66
N PHE A 75 6.14 -1.66 -1.85
CA PHE A 75 5.59 -2.77 -1.08
C PHE A 75 5.03 -3.85 -1.98
N VAL A 76 5.33 -5.10 -1.66
CA VAL A 76 4.85 -6.23 -2.44
C VAL A 76 3.76 -6.99 -1.71
N LEU A 77 2.80 -7.52 -2.46
CA LEU A 77 1.69 -8.27 -1.88
C LEU A 77 1.96 -9.77 -1.95
N VAL A 78 1.69 -10.46 -0.84
CA VAL A 78 1.89 -11.89 -0.76
C VAL A 78 0.73 -12.59 -0.05
N ARG A 79 0.52 -13.85 -0.39
CA ARG A 79 -0.57 -14.62 0.21
C ARG A 79 -0.20 -15.08 1.62
N LYS A 80 -0.95 -14.61 2.61
CA LYS A 80 -0.71 -14.97 4.00
C LYS A 80 -1.29 -16.34 4.32
N ALA A 81 -2.46 -16.62 3.77
CA ALA A 81 -3.12 -17.90 3.99
C ALA A 81 -3.96 -18.30 2.79
N MET A 1 5.85 23.93 -1.91
CA MET A 1 5.25 24.19 -3.21
C MET A 1 4.12 23.19 -3.49
N SER A 2 4.26 21.99 -2.95
CA SER A 2 3.25 20.95 -3.14
C SER A 2 3.32 19.91 -2.02
N GLU A 3 2.43 18.92 -2.09
CA GLU A 3 2.38 17.87 -1.09
C GLU A 3 2.02 16.53 -1.72
N THR A 4 2.69 16.19 -2.81
CA THR A 4 2.43 14.94 -3.51
C THR A 4 3.39 13.85 -3.06
N ILE A 5 2.87 12.63 -2.93
CA ILE A 5 3.68 11.50 -2.50
C ILE A 5 3.34 10.25 -3.29
N PRO A 6 4.18 9.91 -4.28
CA PRO A 6 3.97 8.73 -5.13
C PRO A 6 4.21 7.43 -4.37
N VAL A 7 3.60 6.35 -4.85
CA VAL A 7 3.74 5.04 -4.22
C VAL A 7 3.79 3.93 -5.26
N SER A 8 4.46 2.84 -4.92
CA SER A 8 4.59 1.70 -5.82
C SER A 8 4.24 0.39 -5.11
N VAL A 9 3.47 -0.46 -5.78
CA VAL A 9 3.07 -1.73 -5.21
C VAL A 9 3.33 -2.88 -6.19
N GLN A 10 3.83 -3.99 -5.66
CA GLN A 10 4.12 -5.16 -6.50
C GLN A 10 3.11 -6.27 -6.25
N CYS A 11 2.66 -6.90 -7.33
CA CYS A 11 1.68 -7.99 -7.23
C CYS A 11 2.07 -9.15 -8.13
N CYS A 12 1.70 -10.36 -7.72
CA CYS A 12 2.01 -11.56 -8.49
C CYS A 12 1.41 -11.48 -9.89
N GLU A 13 0.41 -10.62 -10.05
CA GLU A 13 -0.26 -10.45 -11.34
C GLU A 13 0.51 -9.47 -12.23
N GLY A 14 1.30 -8.60 -11.59
CA GLY A 14 2.06 -7.62 -12.34
C GLY A 14 2.58 -6.50 -11.46
N ARG A 15 2.35 -5.27 -11.88
CA ARG A 15 2.80 -4.10 -11.12
C ARG A 15 1.76 -2.98 -11.16
N PHE A 16 1.59 -2.31 -10.04
CA PHE A 16 0.62 -1.22 -9.94
C PHE A 16 1.18 -0.07 -9.11
N GLU A 17 1.02 1.16 -9.61
CA GLU A 17 1.51 2.34 -8.91
C GLU A 17 0.40 3.39 -8.77
N LEU A 18 0.49 4.19 -7.72
CA LEU A 18 -0.50 5.23 -7.47
C LEU A 18 0.15 6.46 -6.85
N SER A 19 -0.59 7.57 -6.83
CA SER A 19 -0.08 8.81 -6.25
C SER A 19 -1.11 9.42 -5.29
N VAL A 20 -0.69 9.64 -4.04
CA VAL A 20 -1.56 10.22 -3.04
C VAL A 20 -0.77 11.06 -2.04
N ASP A 21 -1.42 12.07 -1.48
CA ASP A 21 -0.78 12.94 -0.50
C ASP A 21 -0.74 12.30 0.87
N SER A 22 0.38 12.46 1.57
CA SER A 22 0.55 11.90 2.90
C SER A 22 -0.07 12.79 3.96
N ASN A 23 -0.86 12.20 4.85
CA ASN A 23 -1.51 12.93 5.92
C ASN A 23 -2.29 12.00 6.84
N HIS A 24 -2.98 11.03 6.25
CA HIS A 24 -3.76 10.07 7.02
C HIS A 24 -2.93 8.82 7.33
N THR A 25 -3.48 7.95 8.16
CA THR A 25 -2.80 6.72 8.53
C THR A 25 -2.81 5.71 7.39
N LEU A 26 -2.13 4.58 7.60
CA LEU A 26 -2.07 3.53 6.59
C LEU A 26 -3.46 3.15 6.10
N ARG A 27 -4.45 3.31 6.97
CA ARG A 27 -5.83 2.98 6.62
C ARG A 27 -6.24 3.69 5.34
N ASP A 28 -5.68 4.87 5.11
CA ASP A 28 -6.00 5.66 3.91
C ASP A 28 -5.28 5.08 2.70
N VAL A 29 -3.99 4.80 2.84
CA VAL A 29 -3.20 4.25 1.75
C VAL A 29 -3.74 2.89 1.31
N LEU A 30 -4.09 2.06 2.27
CA LEU A 30 -4.63 0.74 1.99
C LEU A 30 -6.03 0.83 1.38
N ARG A 31 -6.81 1.80 1.85
CA ARG A 31 -8.16 2.00 1.35
C ARG A 31 -8.15 2.25 -0.14
N GLN A 32 -7.23 3.10 -0.60
CA GLN A 32 -7.12 3.43 -2.02
C GLN A 32 -6.47 2.28 -2.79
N PHE A 33 -5.49 1.65 -2.17
CA PHE A 33 -4.78 0.54 -2.81
C PHE A 33 -5.72 -0.64 -3.06
N LYS A 34 -6.48 -1.01 -2.03
CA LYS A 34 -7.41 -2.11 -2.15
C LYS A 34 -8.60 -1.75 -3.03
N ARG A 35 -8.94 -0.46 -3.03
CA ARG A 35 -10.05 0.04 -3.83
C ARG A 35 -9.72 -0.04 -5.32
N GLU A 36 -8.43 0.00 -5.64
CA GLU A 36 -7.97 -0.05 -7.02
C GLU A 36 -7.54 -1.46 -7.40
N VAL A 37 -6.89 -2.14 -6.47
CA VAL A 37 -6.41 -3.50 -6.70
C VAL A 37 -7.57 -4.42 -7.09
N ALA A 38 -8.77 -4.06 -6.66
CA ALA A 38 -9.96 -4.86 -6.97
C ALA A 38 -10.34 -4.74 -8.44
N ALA A 39 -9.76 -3.75 -9.12
CA ALA A 39 -10.03 -3.54 -10.54
C ALA A 39 -9.55 -4.71 -11.37
N LEU A 40 -8.40 -5.26 -11.00
CA LEU A 40 -7.82 -6.40 -11.72
C LEU A 40 -7.82 -7.64 -10.85
N ASP A 41 -7.86 -7.45 -9.53
CA ASP A 41 -7.87 -8.57 -8.60
C ASP A 41 -9.28 -8.84 -8.09
N PRO A 42 -9.91 -9.90 -8.62
CA PRO A 42 -11.27 -10.30 -8.24
C PRO A 42 -11.33 -10.85 -6.82
N ILE A 43 -10.25 -11.47 -6.39
CA ILE A 43 -10.18 -12.05 -5.04
C ILE A 43 -9.99 -10.95 -3.99
N ASN A 44 -10.56 -11.18 -2.81
CA ASN A 44 -10.44 -10.21 -1.72
C ASN A 44 -9.01 -10.17 -1.18
N LEU A 45 -8.36 -9.02 -1.33
CA LEU A 45 -6.99 -8.85 -0.86
C LEU A 45 -6.94 -8.88 0.67
N GLU A 46 -8.08 -8.66 1.30
CA GLU A 46 -8.16 -8.66 2.76
C GLU A 46 -7.72 -10.00 3.32
N GLU A 47 -7.76 -11.03 2.49
CA GLU A 47 -7.36 -12.38 2.91
C GLU A 47 -5.86 -12.56 2.76
N TYR A 48 -5.16 -11.50 2.37
CA TYR A 48 -3.72 -11.55 2.18
C TYR A 48 -3.03 -10.45 3.00
N VAL A 49 -1.71 -10.54 3.08
CA VAL A 49 -0.92 -9.55 3.82
C VAL A 49 -0.03 -8.75 2.89
N VAL A 50 0.24 -7.50 3.26
CA VAL A 50 1.09 -6.62 2.46
C VAL A 50 2.29 -6.15 3.26
N ASN A 51 3.46 -6.19 2.63
CA ASN A 51 4.69 -5.75 3.28
C ASN A 51 5.29 -4.54 2.57
N HIS A 52 5.91 -3.66 3.34
CA HIS A 52 6.51 -2.45 2.79
C HIS A 52 8.04 -2.52 2.88
N GLU A 53 8.69 -2.61 1.72
CA GLU A 53 10.14 -2.68 1.67
C GLU A 53 10.66 -3.81 2.56
N GLY A 54 9.88 -4.88 2.67
CA GLY A 54 10.27 -6.00 3.49
C GLY A 54 9.80 -5.87 4.92
N LYS A 55 8.89 -4.93 5.15
CA LYS A 55 8.35 -4.70 6.49
C LYS A 55 6.92 -5.22 6.60
N LEU A 56 6.68 -6.08 7.59
CA LEU A 56 5.35 -6.64 7.80
C LEU A 56 4.53 -5.75 8.72
N LEU A 57 3.42 -5.24 8.21
CA LEU A 57 2.54 -4.36 8.99
C LEU A 57 1.53 -5.20 9.78
N LEU A 58 1.03 -4.63 10.87
CA LEU A 58 0.06 -5.31 11.72
C LEU A 58 -1.24 -4.52 11.80
N ASP A 59 -1.11 -3.20 12.01
CA ASP A 59 -2.28 -2.33 12.11
C ASP A 59 -2.21 -1.22 11.06
N ASP A 60 -3.24 -0.39 11.03
CA ASP A 60 -3.30 0.71 10.08
C ASP A 60 -3.54 2.04 10.79
N SER A 61 -3.11 2.12 12.05
CA SER A 61 -3.28 3.33 12.84
C SER A 61 -2.07 4.24 12.71
N VAL A 62 -0.92 3.65 12.42
CA VAL A 62 0.32 4.40 12.27
C VAL A 62 0.27 5.29 11.02
N THR A 63 1.15 6.29 10.98
CA THR A 63 1.21 7.20 9.85
C THR A 63 2.26 6.75 8.84
N LEU A 64 2.38 7.49 7.75
CA LEU A 64 3.35 7.18 6.71
C LEU A 64 4.77 7.34 7.21
N GLN A 65 5.02 8.45 7.91
CA GLN A 65 6.35 8.74 8.45
C GLN A 65 6.64 7.85 9.66
N THR A 66 5.58 7.48 10.37
CA THR A 66 5.73 6.64 11.55
C THR A 66 6.41 5.32 11.22
N VAL A 67 5.86 4.61 10.24
CA VAL A 67 6.43 3.33 9.81
C VAL A 67 7.77 3.53 9.11
N GLY A 68 7.97 4.70 8.54
CA GLY A 68 9.21 5.00 7.86
C GLY A 68 9.07 4.91 6.34
N VAL A 69 7.93 5.35 5.83
CA VAL A 69 7.67 5.32 4.40
C VAL A 69 8.58 6.30 3.65
N LYS A 70 9.21 5.83 2.59
CA LYS A 70 10.10 6.67 1.79
C LYS A 70 9.33 7.39 0.69
N LYS A 71 10.02 8.25 -0.05
CA LYS A 71 9.41 9.00 -1.14
C LYS A 71 8.78 8.06 -2.16
N ASP A 72 9.52 7.02 -2.53
CA ASP A 72 9.02 6.04 -3.50
C ASP A 72 8.00 5.11 -2.87
N SER A 73 8.31 4.60 -1.69
CA SER A 73 7.42 3.69 -0.97
C SER A 73 7.09 2.48 -1.84
N VAL A 74 7.84 1.41 -1.66
CA VAL A 74 7.63 0.18 -2.42
C VAL A 74 7.18 -0.95 -1.51
N PHE A 75 5.99 -1.49 -1.78
CA PHE A 75 5.44 -2.58 -0.97
C PHE A 75 5.04 -3.75 -1.87
N VAL A 76 5.39 -4.97 -1.45
CA VAL A 76 5.06 -6.16 -2.20
C VAL A 76 3.82 -6.85 -1.64
N LEU A 77 3.03 -7.44 -2.53
CA LEU A 77 1.80 -8.13 -2.13
C LEU A 77 1.94 -9.64 -2.32
N VAL A 78 1.53 -10.40 -1.31
CA VAL A 78 1.60 -11.86 -1.37
C VAL A 78 0.37 -12.50 -0.71
N ARG A 79 -0.14 -13.55 -1.33
CA ARG A 79 -1.30 -14.25 -0.79
C ARG A 79 -0.88 -15.35 0.18
N LYS A 80 -1.36 -15.27 1.41
CA LYS A 80 -1.04 -16.25 2.43
C LYS A 80 -1.87 -17.52 2.24
N ALA A 81 -3.06 -17.36 1.66
CA ALA A 81 -3.94 -18.49 1.43
C ALA A 81 -4.71 -18.33 0.13
N MET A 1 3.42 23.76 -4.30
CA MET A 1 1.97 23.68 -4.20
C MET A 1 1.53 22.23 -3.95
N SER A 2 0.66 22.05 -2.96
CA SER A 2 0.16 20.72 -2.61
C SER A 2 1.31 19.81 -2.20
N GLU A 3 0.96 18.60 -1.73
CA GLU A 3 1.97 17.64 -1.31
C GLU A 3 1.66 16.26 -1.88
N THR A 4 2.26 15.96 -3.03
CA THR A 4 2.05 14.67 -3.68
C THR A 4 3.14 13.67 -3.29
N ILE A 5 2.77 12.41 -3.23
CA ILE A 5 3.71 11.35 -2.88
C ILE A 5 3.52 10.11 -3.74
N PRO A 6 4.40 9.93 -4.74
CA PRO A 6 4.34 8.80 -5.66
C PRO A 6 4.70 7.48 -4.97
N VAL A 7 3.90 6.45 -5.21
CA VAL A 7 4.15 5.14 -4.62
C VAL A 7 4.12 4.05 -5.67
N SER A 8 4.85 2.97 -5.42
CA SER A 8 4.91 1.85 -6.35
C SER A 8 4.56 0.54 -5.66
N VAL A 9 3.75 -0.28 -6.32
CA VAL A 9 3.33 -1.57 -5.77
C VAL A 9 3.58 -2.69 -6.76
N GLN A 10 4.07 -3.82 -6.25
CA GLN A 10 4.35 -4.99 -7.09
C GLN A 10 3.34 -6.10 -6.83
N CYS A 11 2.87 -6.71 -7.91
CA CYS A 11 1.89 -7.81 -7.80
C CYS A 11 2.27 -8.96 -8.72
N CYS A 12 1.90 -10.17 -8.32
CA CYS A 12 2.21 -11.36 -9.10
C CYS A 12 1.57 -11.28 -10.48
N GLU A 13 0.52 -10.45 -10.60
CA GLU A 13 -0.17 -10.28 -11.87
C GLU A 13 0.41 -9.11 -12.66
N GLY A 14 1.06 -8.19 -11.95
CA GLY A 14 1.64 -7.03 -12.60
C GLY A 14 2.02 -5.94 -11.61
N ARG A 15 2.51 -4.82 -12.13
CA ARG A 15 2.92 -3.70 -11.29
C ARG A 15 1.96 -2.52 -11.44
N PHE A 16 1.72 -1.81 -10.35
CA PHE A 16 0.82 -0.66 -10.37
C PHE A 16 1.36 0.47 -9.51
N GLU A 17 1.23 1.70 -9.99
CA GLU A 17 1.70 2.87 -9.26
C GLU A 17 0.57 3.87 -9.03
N LEU A 18 0.68 4.64 -7.96
CA LEU A 18 -0.33 5.63 -7.63
C LEU A 18 0.28 6.79 -6.84
N SER A 19 -0.48 7.86 -6.67
CA SER A 19 -0.02 9.03 -5.94
C SER A 19 -1.06 9.48 -4.92
N VAL A 20 -0.61 9.68 -3.68
CA VAL A 20 -1.49 10.13 -2.61
C VAL A 20 -0.78 11.06 -1.65
N ASP A 21 -1.54 11.95 -1.02
CA ASP A 21 -0.98 12.91 -0.08
C ASP A 21 -0.92 12.32 1.33
N SER A 22 0.17 12.60 2.04
CA SER A 22 0.35 12.09 3.39
C SER A 22 -0.37 12.96 4.40
N ASN A 23 -1.13 12.33 5.29
CA ASN A 23 -1.88 13.05 6.32
C ASN A 23 -2.60 12.09 7.24
N HIS A 24 -3.22 11.07 6.65
CA HIS A 24 -3.95 10.07 7.42
C HIS A 24 -3.08 8.85 7.70
N THR A 25 -3.60 7.93 8.52
CA THR A 25 -2.87 6.72 8.87
C THR A 25 -2.84 5.73 7.70
N LEU A 26 -2.14 4.62 7.88
CA LEU A 26 -2.04 3.60 6.85
C LEU A 26 -3.43 3.19 6.36
N ARG A 27 -4.42 3.30 7.23
CA ARG A 27 -5.80 2.94 6.88
C ARG A 27 -6.24 3.66 5.61
N ASP A 28 -5.74 4.87 5.41
CA ASP A 28 -6.08 5.66 4.23
C ASP A 28 -5.32 5.16 3.01
N VAL A 29 -4.02 4.96 3.17
CA VAL A 29 -3.18 4.47 2.08
C VAL A 29 -3.66 3.12 1.56
N LEU A 30 -4.00 2.23 2.48
CA LEU A 30 -4.48 0.91 2.12
C LEU A 30 -5.88 0.97 1.51
N ARG A 31 -6.69 1.89 2.03
CA ARG A 31 -8.05 2.06 1.53
C ARG A 31 -8.06 2.33 0.04
N GLN A 32 -7.18 3.23 -0.40
CA GLN A 32 -7.08 3.58 -1.81
C GLN A 32 -6.43 2.45 -2.62
N PHE A 33 -5.32 1.92 -2.08
CA PHE A 33 -4.61 0.84 -2.74
C PHE A 33 -5.52 -0.35 -3.00
N LYS A 34 -6.17 -0.82 -1.95
CA LYS A 34 -7.08 -1.96 -2.06
C LYS A 34 -8.29 -1.60 -2.92
N ARG A 35 -8.68 -0.34 -2.90
CA ARG A 35 -9.81 0.13 -3.69
C ARG A 35 -9.52 0.02 -5.18
N GLU A 36 -8.24 0.06 -5.54
CA GLU A 36 -7.84 -0.03 -6.94
C GLU A 36 -7.37 -1.44 -7.27
N VAL A 37 -6.69 -2.08 -6.33
CA VAL A 37 -6.19 -3.44 -6.54
C VAL A 37 -7.33 -4.39 -6.87
N ALA A 38 -8.54 -4.04 -6.45
CA ALA A 38 -9.71 -4.86 -6.70
C ALA A 38 -10.11 -4.81 -8.17
N ALA A 39 -9.56 -3.83 -8.90
CA ALA A 39 -9.86 -3.68 -10.31
C ALA A 39 -9.35 -4.87 -11.12
N LEU A 40 -8.19 -5.39 -10.74
CA LEU A 40 -7.60 -6.54 -11.43
C LEU A 40 -7.57 -7.76 -10.51
N ASP A 41 -7.59 -7.52 -9.21
CA ASP A 41 -7.57 -8.61 -8.23
C ASP A 41 -8.97 -8.88 -7.69
N PRO A 42 -9.58 -9.97 -8.18
CA PRO A 42 -10.93 -10.37 -7.76
C PRO A 42 -10.97 -10.86 -6.33
N ILE A 43 -9.80 -11.17 -5.78
CA ILE A 43 -9.71 -11.65 -4.40
C ILE A 43 -9.73 -10.50 -3.41
N ASN A 44 -10.32 -10.75 -2.24
CA ASN A 44 -10.40 -9.72 -1.20
C ASN A 44 -9.03 -9.42 -0.62
N LEU A 45 -8.85 -8.18 -0.17
CA LEU A 45 -7.57 -7.76 0.41
C LEU A 45 -7.34 -8.45 1.75
N GLU A 46 -8.42 -8.85 2.41
CA GLU A 46 -8.32 -9.52 3.70
C GLU A 46 -7.89 -10.98 3.52
N GLU A 47 -7.90 -11.44 2.27
CA GLU A 47 -7.51 -12.82 1.97
C GLU A 47 -5.99 -12.94 1.84
N TYR A 48 -5.35 -11.86 1.40
CA TYR A 48 -3.90 -11.85 1.23
C TYR A 48 -3.28 -10.70 2.01
N VAL A 49 -1.95 -10.73 2.10
CA VAL A 49 -1.22 -9.68 2.82
C VAL A 49 -0.20 -9.01 1.92
N VAL A 50 0.08 -7.74 2.20
CA VAL A 50 1.04 -6.98 1.41
C VAL A 50 2.18 -6.45 2.29
N ASN A 51 3.41 -6.59 1.79
CA ASN A 51 4.59 -6.14 2.54
C ASN A 51 5.04 -4.77 2.04
N HIS A 52 5.47 -3.92 2.97
CA HIS A 52 5.93 -2.58 2.63
C HIS A 52 7.43 -2.46 2.86
N GLU A 53 8.19 -2.28 1.77
CA GLU A 53 9.64 -2.15 1.86
C GLU A 53 10.25 -3.34 2.59
N GLY A 54 9.63 -4.51 2.44
CA GLY A 54 10.14 -5.71 3.09
C GLY A 54 9.70 -5.80 4.53
N LYS A 55 8.74 -4.96 4.92
CA LYS A 55 8.23 -4.95 6.28
C LYS A 55 6.77 -5.35 6.33
N LEU A 56 6.39 -6.11 7.35
CA LEU A 56 5.01 -6.56 7.51
C LEU A 56 4.33 -5.84 8.67
N LEU A 57 3.31 -5.05 8.35
CA LEU A 57 2.57 -4.31 9.37
C LEU A 57 1.50 -5.18 10.01
N LEU A 58 1.12 -4.83 11.24
CA LEU A 58 0.10 -5.57 11.96
C LEU A 58 -1.19 -4.77 12.09
N ASP A 59 -1.04 -3.44 12.10
CA ASP A 59 -2.19 -2.56 12.22
C ASP A 59 -2.23 -1.55 11.08
N ASP A 60 -3.11 -0.56 11.17
CA ASP A 60 -3.24 0.46 10.15
C ASP A 60 -3.38 1.84 10.78
N SER A 61 -2.87 1.99 12.00
CA SER A 61 -2.94 3.26 12.71
C SER A 61 -1.70 4.10 12.44
N VAL A 62 -0.59 3.43 12.15
CA VAL A 62 0.67 4.12 11.88
C VAL A 62 0.59 4.91 10.59
N THR A 63 1.22 6.09 10.57
CA THR A 63 1.21 6.95 9.40
C THR A 63 2.30 6.52 8.41
N LEU A 64 2.30 7.14 7.23
CA LEU A 64 3.29 6.84 6.21
C LEU A 64 4.70 7.03 6.74
N GLN A 65 4.93 8.16 7.39
CA GLN A 65 6.25 8.47 7.95
C GLN A 65 6.52 7.63 9.19
N THR A 66 5.46 7.28 9.90
CA THR A 66 5.58 6.47 11.12
C THR A 66 6.29 5.15 10.83
N VAL A 67 5.84 4.45 9.80
CA VAL A 67 6.43 3.17 9.42
C VAL A 67 7.84 3.36 8.86
N GLY A 68 8.09 4.55 8.32
CA GLY A 68 9.40 4.84 7.76
C GLY A 68 9.47 4.55 6.27
N VAL A 69 8.35 4.74 5.57
CA VAL A 69 8.29 4.50 4.14
C VAL A 69 9.14 5.52 3.38
N LYS A 70 9.89 5.02 2.40
CA LYS A 70 10.75 5.88 1.59
C LYS A 70 9.93 6.71 0.61
N LYS A 71 10.55 7.73 0.04
CA LYS A 71 9.88 8.61 -0.91
C LYS A 71 9.22 7.79 -2.02
N ASP A 72 9.95 6.81 -2.54
CA ASP A 72 9.44 5.95 -3.61
C ASP A 72 8.31 5.06 -3.09
N SER A 73 8.44 4.62 -1.85
CA SER A 73 7.44 3.75 -1.24
C SER A 73 7.16 2.54 -2.12
N VAL A 74 7.93 1.48 -1.93
CA VAL A 74 7.77 0.26 -2.72
C VAL A 74 7.26 -0.88 -1.85
N PHE A 75 6.09 -1.42 -2.21
CA PHE A 75 5.50 -2.51 -1.46
C PHE A 75 5.15 -3.68 -2.38
N VAL A 76 5.47 -4.89 -1.94
CA VAL A 76 5.20 -6.08 -2.74
C VAL A 76 4.01 -6.86 -2.17
N LEU A 77 3.24 -7.47 -3.05
CA LEU A 77 2.07 -8.24 -2.64
C LEU A 77 2.42 -9.71 -2.45
N VAL A 78 2.06 -10.25 -1.29
CA VAL A 78 2.35 -11.64 -0.96
C VAL A 78 1.07 -12.40 -0.61
N ARG A 79 1.16 -13.72 -0.57
CA ARG A 79 0.02 -14.56 -0.24
C ARG A 79 0.43 -15.74 0.63
N LYS A 80 0.06 -15.68 1.91
CA LYS A 80 0.39 -16.74 2.85
C LYS A 80 -0.83 -17.62 3.13
N ALA A 81 -2.00 -17.01 3.13
CA ALA A 81 -3.24 -17.75 3.37
C ALA A 81 -4.35 -17.29 2.43
N MET A 1 1.59 19.31 -5.36
CA MET A 1 3.03 19.10 -5.29
C MET A 1 3.60 19.78 -4.05
N SER A 2 2.79 19.89 -3.00
CA SER A 2 3.22 20.52 -1.76
C SER A 2 3.33 19.50 -0.64
N GLU A 3 2.33 18.65 -0.53
CA GLU A 3 2.32 17.62 0.51
C GLU A 3 1.83 16.28 -0.06
N THR A 4 2.02 16.09 -1.36
CA THR A 4 1.61 14.86 -2.02
C THR A 4 2.81 14.06 -2.48
N ILE A 5 2.88 12.80 -2.02
CA ILE A 5 3.99 11.92 -2.40
C ILE A 5 3.49 10.70 -3.15
N PRO A 6 4.26 10.26 -4.16
CA PRO A 6 3.92 9.10 -4.98
C PRO A 6 4.02 7.79 -4.20
N VAL A 7 3.47 6.72 -4.77
CA VAL A 7 3.52 5.41 -4.12
C VAL A 7 3.49 4.29 -5.16
N SER A 8 4.08 3.16 -4.81
CA SER A 8 4.13 2.01 -5.71
C SER A 8 3.83 0.72 -4.96
N VAL A 9 3.09 -0.18 -5.61
CA VAL A 9 2.73 -1.45 -5.01
C VAL A 9 2.99 -2.61 -5.98
N GLN A 10 3.52 -3.71 -5.45
CA GLN A 10 3.80 -4.87 -6.26
C GLN A 10 2.84 -6.02 -5.95
N CYS A 11 2.36 -6.68 -6.99
CA CYS A 11 1.42 -7.79 -6.82
C CYS A 11 1.81 -8.97 -7.70
N CYS A 12 1.50 -10.17 -7.24
CA CYS A 12 1.81 -11.39 -7.99
C CYS A 12 1.20 -11.34 -9.38
N GLU A 13 0.12 -10.56 -9.53
CA GLU A 13 -0.56 -10.44 -10.80
C GLU A 13 0.06 -9.34 -11.66
N GLY A 14 0.74 -8.40 -11.00
CA GLY A 14 1.38 -7.30 -11.71
C GLY A 14 1.72 -6.15 -10.80
N ARG A 15 2.21 -5.06 -11.38
CA ARG A 15 2.58 -3.88 -10.61
C ARG A 15 1.58 -2.75 -10.83
N PHE A 16 1.39 -1.94 -9.80
CA PHE A 16 0.44 -0.82 -9.87
C PHE A 16 1.06 0.45 -9.28
N GLU A 17 0.99 1.54 -10.03
CA GLU A 17 1.53 2.82 -9.58
C GLU A 17 0.42 3.83 -9.31
N LEU A 18 0.60 4.61 -8.25
CA LEU A 18 -0.39 5.63 -7.88
C LEU A 18 0.23 6.69 -7.00
N SER A 19 -0.52 7.76 -6.76
CA SER A 19 -0.04 8.86 -5.92
C SER A 19 -1.09 9.26 -4.89
N VAL A 20 -0.65 9.48 -3.66
CA VAL A 20 -1.55 9.88 -2.58
C VAL A 20 -0.85 10.79 -1.59
N ASP A 21 -1.63 11.65 -0.94
CA ASP A 21 -1.09 12.58 0.05
C ASP A 21 -0.93 11.91 1.41
N SER A 22 0.17 12.21 2.09
CA SER A 22 0.44 11.63 3.40
C SER A 22 -0.28 12.41 4.50
N ASN A 23 -0.98 11.69 5.36
CA ASN A 23 -1.73 12.31 6.46
C ASN A 23 -2.40 11.25 7.32
N HIS A 24 -3.02 10.27 6.67
CA HIS A 24 -3.71 9.20 7.38
C HIS A 24 -2.80 7.98 7.53
N THR A 25 -3.28 6.99 8.28
CA THR A 25 -2.51 5.76 8.49
C THR A 25 -2.52 4.88 7.25
N LEU A 26 -1.80 3.78 7.32
CA LEU A 26 -1.72 2.84 6.19
C LEU A 26 -3.10 2.44 5.73
N ARG A 27 -4.06 2.45 6.66
CA ARG A 27 -5.44 2.09 6.33
C ARG A 27 -5.95 2.90 5.15
N ASP A 28 -5.47 4.13 5.02
CA ASP A 28 -5.88 5.00 3.93
C ASP A 28 -5.21 4.59 2.62
N VAL A 29 -3.90 4.36 2.67
CA VAL A 29 -3.15 3.96 1.49
C VAL A 29 -3.65 2.63 0.93
N LEU A 30 -3.93 1.70 1.84
CA LEU A 30 -4.42 0.38 1.44
C LEU A 30 -5.85 0.47 0.92
N ARG A 31 -6.63 1.35 1.51
CA ARG A 31 -8.03 1.53 1.11
C ARG A 31 -8.11 1.91 -0.37
N GLN A 32 -7.27 2.85 -0.79
CA GLN A 32 -7.26 3.31 -2.17
C GLN A 32 -6.63 2.25 -3.08
N PHE A 33 -5.47 1.74 -2.68
CA PHE A 33 -4.77 0.73 -3.46
C PHE A 33 -5.67 -0.49 -3.71
N LYS A 34 -6.24 -1.03 -2.63
CA LYS A 34 -7.12 -2.19 -2.74
C LYS A 34 -8.38 -1.84 -3.52
N ARG A 35 -8.80 -0.58 -3.43
CA ARG A 35 -9.99 -0.12 -4.13
C ARG A 35 -9.72 0.06 -5.62
N GLU A 36 -8.45 0.30 -5.95
CA GLU A 36 -8.06 0.50 -7.35
C GLU A 36 -7.51 -0.80 -7.94
N VAL A 37 -7.17 -1.75 -7.07
CA VAL A 37 -6.62 -3.02 -7.51
C VAL A 37 -7.75 -4.03 -7.78
N ALA A 38 -8.91 -3.79 -7.19
CA ALA A 38 -10.05 -4.66 -7.38
C ALA A 38 -10.44 -4.76 -8.85
N ALA A 39 -10.02 -3.77 -9.64
CA ALA A 39 -10.33 -3.74 -11.06
C ALA A 39 -9.80 -5.00 -11.76
N LEU A 40 -8.64 -5.47 -11.32
CA LEU A 40 -8.04 -6.66 -11.90
C LEU A 40 -8.02 -7.81 -10.90
N ASP A 41 -8.06 -7.46 -9.61
CA ASP A 41 -8.05 -8.47 -8.55
C ASP A 41 -9.46 -8.72 -8.02
N PRO A 42 -10.06 -9.84 -8.44
CA PRO A 42 -11.41 -10.22 -8.02
C PRO A 42 -11.48 -10.62 -6.55
N ILE A 43 -10.37 -11.15 -6.03
CA ILE A 43 -10.31 -11.55 -4.63
C ILE A 43 -10.06 -10.36 -3.72
N ASN A 44 -10.62 -10.42 -2.52
CA ASN A 44 -10.46 -9.33 -1.54
C ASN A 44 -9.01 -9.24 -1.07
N LEU A 45 -8.43 -8.06 -1.22
CA LEU A 45 -7.04 -7.83 -0.81
C LEU A 45 -6.91 -7.88 0.71
N GLU A 46 -8.04 -7.73 1.40
CA GLU A 46 -8.05 -7.76 2.86
C GLU A 46 -7.75 -9.16 3.38
N GLU A 47 -7.77 -10.14 2.48
CA GLU A 47 -7.49 -11.52 2.85
C GLU A 47 -6.00 -11.79 2.85
N TYR A 48 -5.25 -10.98 2.11
CA TYR A 48 -3.80 -11.13 2.04
C TYR A 48 -3.09 -10.04 2.81
N VAL A 49 -1.78 -10.20 3.00
CA VAL A 49 -0.98 -9.22 3.72
C VAL A 49 0.03 -8.54 2.80
N VAL A 50 0.27 -7.26 3.05
CA VAL A 50 1.21 -6.48 2.24
C VAL A 50 2.32 -5.90 3.10
N ASN A 51 3.55 -6.01 2.62
CA ASN A 51 4.70 -5.49 3.35
C ASN A 51 5.12 -4.12 2.81
N HIS A 52 5.54 -3.24 3.71
CA HIS A 52 5.97 -1.90 3.33
C HIS A 52 7.47 -1.74 3.51
N GLU A 53 8.18 -1.55 2.40
CA GLU A 53 9.63 -1.37 2.44
C GLU A 53 10.29 -2.55 3.13
N GLY A 54 9.71 -3.73 3.00
CA GLY A 54 10.26 -4.92 3.63
C GLY A 54 9.86 -5.03 5.08
N LYS A 55 8.88 -4.23 5.50
CA LYS A 55 8.41 -4.24 6.88
C LYS A 55 6.93 -4.60 6.94
N LEU A 56 6.60 -5.63 7.73
CA LEU A 56 5.23 -6.08 7.88
C LEU A 56 4.73 -5.83 9.30
N LEU A 57 3.75 -4.94 9.43
CA LEU A 57 3.18 -4.61 10.74
C LEU A 57 1.88 -5.37 10.97
N LEU A 58 1.53 -5.56 12.24
CA LEU A 58 0.31 -6.27 12.59
C LEU A 58 -0.91 -5.36 12.46
N ASP A 59 -0.68 -4.06 12.59
CA ASP A 59 -1.77 -3.09 12.48
C ASP A 59 -1.48 -2.09 11.35
N ASP A 60 -2.45 -1.21 11.10
CA ASP A 60 -2.30 -0.20 10.06
C ASP A 60 -2.53 1.20 10.62
N SER A 61 -2.06 1.43 11.84
CA SER A 61 -2.21 2.72 12.50
C SER A 61 -1.00 3.61 12.23
N VAL A 62 0.12 2.98 11.89
CA VAL A 62 1.35 3.71 11.62
C VAL A 62 1.25 4.47 10.30
N THR A 63 1.57 5.76 10.36
CA THR A 63 1.51 6.62 9.17
C THR A 63 2.69 6.33 8.25
N LEU A 64 2.84 7.17 7.22
CA LEU A 64 3.92 7.01 6.25
C LEU A 64 5.27 7.32 6.89
N GLN A 65 5.36 8.48 7.53
CA GLN A 65 6.60 8.90 8.19
C GLN A 65 6.82 8.11 9.47
N THR A 66 5.73 7.69 10.11
CA THR A 66 5.81 6.94 11.35
C THR A 66 6.61 5.65 11.16
N VAL A 67 6.29 4.91 10.10
CA VAL A 67 6.98 3.67 9.80
C VAL A 67 8.35 3.92 9.20
N GLY A 68 8.50 5.08 8.57
CA GLY A 68 9.77 5.43 7.95
C GLY A 68 9.82 5.08 6.47
N VAL A 69 8.68 5.22 5.80
CA VAL A 69 8.60 4.91 4.39
C VAL A 69 9.41 5.90 3.56
N LYS A 70 10.13 5.39 2.56
CA LYS A 70 10.95 6.23 1.69
C LYS A 70 10.07 7.05 0.75
N LYS A 71 10.68 8.05 0.12
CA LYS A 71 9.95 8.92 -0.82
C LYS A 71 9.22 8.08 -1.87
N ASP A 72 9.93 7.13 -2.47
CA ASP A 72 9.35 6.27 -3.48
C ASP A 72 8.21 5.45 -2.91
N SER A 73 8.32 5.08 -1.63
CA SER A 73 7.30 4.28 -0.97
C SER A 73 6.97 3.03 -1.78
N VAL A 74 7.78 1.99 -1.62
CA VAL A 74 7.57 0.74 -2.34
C VAL A 74 7.12 -0.37 -1.39
N PHE A 75 5.94 -0.92 -1.65
CA PHE A 75 5.39 -1.99 -0.82
C PHE A 75 5.02 -3.20 -1.67
N VAL A 76 5.37 -4.39 -1.19
CA VAL A 76 5.08 -5.62 -1.91
C VAL A 76 3.87 -6.33 -1.30
N LEU A 77 3.02 -6.89 -2.15
CA LEU A 77 1.84 -7.60 -1.69
C LEU A 77 1.94 -9.09 -1.99
N VAL A 78 1.59 -9.91 -1.01
CA VAL A 78 1.64 -11.36 -1.17
C VAL A 78 0.48 -12.04 -0.47
N ARG A 79 0.03 -13.17 -1.00
CA ARG A 79 -1.08 -13.91 -0.43
C ARG A 79 -0.70 -14.48 0.94
N LYS A 80 -1.64 -14.41 1.87
CA LYS A 80 -1.42 -14.91 3.22
C LYS A 80 -1.68 -16.41 3.29
N ALA A 81 -2.69 -16.87 2.58
CA ALA A 81 -3.04 -18.29 2.55
C ALA A 81 -3.28 -18.77 1.12
N MET A 1 -1.94 19.86 -5.23
CA MET A 1 -0.71 20.09 -5.98
C MET A 1 0.32 20.83 -5.13
N SER A 2 0.73 20.21 -4.03
CA SER A 2 1.71 20.82 -3.14
C SER A 2 2.50 19.75 -2.39
N GLU A 3 1.78 18.86 -1.70
CA GLU A 3 2.41 17.80 -0.94
C GLU A 3 2.08 16.43 -1.55
N THR A 4 2.69 16.13 -2.69
CA THR A 4 2.45 14.86 -3.37
C THR A 4 3.50 13.83 -2.98
N ILE A 5 3.10 12.56 -2.94
CA ILE A 5 4.00 11.49 -2.58
C ILE A 5 3.81 10.27 -3.50
N PRO A 6 4.72 10.11 -4.47
CA PRO A 6 4.66 9.00 -5.42
C PRO A 6 4.99 7.67 -4.78
N VAL A 7 4.05 6.73 -4.86
CA VAL A 7 4.23 5.40 -4.28
C VAL A 7 4.16 4.32 -5.36
N SER A 8 4.85 3.21 -5.11
CA SER A 8 4.86 2.10 -6.06
C SER A 8 4.50 0.79 -5.36
N VAL A 9 3.74 -0.05 -6.07
CA VAL A 9 3.32 -1.34 -5.53
C VAL A 9 3.62 -2.48 -6.50
N GLN A 10 4.09 -3.59 -5.97
CA GLN A 10 4.42 -4.76 -6.79
C GLN A 10 3.41 -5.88 -6.57
N CYS A 11 2.99 -6.51 -7.66
CA CYS A 11 2.02 -7.61 -7.58
C CYS A 11 2.46 -8.77 -8.47
N CYS A 12 2.09 -9.98 -8.07
CA CYS A 12 2.44 -11.17 -8.82
C CYS A 12 1.78 -11.16 -10.19
N GLU A 13 0.69 -10.41 -10.31
CA GLU A 13 -0.04 -10.32 -11.57
C GLU A 13 0.45 -9.13 -12.40
N GLY A 14 1.05 -8.16 -11.73
CA GLY A 14 1.56 -6.99 -12.42
C GLY A 14 2.05 -5.92 -11.47
N ARG A 15 2.09 -4.68 -11.94
CA ARG A 15 2.55 -3.56 -11.12
C ARG A 15 1.51 -2.44 -11.10
N PHE A 16 1.44 -1.72 -9.99
CA PHE A 16 0.49 -0.62 -9.84
C PHE A 16 1.13 0.55 -9.09
N GLU A 17 1.13 1.71 -9.72
CA GLU A 17 1.71 2.91 -9.11
C GLU A 17 0.65 3.98 -8.92
N LEU A 18 0.84 4.83 -7.91
CA LEU A 18 -0.09 5.91 -7.62
C LEU A 18 0.57 6.99 -6.77
N SER A 19 -0.08 8.14 -6.68
CA SER A 19 0.43 9.26 -5.91
C SER A 19 -0.64 9.85 -5.00
N VAL A 20 -0.30 10.02 -3.72
CA VAL A 20 -1.24 10.57 -2.75
C VAL A 20 -0.51 11.37 -1.69
N ASP A 21 -1.20 12.36 -1.13
CA ASP A 21 -0.62 13.20 -0.09
C ASP A 21 -0.54 12.46 1.24
N SER A 22 0.56 12.65 1.96
CA SER A 22 0.76 12.00 3.25
C SER A 22 0.08 12.78 4.36
N ASN A 23 -0.68 12.07 5.20
CA ASN A 23 -1.38 12.70 6.31
C ASN A 23 -2.09 11.65 7.15
N HIS A 24 -2.74 10.69 6.49
CA HIS A 24 -3.46 9.63 7.18
C HIS A 24 -2.57 8.41 7.40
N THR A 25 -3.07 7.45 8.16
CA THR A 25 -2.31 6.23 8.45
C THR A 25 -2.27 5.31 7.24
N LEU A 26 -1.54 4.20 7.37
CA LEU A 26 -1.43 3.24 6.29
C LEU A 26 -2.80 2.81 5.78
N ARG A 27 -3.78 2.85 6.67
CA ARG A 27 -5.15 2.47 6.31
C ARG A 27 -5.62 3.24 5.08
N ASP A 28 -5.12 4.45 4.92
CA ASP A 28 -5.49 5.29 3.79
C ASP A 28 -4.83 4.79 2.50
N VAL A 29 -3.53 4.50 2.58
CA VAL A 29 -2.79 4.01 1.42
C VAL A 29 -3.38 2.70 0.90
N LEU A 30 -3.75 1.82 1.83
CA LEU A 30 -4.33 0.54 1.46
C LEU A 30 -5.73 0.71 0.89
N ARG A 31 -6.47 1.67 1.44
CA ARG A 31 -7.83 1.94 0.98
C ARG A 31 -7.85 2.28 -0.50
N GLN A 32 -6.93 3.14 -0.92
CA GLN A 32 -6.84 3.55 -2.31
C GLN A 32 -6.27 2.43 -3.17
N PHE A 33 -5.11 1.90 -2.77
CA PHE A 33 -4.45 0.83 -3.51
C PHE A 33 -5.42 -0.33 -3.73
N LYS A 34 -6.13 -0.72 -2.68
CA LYS A 34 -7.08 -1.82 -2.77
C LYS A 34 -8.30 -1.42 -3.57
N ARG A 35 -8.64 -0.13 -3.52
CA ARG A 35 -9.80 0.39 -4.24
C ARG A 35 -9.57 0.31 -5.75
N GLU A 36 -8.31 0.32 -6.16
CA GLU A 36 -7.96 0.26 -7.57
C GLU A 36 -7.54 -1.16 -7.96
N VAL A 37 -6.63 -1.74 -7.17
CA VAL A 37 -6.15 -3.08 -7.44
C VAL A 37 -7.30 -4.08 -7.54
N ALA A 38 -8.41 -3.75 -6.88
CA ALA A 38 -9.59 -4.62 -6.90
C ALA A 38 -10.13 -4.78 -8.31
N ALA A 39 -9.75 -3.87 -9.20
CA ALA A 39 -10.20 -3.91 -10.58
C ALA A 39 -9.78 -5.22 -11.25
N LEU A 40 -8.59 -5.69 -10.91
CA LEU A 40 -8.06 -6.93 -11.48
C LEU A 40 -7.96 -8.02 -10.41
N ASP A 41 -7.86 -7.60 -9.16
CA ASP A 41 -7.76 -8.53 -8.04
C ASP A 41 -9.11 -8.72 -7.35
N PRO A 42 -9.76 -9.85 -7.63
CA PRO A 42 -11.07 -10.17 -7.05
C PRO A 42 -10.98 -10.47 -5.56
N ILE A 43 -9.82 -10.94 -5.12
CA ILE A 43 -9.61 -11.26 -3.71
C ILE A 43 -9.67 -10.00 -2.84
N ASN A 44 -10.16 -10.16 -1.62
CA ASN A 44 -10.28 -9.05 -0.69
C ASN A 44 -8.94 -8.76 -0.01
N LEU A 45 -8.80 -7.55 0.51
CA LEU A 45 -7.57 -7.15 1.19
C LEU A 45 -7.32 -8.01 2.42
N GLU A 46 -8.40 -8.43 3.07
CA GLU A 46 -8.30 -9.26 4.27
C GLU A 46 -7.98 -10.71 3.90
N GLU A 47 -8.07 -11.02 2.61
CA GLU A 47 -7.78 -12.36 2.13
C GLU A 47 -6.29 -12.55 1.89
N TYR A 48 -5.61 -11.46 1.53
CA TYR A 48 -4.17 -11.51 1.27
C TYR A 48 -3.43 -10.51 2.15
N VAL A 49 -2.11 -10.62 2.16
CA VAL A 49 -1.28 -9.72 2.96
C VAL A 49 -0.30 -8.95 2.08
N VAL A 50 0.00 -7.72 2.48
CA VAL A 50 0.92 -6.87 1.73
C VAL A 50 2.00 -6.28 2.64
N ASN A 51 3.24 -6.32 2.17
CA ASN A 51 4.36 -5.79 2.94
C ASN A 51 4.73 -4.38 2.47
N HIS A 52 4.98 -3.50 3.42
CA HIS A 52 5.35 -2.12 3.12
C HIS A 52 6.80 -1.84 3.47
N GLU A 53 7.62 -1.59 2.45
CA GLU A 53 9.03 -1.32 2.66
C GLU A 53 9.71 -2.47 3.41
N GLY A 54 9.24 -3.69 3.16
CA GLY A 54 9.80 -4.85 3.81
C GLY A 54 9.26 -5.05 5.22
N LYS A 55 8.20 -4.32 5.55
CA LYS A 55 7.60 -4.41 6.87
C LYS A 55 6.11 -4.75 6.77
N LEU A 56 5.70 -5.81 7.44
CA LEU A 56 4.30 -6.24 7.42
C LEU A 56 3.57 -5.75 8.67
N LEU A 57 2.60 -4.86 8.48
CA LEU A 57 1.82 -4.33 9.59
C LEU A 57 0.60 -5.19 9.86
N LEU A 58 0.11 -5.14 11.10
CA LEU A 58 -1.07 -5.91 11.50
C LEU A 58 -2.20 -4.99 11.94
N ASP A 59 -1.88 -3.72 12.14
CA ASP A 59 -2.89 -2.74 12.57
C ASP A 59 -3.09 -1.68 11.50
N ASP A 60 -2.08 -1.48 10.66
CA ASP A 60 -2.15 -0.50 9.58
C ASP A 60 -2.46 0.88 10.15
N SER A 61 -2.12 1.09 11.41
CA SER A 61 -2.37 2.38 12.07
C SER A 61 -1.15 3.29 11.95
N VAL A 62 0.02 2.69 11.76
CA VAL A 62 1.25 3.45 11.63
C VAL A 62 1.19 4.40 10.44
N THR A 63 1.62 5.64 10.65
CA THR A 63 1.61 6.64 9.60
C THR A 63 2.72 6.37 8.58
N LEU A 64 2.91 7.32 7.67
CA LEU A 64 3.94 7.18 6.64
C LEU A 64 5.34 7.27 7.25
N GLN A 65 5.58 8.32 8.03
CA GLN A 65 6.87 8.51 8.68
C GLN A 65 7.05 7.55 9.83
N THR A 66 5.95 7.15 10.46
CA THR A 66 5.98 6.23 11.59
C THR A 66 6.64 4.91 11.18
N VAL A 67 6.12 4.30 10.12
CA VAL A 67 6.65 3.03 9.62
C VAL A 67 8.04 3.22 9.03
N GLY A 68 8.33 4.43 8.56
CA GLY A 68 9.63 4.70 7.98
C GLY A 68 9.64 4.50 6.48
N VAL A 69 8.51 4.79 5.83
CA VAL A 69 8.40 4.64 4.39
C VAL A 69 9.27 5.66 3.67
N LYS A 70 9.98 5.20 2.64
CA LYS A 70 10.85 6.07 1.86
C LYS A 70 10.04 6.91 0.88
N LYS A 71 10.67 7.96 0.35
CA LYS A 71 10.00 8.85 -0.59
C LYS A 71 9.38 8.06 -1.74
N ASP A 72 10.03 6.97 -2.12
CA ASP A 72 9.54 6.11 -3.19
C ASP A 72 8.37 5.26 -2.72
N SER A 73 8.42 4.83 -1.47
CA SER A 73 7.37 4.00 -0.90
C SER A 73 7.09 2.80 -1.79
N VAL A 74 7.82 1.71 -1.56
CA VAL A 74 7.65 0.49 -2.34
C VAL A 74 7.09 -0.63 -1.48
N PHE A 75 5.92 -1.14 -1.87
CA PHE A 75 5.28 -2.23 -1.14
C PHE A 75 4.95 -3.39 -2.06
N VAL A 76 5.22 -4.60 -1.58
CA VAL A 76 4.95 -5.81 -2.37
C VAL A 76 3.80 -6.61 -1.77
N LEU A 77 3.00 -7.23 -2.64
CA LEU A 77 1.87 -8.03 -2.20
C LEU A 77 2.23 -9.51 -2.17
N VAL A 78 1.86 -10.20 -1.09
CA VAL A 78 2.13 -11.62 -0.96
C VAL A 78 0.88 -12.39 -0.55
N ARG A 79 0.88 -13.69 -0.79
CA ARG A 79 -0.25 -14.54 -0.45
C ARG A 79 0.03 -15.34 0.81
N LYS A 80 -0.94 -15.42 1.70
CA LYS A 80 -0.80 -16.16 2.95
C LYS A 80 -1.01 -17.66 2.72
N ALA A 81 -1.93 -17.98 1.79
CA ALA A 81 -2.22 -19.36 1.48
C ALA A 81 -2.36 -19.57 -0.02
N MET A 1 5.85 23.78 -2.35
CA MET A 1 5.52 22.62 -3.16
C MET A 1 4.27 21.91 -2.62
N SER A 2 3.57 21.19 -3.48
CA SER A 2 2.36 20.48 -3.08
C SER A 2 2.69 19.40 -2.06
N GLU A 3 1.66 18.66 -1.64
CA GLU A 3 1.83 17.58 -0.67
C GLU A 3 1.54 16.22 -1.30
N THR A 4 2.13 15.98 -2.46
CA THR A 4 1.94 14.73 -3.18
C THR A 4 3.04 13.72 -2.83
N ILE A 5 2.69 12.45 -2.82
CA ILE A 5 3.65 11.39 -2.52
C ILE A 5 3.45 10.19 -3.43
N PRO A 6 4.34 10.07 -4.43
CA PRO A 6 4.29 8.96 -5.40
C PRO A 6 4.67 7.63 -4.77
N VAL A 7 3.76 6.66 -4.84
CA VAL A 7 4.01 5.34 -4.28
C VAL A 7 3.88 4.26 -5.36
N SER A 8 4.60 3.15 -5.15
CA SER A 8 4.58 2.06 -6.10
C SER A 8 4.23 0.74 -5.41
N VAL A 9 3.36 -0.04 -6.03
CA VAL A 9 2.94 -1.32 -5.47
C VAL A 9 3.13 -2.45 -6.48
N GLN A 10 3.61 -3.59 -6.00
CA GLN A 10 3.85 -4.75 -6.85
C GLN A 10 2.86 -5.86 -6.54
N CYS A 11 2.32 -6.48 -7.59
CA CYS A 11 1.36 -7.56 -7.42
C CYS A 11 1.69 -8.72 -8.36
N CYS A 12 1.36 -9.93 -7.92
CA CYS A 12 1.62 -11.13 -8.72
C CYS A 12 0.93 -11.03 -10.08
N GLU A 13 -0.11 -10.21 -10.16
CA GLU A 13 -0.84 -10.03 -11.40
C GLU A 13 -0.28 -8.87 -12.21
N GLY A 14 0.39 -7.95 -11.53
CA GLY A 14 0.97 -6.80 -12.19
C GLY A 14 1.38 -5.71 -11.21
N ARG A 15 1.96 -4.64 -11.75
CA ARG A 15 2.41 -3.53 -10.91
C ARG A 15 1.53 -2.30 -11.12
N PHE A 16 1.08 -1.70 -10.01
CA PHE A 16 0.24 -0.52 -10.07
C PHE A 16 0.83 0.62 -9.27
N GLU A 17 0.92 1.80 -9.88
CA GLU A 17 1.47 2.97 -9.22
C GLU A 17 0.39 4.02 -8.99
N LEU A 18 0.57 4.83 -7.94
CA LEU A 18 -0.38 5.88 -7.62
C LEU A 18 0.25 6.93 -6.71
N SER A 19 -0.43 8.06 -6.55
CA SER A 19 0.06 9.15 -5.71
C SER A 19 -1.02 9.63 -4.75
N VAL A 20 -0.64 9.83 -3.49
CA VAL A 20 -1.59 10.29 -2.48
C VAL A 20 -0.89 11.14 -1.43
N ASP A 21 -1.64 12.07 -0.83
CA ASP A 21 -1.08 12.95 0.19
C ASP A 21 -1.04 12.25 1.55
N SER A 22 0.04 12.47 2.29
CA SER A 22 0.22 11.86 3.60
C SER A 22 -0.51 12.66 4.67
N ASN A 23 -1.29 11.96 5.50
CA ASN A 23 -2.04 12.61 6.57
C ASN A 23 -2.78 11.59 7.41
N HIS A 24 -3.40 10.61 6.75
CA HIS A 24 -4.15 9.56 7.43
C HIS A 24 -3.27 8.32 7.64
N THR A 25 -3.80 7.36 8.38
CA THR A 25 -3.06 6.13 8.65
C THR A 25 -3.05 5.22 7.43
N LEU A 26 -2.36 4.09 7.55
CA LEU A 26 -2.26 3.13 6.45
C LEU A 26 -3.64 2.77 5.92
N ARG A 27 -4.64 2.83 6.81
CA ARG A 27 -6.01 2.51 6.43
C ARG A 27 -6.44 3.30 5.19
N ASP A 28 -5.92 4.51 5.07
CA ASP A 28 -6.24 5.37 3.93
C ASP A 28 -5.52 4.90 2.67
N VAL A 29 -4.23 4.63 2.81
CA VAL A 29 -3.42 4.17 1.67
C VAL A 29 -3.93 2.84 1.15
N LEU A 30 -4.32 1.95 2.05
CA LEU A 30 -4.83 0.63 1.67
C LEU A 30 -6.21 0.75 1.03
N ARG A 31 -7.01 1.69 1.53
CA ARG A 31 -8.35 1.90 1.00
C ARG A 31 -8.30 2.25 -0.48
N GLN A 32 -7.40 3.16 -0.85
CA GLN A 32 -7.25 3.59 -2.23
C GLN A 32 -6.61 2.49 -3.07
N PHE A 33 -5.46 2.00 -2.61
CA PHE A 33 -4.74 0.95 -3.32
C PHE A 33 -5.64 -0.26 -3.58
N LYS A 34 -6.42 -0.63 -2.57
CA LYS A 34 -7.33 -1.76 -2.69
C LYS A 34 -8.52 -1.41 -3.58
N ARG A 35 -8.89 -0.14 -3.59
CA ARG A 35 -10.01 0.32 -4.41
C ARG A 35 -9.67 0.22 -5.90
N GLU A 36 -8.38 0.27 -6.21
CA GLU A 36 -7.93 0.19 -7.59
C GLU A 36 -7.42 -1.20 -7.93
N VAL A 37 -6.53 -1.72 -7.08
CA VAL A 37 -5.97 -3.05 -7.29
C VAL A 37 -7.07 -4.10 -7.40
N ALA A 38 -8.22 -3.80 -6.80
CA ALA A 38 -9.35 -4.72 -6.84
C ALA A 38 -9.85 -4.92 -8.27
N ALA A 39 -9.44 -4.04 -9.16
CA ALA A 39 -9.84 -4.11 -10.56
C ALA A 39 -9.20 -5.31 -11.25
N LEU A 40 -8.01 -5.69 -10.80
CA LEU A 40 -7.29 -6.82 -11.38
C LEU A 40 -7.18 -7.97 -10.37
N ASP A 41 -7.28 -7.63 -9.09
CA ASP A 41 -7.20 -8.63 -8.03
C ASP A 41 -8.59 -9.00 -7.52
N PRO A 42 -9.08 -10.18 -7.94
CA PRO A 42 -10.40 -10.66 -7.54
C PRO A 42 -10.45 -11.06 -6.07
N ILE A 43 -9.31 -11.51 -5.54
CA ILE A 43 -9.22 -11.91 -4.15
C ILE A 43 -9.43 -10.72 -3.22
N ASN A 44 -10.05 -10.99 -2.06
CA ASN A 44 -10.30 -9.94 -1.08
C ASN A 44 -9.00 -9.46 -0.44
N LEU A 45 -9.02 -8.24 0.07
CA LEU A 45 -7.84 -7.66 0.71
C LEU A 45 -7.54 -8.37 2.03
N GLU A 46 -8.59 -8.85 2.69
CA GLU A 46 -8.42 -9.55 3.96
C GLU A 46 -7.90 -10.97 3.74
N GLU A 47 -7.89 -11.39 2.48
CA GLU A 47 -7.42 -12.73 2.13
C GLU A 47 -5.90 -12.75 1.99
N TYR A 48 -5.28 -11.59 2.18
CA TYR A 48 -3.83 -11.47 2.07
C TYR A 48 -3.33 -10.22 2.80
N VAL A 49 -2.01 -10.13 2.95
CA VAL A 49 -1.40 -9.00 3.63
C VAL A 49 -0.56 -8.16 2.66
N VAL A 50 -0.11 -7.00 3.13
CA VAL A 50 0.71 -6.11 2.31
C VAL A 50 2.00 -5.74 3.02
N ASN A 51 3.12 -5.94 2.33
CA ASN A 51 4.43 -5.62 2.89
C ASN A 51 5.00 -4.36 2.26
N HIS A 52 5.59 -3.50 3.09
CA HIS A 52 6.17 -2.26 2.62
C HIS A 52 7.70 -2.29 2.74
N GLU A 53 8.39 -2.27 1.61
CA GLU A 53 9.84 -2.30 1.60
C GLU A 53 10.37 -3.51 2.36
N GLY A 54 9.62 -4.61 2.32
CA GLY A 54 10.02 -5.81 3.02
C GLY A 54 9.66 -5.78 4.48
N LYS A 55 8.82 -4.83 4.88
CA LYS A 55 8.41 -4.68 6.26
C LYS A 55 6.89 -4.82 6.38
N LEU A 56 6.46 -5.74 7.25
CA LEU A 56 5.03 -5.98 7.46
C LEU A 56 4.51 -5.13 8.62
N LEU A 57 3.40 -4.44 8.38
CA LEU A 57 2.80 -3.59 9.41
C LEU A 57 1.84 -4.39 10.28
N LEU A 58 2.00 -4.26 11.59
CA LEU A 58 1.15 -4.96 12.54
C LEU A 58 -0.27 -4.39 12.54
N ASP A 59 -0.39 -3.12 12.17
CA ASP A 59 -1.68 -2.46 12.11
C ASP A 59 -1.68 -1.35 11.07
N ASP A 60 -2.88 -0.90 10.69
CA ASP A 60 -3.02 0.16 9.71
C ASP A 60 -3.18 1.52 10.38
N SER A 61 -2.63 1.65 11.57
CA SER A 61 -2.71 2.89 12.33
C SER A 61 -1.52 3.79 12.05
N VAL A 62 -0.41 3.18 11.65
CA VAL A 62 0.81 3.93 11.34
C VAL A 62 0.70 4.61 9.99
N THR A 63 1.05 5.89 9.96
CA THR A 63 0.99 6.67 8.72
C THR A 63 2.16 6.31 7.79
N LEU A 64 2.29 7.08 6.72
CA LEU A 64 3.37 6.84 5.75
C LEU A 64 4.73 7.19 6.36
N GLN A 65 4.84 8.39 6.91
CA GLN A 65 6.08 8.84 7.52
C GLN A 65 6.31 8.15 8.85
N THR A 66 5.23 7.81 9.54
CA THR A 66 5.30 7.15 10.84
C THR A 66 6.07 5.83 10.72
N VAL A 67 5.73 5.03 9.72
CA VAL A 67 6.38 3.75 9.50
C VAL A 67 7.81 3.94 9.01
N GLY A 68 8.06 5.08 8.37
CA GLY A 68 9.39 5.36 7.85
C GLY A 68 9.53 4.97 6.39
N VAL A 69 8.47 5.16 5.62
CA VAL A 69 8.49 4.82 4.21
C VAL A 69 9.41 5.75 3.43
N LYS A 70 10.09 5.20 2.43
CA LYS A 70 11.01 5.98 1.61
C LYS A 70 10.25 6.88 0.65
N LYS A 71 10.98 7.72 -0.09
CA LYS A 71 10.37 8.63 -1.05
C LYS A 71 9.57 7.87 -2.10
N ASP A 72 10.18 6.84 -2.67
CA ASP A 72 9.52 6.03 -3.69
C ASP A 72 8.38 5.22 -3.09
N SER A 73 8.63 4.64 -1.92
CA SER A 73 7.62 3.83 -1.23
C SER A 73 7.22 2.64 -2.09
N VAL A 74 7.97 1.55 -1.95
CA VAL A 74 7.69 0.33 -2.71
C VAL A 74 7.16 -0.77 -1.80
N PHE A 75 5.95 -1.24 -2.08
CA PHE A 75 5.33 -2.30 -1.29
C PHE A 75 4.87 -3.45 -2.18
N VAL A 76 5.14 -4.66 -1.75
CA VAL A 76 4.75 -5.85 -2.51
C VAL A 76 3.51 -6.50 -1.91
N LEU A 77 2.67 -7.06 -2.77
CA LEU A 77 1.43 -7.72 -2.33
C LEU A 77 1.56 -9.23 -2.44
N VAL A 78 1.53 -9.91 -1.30
CA VAL A 78 1.63 -11.36 -1.28
C VAL A 78 0.63 -11.97 -0.29
N ARG A 79 0.22 -13.20 -0.56
CA ARG A 79 -0.73 -13.89 0.31
C ARG A 79 -0.14 -14.14 1.68
N LYS A 80 -1.00 -14.52 2.64
CA LYS A 80 -0.56 -14.78 4.00
C LYS A 80 -0.13 -16.24 4.16
N ALA A 81 -0.84 -17.13 3.47
CA ALA A 81 -0.54 -18.56 3.53
C ALA A 81 -0.71 -19.22 2.17
N MET A 1 -3.11 20.76 -4.00
CA MET A 1 -1.83 20.31 -4.55
C MET A 1 -0.67 21.08 -3.92
N SER A 2 -0.14 20.54 -2.82
CA SER A 2 0.97 21.17 -2.12
C SER A 2 2.15 20.22 -2.00
N GLU A 3 1.93 19.11 -1.32
CA GLU A 3 2.98 18.12 -1.13
C GLU A 3 2.58 16.78 -1.75
N THR A 4 3.30 16.39 -2.81
CA THR A 4 3.02 15.13 -3.50
C THR A 4 3.92 14.02 -2.98
N ILE A 5 3.37 12.80 -2.91
CA ILE A 5 4.13 11.66 -2.44
C ILE A 5 3.82 10.42 -3.28
N PRO A 6 4.73 10.07 -4.19
CA PRO A 6 4.57 8.90 -5.07
C PRO A 6 4.70 7.59 -4.30
N VAL A 7 3.96 6.57 -4.76
CA VAL A 7 3.98 5.26 -4.13
C VAL A 7 3.96 4.15 -5.16
N SER A 8 4.54 3.01 -4.81
CA SER A 8 4.59 1.87 -5.71
C SER A 8 4.22 0.58 -4.98
N VAL A 9 3.41 -0.25 -5.63
CA VAL A 9 2.97 -1.52 -5.04
C VAL A 9 3.05 -2.65 -6.06
N GLN A 10 3.50 -3.81 -5.61
CA GLN A 10 3.61 -4.97 -6.50
C GLN A 10 2.56 -6.02 -6.14
N CYS A 11 1.94 -6.60 -7.17
CA CYS A 11 0.92 -7.61 -6.97
C CYS A 11 1.13 -8.79 -7.93
N CYS A 12 0.73 -9.98 -7.48
CA CYS A 12 0.88 -11.18 -8.29
C CYS A 12 0.21 -11.01 -9.65
N GLU A 13 -0.78 -10.13 -9.71
CA GLU A 13 -1.51 -9.88 -10.95
C GLU A 13 -0.80 -8.80 -11.78
N GLY A 14 -0.01 -7.97 -11.11
CA GLY A 14 0.71 -6.91 -11.80
C GLY A 14 1.17 -5.83 -10.85
N ARG A 15 1.80 -4.79 -11.41
CA ARG A 15 2.29 -3.67 -10.61
C ARG A 15 1.43 -2.43 -10.82
N PHE A 16 1.18 -1.69 -9.75
CA PHE A 16 0.38 -0.48 -9.82
C PHE A 16 0.96 0.60 -8.92
N GLU A 17 1.07 1.82 -9.47
CA GLU A 17 1.61 2.95 -8.71
C GLU A 17 0.58 4.06 -8.59
N LEU A 18 0.68 4.84 -7.52
CA LEU A 18 -0.25 5.94 -7.28
C LEU A 18 0.46 7.11 -6.60
N SER A 19 -0.18 8.27 -6.62
CA SER A 19 0.39 9.47 -6.00
C SER A 19 -0.64 10.17 -5.13
N VAL A 20 -0.32 10.35 -3.86
CA VAL A 20 -1.22 11.01 -2.92
C VAL A 20 -0.45 11.82 -1.89
N ASP A 21 -1.07 12.88 -1.38
CA ASP A 21 -0.43 13.74 -0.39
C ASP A 21 -0.39 13.05 0.97
N SER A 22 0.72 13.23 1.68
CA SER A 22 0.90 12.62 3.00
C SER A 22 0.23 13.47 4.08
N ASN A 23 -0.56 12.83 4.93
CA ASN A 23 -1.25 13.52 6.01
C ASN A 23 -2.02 12.54 6.89
N HIS A 24 -2.68 11.57 6.25
CA HIS A 24 -3.45 10.57 6.97
C HIS A 24 -2.61 9.32 7.24
N THR A 25 -3.16 8.41 8.02
CA THR A 25 -2.45 7.17 8.35
C THR A 25 -2.43 6.21 7.16
N LEU A 26 -1.65 5.14 7.29
CA LEU A 26 -1.53 4.15 6.22
C LEU A 26 -2.90 3.65 5.80
N ARG A 27 -3.85 3.68 6.73
CA ARG A 27 -5.22 3.23 6.45
C ARG A 27 -5.77 3.93 5.22
N ASP A 28 -5.32 5.15 4.99
CA ASP A 28 -5.78 5.94 3.85
C ASP A 28 -5.12 5.46 2.56
N VAL A 29 -3.80 5.29 2.62
CA VAL A 29 -3.04 4.84 1.46
C VAL A 29 -3.47 3.43 1.04
N LEU A 30 -3.67 2.56 2.01
CA LEU A 30 -4.10 1.19 1.74
C LEU A 30 -5.52 1.15 1.22
N ARG A 31 -6.36 2.04 1.76
CA ARG A 31 -7.76 2.10 1.34
C ARG A 31 -7.89 2.38 -0.15
N GLN A 32 -7.11 3.35 -0.63
CA GLN A 32 -7.12 3.70 -2.05
C GLN A 32 -6.51 2.59 -2.90
N PHE A 33 -5.30 2.18 -2.55
CA PHE A 33 -4.61 1.13 -3.28
C PHE A 33 -5.46 -0.14 -3.35
N LYS A 34 -6.12 -0.46 -2.25
CA LYS A 34 -6.97 -1.65 -2.19
C LYS A 34 -8.24 -1.45 -3.00
N ARG A 35 -8.68 -0.20 -3.11
CA ARG A 35 -9.89 0.13 -3.87
C ARG A 35 -9.63 0.03 -5.37
N GLU A 36 -8.37 0.19 -5.76
CA GLU A 36 -8.00 0.13 -7.16
C GLU A 36 -7.47 -1.26 -7.52
N VAL A 37 -6.69 -1.84 -6.62
CA VAL A 37 -6.14 -3.18 -6.84
C VAL A 37 -7.23 -4.19 -7.12
N ALA A 38 -8.43 -3.92 -6.61
CA ALA A 38 -9.56 -4.82 -6.81
C ALA A 38 -10.01 -4.83 -8.27
N ALA A 39 -9.54 -3.84 -9.03
CA ALA A 39 -9.88 -3.74 -10.45
C ALA A 39 -9.30 -4.89 -11.24
N LEU A 40 -8.11 -5.35 -10.83
CA LEU A 40 -7.44 -6.46 -11.50
C LEU A 40 -7.37 -7.68 -10.60
N ASP A 41 -7.43 -7.46 -9.29
CA ASP A 41 -7.39 -8.54 -8.32
C ASP A 41 -8.78 -8.90 -7.84
N PRO A 42 -9.32 -10.01 -8.35
CA PRO A 42 -10.66 -10.49 -7.97
C PRO A 42 -10.71 -11.01 -6.53
N ILE A 43 -9.57 -11.52 -6.05
CA ILE A 43 -9.49 -12.04 -4.69
C ILE A 43 -9.67 -10.94 -3.66
N ASN A 44 -10.28 -11.28 -2.53
CA ASN A 44 -10.51 -10.31 -1.47
C ASN A 44 -9.19 -9.85 -0.86
N LEU A 45 -9.17 -8.61 -0.38
CA LEU A 45 -7.97 -8.04 0.23
C LEU A 45 -7.66 -8.72 1.56
N GLU A 46 -8.70 -9.26 2.20
CA GLU A 46 -8.54 -9.94 3.49
C GLU A 46 -7.95 -11.34 3.28
N GLU A 47 -7.91 -11.78 2.03
CA GLU A 47 -7.39 -13.10 1.70
C GLU A 47 -5.87 -13.06 1.55
N TYR A 48 -5.36 -11.92 1.11
CA TYR A 48 -3.92 -11.75 0.93
C TYR A 48 -3.40 -10.55 1.71
N VAL A 49 -2.08 -10.43 1.78
CA VAL A 49 -1.46 -9.32 2.51
C VAL A 49 -0.28 -8.75 1.72
N VAL A 50 0.13 -7.54 2.08
CA VAL A 50 1.24 -6.88 1.41
C VAL A 50 2.25 -6.35 2.43
N ASN A 51 3.53 -6.58 2.15
CA ASN A 51 4.60 -6.12 3.04
C ASN A 51 5.26 -4.86 2.49
N HIS A 52 5.56 -3.92 3.37
CA HIS A 52 6.20 -2.67 2.98
C HIS A 52 7.62 -2.60 3.51
N GLU A 53 8.59 -2.61 2.60
CA GLU A 53 10.00 -2.55 2.99
C GLU A 53 10.35 -3.66 3.98
N GLY A 54 9.69 -4.80 3.84
CA GLY A 54 9.93 -5.92 4.71
C GLY A 54 9.18 -5.80 6.03
N LYS A 55 8.23 -4.88 6.08
CA LYS A 55 7.43 -4.66 7.29
C LYS A 55 5.96 -4.90 7.01
N LEU A 56 5.34 -5.77 7.80
CA LEU A 56 3.93 -6.09 7.65
C LEU A 56 3.12 -5.60 8.85
N LEU A 57 2.25 -4.64 8.62
CA LEU A 57 1.40 -4.09 9.67
C LEU A 57 0.02 -4.71 9.66
N LEU A 58 -0.64 -4.69 10.81
CA LEU A 58 -1.99 -5.26 10.93
C LEU A 58 -2.94 -4.27 11.58
N ASP A 59 -2.48 -3.03 11.75
CA ASP A 59 -3.30 -1.99 12.36
C ASP A 59 -3.47 -0.81 11.41
N ASP A 60 -2.44 -0.56 10.59
CA ASP A 60 -2.47 0.54 9.63
C ASP A 60 -2.88 1.85 10.31
N SER A 61 -2.47 2.00 11.57
CA SER A 61 -2.80 3.21 12.33
C SER A 61 -1.69 4.25 12.20
N VAL A 62 -0.47 3.78 12.00
CA VAL A 62 0.68 4.67 11.85
C VAL A 62 0.74 5.26 10.45
N THR A 63 1.31 6.46 10.34
CA THR A 63 1.43 7.14 9.06
C THR A 63 2.59 6.56 8.24
N LEU A 64 2.89 7.21 7.12
CA LEU A 64 3.98 6.77 6.26
C LEU A 64 5.33 6.97 6.92
N GLN A 65 5.56 8.19 7.40
CA GLN A 65 6.83 8.51 8.08
C GLN A 65 6.88 7.89 9.46
N THR A 66 5.72 7.73 10.08
CA THR A 66 5.64 7.15 11.42
C THR A 66 6.23 5.75 11.45
N VAL A 67 5.99 4.99 10.38
CA VAL A 67 6.50 3.63 10.28
C VAL A 67 7.94 3.62 9.78
N GLY A 68 8.30 4.67 9.04
CA GLY A 68 9.65 4.76 8.51
C GLY A 68 9.75 4.28 7.08
N VAL A 69 8.69 4.50 6.32
CA VAL A 69 8.65 4.09 4.91
C VAL A 69 9.63 4.89 4.08
N LYS A 70 10.11 4.29 2.99
CA LYS A 70 11.05 4.96 2.11
C LYS A 70 10.36 6.05 1.30
N LYS A 71 11.15 6.98 0.76
CA LYS A 71 10.62 8.08 -0.04
C LYS A 71 9.70 7.56 -1.14
N ASP A 72 10.16 6.53 -1.85
CA ASP A 72 9.38 5.93 -2.92
C ASP A 72 8.27 5.05 -2.38
N SER A 73 8.48 4.53 -1.17
CA SER A 73 7.50 3.66 -0.53
C SER A 73 7.08 2.53 -1.46
N VAL A 74 7.89 1.46 -1.50
CA VAL A 74 7.60 0.32 -2.34
C VAL A 74 7.24 -0.91 -1.51
N PHE A 75 6.05 -1.44 -1.75
CA PHE A 75 5.58 -2.62 -1.02
C PHE A 75 5.18 -3.74 -1.98
N VAL A 76 5.57 -4.96 -1.65
CA VAL A 76 5.25 -6.11 -2.48
C VAL A 76 4.14 -6.95 -1.86
N LEU A 77 3.28 -7.51 -2.71
CA LEU A 77 2.17 -8.33 -2.25
C LEU A 77 2.50 -9.82 -2.41
N VAL A 78 2.20 -10.60 -1.37
CA VAL A 78 2.45 -12.04 -1.40
C VAL A 78 1.34 -12.80 -0.69
N ARG A 79 0.94 -13.92 -1.28
CA ARG A 79 -0.12 -14.75 -0.70
C ARG A 79 0.41 -15.54 0.49
N LYS A 80 -0.34 -15.49 1.59
CA LYS A 80 0.04 -16.19 2.81
C LYS A 80 -0.67 -17.55 2.91
N ALA A 81 -1.86 -17.61 2.30
CA ALA A 81 -2.64 -18.84 2.31
C ALA A 81 -3.54 -18.93 1.09
N MET A 1 -3.60 18.76 1.07
CA MET A 1 -3.99 18.49 -0.32
C MET A 1 -2.97 19.08 -1.29
N SER A 2 -1.70 19.07 -0.90
CA SER A 2 -0.63 19.61 -1.74
C SER A 2 0.56 18.67 -1.76
N GLU A 3 1.20 18.50 -0.61
CA GLU A 3 2.37 17.62 -0.49
C GLU A 3 2.05 16.24 -1.05
N THR A 4 2.68 15.91 -2.18
CA THR A 4 2.47 14.62 -2.82
C THR A 4 3.53 13.61 -2.38
N ILE A 5 3.14 12.34 -2.31
CA ILE A 5 4.06 11.28 -1.92
C ILE A 5 3.87 10.03 -2.76
N PRO A 6 4.77 9.83 -3.73
CA PRO A 6 4.72 8.67 -4.63
C PRO A 6 5.05 7.37 -3.91
N VAL A 7 4.44 6.28 -4.36
CA VAL A 7 4.66 4.97 -3.76
C VAL A 7 4.65 3.87 -4.82
N SER A 8 5.37 2.79 -4.56
CA SER A 8 5.46 1.67 -5.49
C SER A 8 4.79 0.43 -4.90
N VAL A 9 4.12 -0.33 -5.76
CA VAL A 9 3.44 -1.55 -5.32
C VAL A 9 3.67 -2.69 -6.31
N GLN A 10 3.89 -3.89 -5.78
CA GLN A 10 4.13 -5.06 -6.61
C GLN A 10 2.94 -6.01 -6.57
N CYS A 11 2.56 -6.52 -7.73
CA CYS A 11 1.43 -7.45 -7.83
C CYS A 11 1.77 -8.63 -8.72
N CYS A 12 1.17 -9.78 -8.43
CA CYS A 12 1.41 -10.99 -9.20
C CYS A 12 1.06 -10.78 -10.67
N GLU A 13 0.22 -9.78 -10.94
CA GLU A 13 -0.20 -9.48 -12.30
C GLU A 13 0.73 -8.44 -12.93
N GLY A 14 1.40 -7.66 -12.09
CA GLY A 14 2.30 -6.64 -12.59
C GLY A 14 2.64 -5.61 -11.53
N ARG A 15 3.28 -4.53 -11.96
CA ARG A 15 3.67 -3.46 -11.04
C ARG A 15 2.81 -2.22 -11.25
N PHE A 16 2.43 -1.57 -10.15
CA PHE A 16 1.60 -0.38 -10.21
C PHE A 16 2.05 0.64 -9.18
N GLU A 17 2.08 1.91 -9.60
CA GLU A 17 2.50 2.99 -8.71
C GLU A 17 1.37 3.99 -8.50
N LEU A 18 1.37 4.65 -7.34
CA LEU A 18 0.35 5.64 -7.02
C LEU A 18 0.92 6.77 -6.17
N SER A 19 0.19 7.88 -6.11
CA SER A 19 0.63 9.03 -5.33
C SER A 19 -0.50 9.54 -4.45
N VAL A 20 -0.19 9.74 -3.17
CA VAL A 20 -1.18 10.23 -2.20
C VAL A 20 -0.53 11.07 -1.12
N ASP A 21 -1.28 12.01 -0.57
CA ASP A 21 -0.78 12.89 0.47
C ASP A 21 -0.85 12.20 1.84
N SER A 22 0.19 12.40 2.65
CA SER A 22 0.25 11.80 3.98
C SER A 22 -0.53 12.63 4.99
N ASN A 23 -1.38 11.96 5.76
CA ASN A 23 -2.19 12.64 6.77
C ASN A 23 -3.01 11.64 7.58
N HIS A 24 -3.58 10.66 6.89
CA HIS A 24 -4.39 9.63 7.54
C HIS A 24 -3.54 8.40 7.87
N THR A 25 -4.14 7.47 8.61
CA THR A 25 -3.43 6.25 9.00
C THR A 25 -3.34 5.27 7.84
N LEU A 26 -2.66 4.16 8.06
CA LEU A 26 -2.49 3.14 7.03
C LEU A 26 -3.85 2.70 6.48
N ARG A 27 -4.88 2.80 7.31
CA ARG A 27 -6.23 2.41 6.90
C ARG A 27 -6.62 3.11 5.60
N ASP A 28 -6.30 4.40 5.51
CA ASP A 28 -6.62 5.17 4.31
C ASP A 28 -5.75 4.74 3.14
N VAL A 29 -4.45 4.63 3.38
CA VAL A 29 -3.51 4.22 2.34
C VAL A 29 -3.91 2.88 1.74
N LEU A 30 -4.13 1.90 2.59
CA LEU A 30 -4.51 0.56 2.14
C LEU A 30 -5.84 0.60 1.38
N ARG A 31 -6.74 1.47 1.83
CA ARG A 31 -8.05 1.60 1.20
C ARG A 31 -7.90 1.95 -0.29
N GLN A 32 -6.98 2.86 -0.58
CA GLN A 32 -6.75 3.28 -1.96
C GLN A 32 -6.06 2.17 -2.75
N PHE A 33 -5.11 1.49 -2.11
CA PHE A 33 -4.38 0.41 -2.76
C PHE A 33 -5.32 -0.71 -3.18
N LYS A 34 -6.09 -1.21 -2.22
CA LYS A 34 -7.04 -2.29 -2.48
C LYS A 34 -8.13 -1.83 -3.44
N ARG A 35 -8.44 -0.54 -3.39
CA ARG A 35 -9.47 0.03 -4.25
C ARG A 35 -8.94 0.23 -5.67
N GLU A 36 -7.63 0.37 -5.79
CA GLU A 36 -7.01 0.57 -7.10
C GLU A 36 -6.46 -0.75 -7.65
N VAL A 37 -6.38 -1.75 -6.78
CA VAL A 37 -5.88 -3.07 -7.18
C VAL A 37 -7.02 -3.97 -7.64
N ALA A 38 -8.24 -3.61 -7.26
CA ALA A 38 -9.42 -4.39 -7.64
C ALA A 38 -9.63 -4.36 -9.15
N ALA A 39 -8.95 -3.44 -9.82
CA ALA A 39 -9.07 -3.30 -11.26
C ALA A 39 -8.55 -4.55 -11.97
N LEU A 40 -7.48 -5.13 -11.44
CA LEU A 40 -6.89 -6.32 -12.02
C LEU A 40 -7.05 -7.52 -11.09
N ASP A 41 -7.21 -7.23 -9.80
CA ASP A 41 -7.38 -8.29 -8.80
C ASP A 41 -8.85 -8.47 -8.44
N PRO A 42 -9.45 -9.53 -8.98
CA PRO A 42 -10.87 -9.85 -8.73
C PRO A 42 -11.12 -10.29 -7.28
N ILE A 43 -10.04 -10.53 -6.55
CA ILE A 43 -10.14 -10.97 -5.16
C ILE A 43 -9.98 -9.80 -4.21
N ASN A 44 -10.68 -9.86 -3.08
CA ASN A 44 -10.63 -8.80 -2.08
C ASN A 44 -9.27 -8.79 -1.37
N LEU A 45 -8.53 -7.71 -1.54
CA LEU A 45 -7.22 -7.58 -0.91
C LEU A 45 -7.34 -7.44 0.60
N GLU A 46 -8.53 -7.07 1.06
CA GLU A 46 -8.78 -6.91 2.48
C GLU A 46 -8.59 -8.23 3.23
N GLU A 47 -8.64 -9.33 2.47
CA GLU A 47 -8.47 -10.66 3.05
C GLU A 47 -6.99 -11.03 3.16
N TYR A 48 -6.18 -10.40 2.33
CA TYR A 48 -4.74 -10.66 2.32
C TYR A 48 -3.97 -9.49 2.92
N VAL A 49 -2.68 -9.71 3.18
CA VAL A 49 -1.83 -8.66 3.74
C VAL A 49 -0.76 -8.23 2.75
N VAL A 50 -0.41 -6.95 2.81
CA VAL A 50 0.62 -6.41 1.91
C VAL A 50 1.90 -6.13 2.66
N ASN A 51 3.01 -6.67 2.16
CA ASN A 51 4.32 -6.48 2.78
C ASN A 51 5.10 -5.38 2.07
N HIS A 52 5.87 -4.63 2.84
CA HIS A 52 6.67 -3.54 2.29
C HIS A 52 8.16 -3.87 2.35
N GLU A 53 8.80 -3.98 1.19
CA GLU A 53 10.21 -4.30 1.11
C GLU A 53 10.51 -5.60 1.87
N GLY A 54 9.56 -6.52 1.86
CA GLY A 54 9.75 -7.79 2.55
C GLY A 54 9.46 -7.68 4.04
N LYS A 55 8.84 -6.58 4.44
CA LYS A 55 8.50 -6.37 5.85
C LYS A 55 6.99 -6.35 6.05
N LEU A 56 6.52 -7.15 7.00
CA LEU A 56 5.09 -7.23 7.30
C LEU A 56 4.69 -6.18 8.34
N LEU A 57 3.65 -5.41 8.02
CA LEU A 57 3.17 -4.38 8.92
C LEU A 57 2.43 -4.99 10.11
N LEU A 58 2.42 -4.27 11.22
CA LEU A 58 1.75 -4.74 12.43
C LEU A 58 0.38 -4.10 12.57
N ASP A 59 0.37 -2.78 12.79
CA ASP A 59 -0.89 -2.05 12.94
C ASP A 59 -1.07 -1.05 11.81
N ASP A 60 -2.32 -0.74 11.49
CA ASP A 60 -2.63 0.20 10.42
C ASP A 60 -2.88 1.59 10.98
N SER A 61 -2.25 1.89 12.11
CA SER A 61 -2.39 3.19 12.75
C SER A 61 -1.30 4.15 12.29
N VAL A 62 -0.17 3.60 11.88
CA VAL A 62 0.95 4.40 11.42
C VAL A 62 0.67 4.99 10.03
N THR A 63 1.20 6.18 9.79
CA THR A 63 1.00 6.86 8.52
C THR A 63 2.12 6.52 7.53
N LEU A 64 2.12 7.20 6.40
CA LEU A 64 3.13 6.96 5.36
C LEU A 64 4.48 7.53 5.79
N GLN A 65 4.47 8.78 6.25
CA GLN A 65 5.69 9.45 6.68
C GLN A 65 6.16 8.90 8.03
N THR A 66 5.21 8.44 8.84
CA THR A 66 5.52 7.89 10.14
C THR A 66 6.50 6.72 10.03
N VAL A 67 6.34 5.92 8.98
CA VAL A 67 7.21 4.76 8.76
C VAL A 67 8.37 5.13 7.86
N GLY A 68 8.18 6.14 7.03
CA GLY A 68 9.22 6.57 6.11
C GLY A 68 9.00 6.09 4.69
N VAL A 69 7.73 6.08 4.27
CA VAL A 69 7.38 5.64 2.93
C VAL A 69 7.90 6.62 1.87
N LYS A 70 8.89 6.18 1.11
CA LYS A 70 9.47 7.01 0.07
C LYS A 70 9.05 6.52 -1.32
N LYS A 71 9.46 7.25 -2.36
CA LYS A 71 9.14 6.90 -3.73
C LYS A 71 9.71 5.53 -4.07
N ASP A 72 10.84 5.19 -3.47
CA ASP A 72 11.50 3.90 -3.71
C ASP A 72 10.77 2.78 -2.97
N SER A 73 10.08 3.13 -1.89
CA SER A 73 9.34 2.15 -1.10
C SER A 73 8.43 1.32 -1.99
N VAL A 74 8.69 0.01 -2.03
CA VAL A 74 7.89 -0.90 -2.84
C VAL A 74 7.29 -2.01 -1.98
N PHE A 75 5.96 -2.10 -1.99
CA PHE A 75 5.27 -3.12 -1.22
C PHE A 75 4.50 -4.06 -2.13
N VAL A 76 4.73 -5.36 -1.96
CA VAL A 76 4.06 -6.38 -2.77
C VAL A 76 2.93 -7.04 -1.99
N LEU A 77 1.86 -7.39 -2.71
CA LEU A 77 0.71 -8.03 -2.09
C LEU A 77 0.93 -9.54 -1.95
N VAL A 78 0.60 -10.08 -0.78
CA VAL A 78 0.77 -11.51 -0.53
C VAL A 78 -0.42 -12.06 0.25
N ARG A 79 -0.84 -13.27 -0.11
CA ARG A 79 -1.95 -13.92 0.56
C ARG A 79 -1.56 -14.39 1.96
N LYS A 80 -2.45 -14.16 2.92
CA LYS A 80 -2.19 -14.55 4.30
C LYS A 80 -2.97 -15.82 4.65
N ALA A 81 -4.10 -16.02 3.99
CA ALA A 81 -4.94 -17.18 4.23
C ALA A 81 -5.48 -17.75 2.92
N MET A 1 -2.84 19.22 -4.20
CA MET A 1 -1.98 20.17 -4.88
C MET A 1 -1.16 20.97 -3.89
N SER A 2 -0.17 20.32 -3.30
CA SER A 2 0.71 20.97 -2.32
C SER A 2 1.84 20.04 -1.90
N GLU A 3 1.51 18.78 -1.66
CA GLU A 3 2.49 17.79 -1.25
C GLU A 3 2.14 16.41 -1.79
N THR A 4 2.76 16.05 -2.91
CA THR A 4 2.51 14.75 -3.54
C THR A 4 3.53 13.71 -3.08
N ILE A 5 3.10 12.47 -2.99
CA ILE A 5 3.98 11.38 -2.57
C ILE A 5 3.74 10.13 -3.41
N PRO A 6 4.64 9.88 -4.37
CA PRO A 6 4.55 8.71 -5.26
C PRO A 6 4.83 7.41 -4.52
N VAL A 7 4.05 6.38 -4.82
CA VAL A 7 4.21 5.08 -4.19
C VAL A 7 4.18 3.96 -5.22
N SER A 8 4.86 2.86 -4.92
CA SER A 8 4.90 1.72 -5.83
C SER A 8 4.52 0.43 -5.09
N VAL A 9 3.72 -0.40 -5.75
CA VAL A 9 3.29 -1.66 -5.16
C VAL A 9 3.46 -2.81 -6.14
N GLN A 10 3.92 -3.95 -5.63
CA GLN A 10 4.14 -5.13 -6.46
C GLN A 10 3.10 -6.20 -6.17
N CYS A 11 2.58 -6.81 -7.22
CA CYS A 11 1.56 -7.86 -7.08
C CYS A 11 1.88 -9.04 -7.99
N CYS A 12 1.49 -10.23 -7.56
CA CYS A 12 1.73 -11.45 -8.33
C CYS A 12 1.05 -11.36 -9.70
N GLU A 13 0.06 -10.47 -9.81
CA GLU A 13 -0.66 -10.28 -11.07
C GLU A 13 -0.02 -9.18 -11.90
N GLY A 14 0.69 -8.28 -11.23
CA GLY A 14 1.34 -7.18 -11.93
C GLY A 14 1.78 -6.08 -10.98
N ARG A 15 2.23 -4.96 -11.55
CA ARG A 15 2.69 -3.83 -10.75
C ARG A 15 1.69 -2.68 -10.82
N PHE A 16 1.54 -1.97 -9.70
CA PHE A 16 0.61 -0.84 -9.63
C PHE A 16 1.21 0.30 -8.82
N GLU A 17 1.17 1.50 -9.39
CA GLU A 17 1.72 2.68 -8.71
C GLU A 17 0.65 3.77 -8.58
N LEU A 18 0.78 4.58 -7.55
CA LEU A 18 -0.17 5.66 -7.31
C LEU A 18 0.49 6.82 -6.56
N SER A 19 -0.18 7.97 -6.53
CA SER A 19 0.34 9.14 -5.85
C SER A 19 -0.72 9.77 -4.95
N VAL A 20 -0.37 9.95 -3.68
CA VAL A 20 -1.29 10.54 -2.71
C VAL A 20 -0.54 11.39 -1.69
N ASP A 21 -1.22 12.40 -1.17
CA ASP A 21 -0.63 13.29 -0.17
C ASP A 21 -0.56 12.61 1.19
N SER A 22 0.55 12.83 1.90
CA SER A 22 0.74 12.23 3.22
C SER A 22 0.07 13.07 4.29
N ASN A 23 -0.70 12.40 5.16
CA ASN A 23 -1.40 13.09 6.24
C ASN A 23 -2.13 12.08 7.13
N HIS A 24 -2.78 11.10 6.51
CA HIS A 24 -3.51 10.08 7.24
C HIS A 24 -2.64 8.84 7.46
N THR A 25 -3.15 7.91 8.26
CA THR A 25 -2.42 6.68 8.56
C THR A 25 -2.44 5.72 7.36
N LEU A 26 -1.74 4.60 7.50
CA LEU A 26 -1.68 3.61 6.44
C LEU A 26 -3.07 3.21 5.97
N ARG A 27 -4.04 3.32 6.89
CA ARG A 27 -5.41 2.96 6.58
C ARG A 27 -5.89 3.70 5.32
N ASP A 28 -5.35 4.88 5.09
CA ASP A 28 -5.71 5.67 3.92
C ASP A 28 -5.03 5.14 2.67
N VAL A 29 -3.74 4.89 2.77
CA VAL A 29 -2.97 4.38 1.63
C VAL A 29 -3.50 3.01 1.18
N LEU A 30 -3.77 2.15 2.15
CA LEU A 30 -4.28 0.81 1.85
C LEU A 30 -5.71 0.88 1.34
N ARG A 31 -6.49 1.81 1.89
CA ARG A 31 -7.88 1.98 1.49
C ARG A 31 -7.99 2.22 -0.02
N GLN A 32 -7.14 3.10 -0.53
CA GLN A 32 -7.14 3.41 -1.96
C GLN A 32 -6.50 2.29 -2.76
N PHE A 33 -5.33 1.84 -2.31
CA PHE A 33 -4.61 0.77 -3.00
C PHE A 33 -5.50 -0.45 -3.18
N LYS A 34 -6.15 -0.88 -2.09
CA LYS A 34 -7.02 -2.04 -2.13
C LYS A 34 -8.30 -1.72 -2.91
N ARG A 35 -8.72 -0.47 -2.87
CA ARG A 35 -9.92 -0.04 -3.57
C ARG A 35 -9.72 -0.10 -5.09
N GLU A 36 -8.46 0.01 -5.51
CA GLU A 36 -8.14 -0.02 -6.93
C GLU A 36 -7.66 -1.41 -7.34
N VAL A 37 -6.86 -2.04 -6.48
CA VAL A 37 -6.35 -3.38 -6.75
C VAL A 37 -7.47 -4.37 -7.02
N ALA A 38 -8.65 -4.06 -6.49
CA ALA A 38 -9.81 -4.94 -6.68
C ALA A 38 -10.30 -4.89 -8.12
N ALA A 39 -9.83 -3.89 -8.87
CA ALA A 39 -10.23 -3.74 -10.27
C ALA A 39 -9.74 -4.92 -11.11
N LEU A 40 -8.53 -5.40 -10.81
CA LEU A 40 -7.96 -6.52 -11.54
C LEU A 40 -7.82 -7.75 -10.63
N ASP A 41 -7.76 -7.50 -9.33
CA ASP A 41 -7.63 -8.58 -8.36
C ASP A 41 -8.98 -8.92 -7.73
N PRO A 42 -9.58 -10.02 -8.17
CA PRO A 42 -10.88 -10.47 -7.67
C PRO A 42 -10.81 -10.98 -6.23
N ILE A 43 -9.59 -11.16 -5.73
CA ILE A 43 -9.38 -11.63 -4.38
C ILE A 43 -9.59 -10.50 -3.36
N ASN A 44 -10.10 -10.86 -2.19
CA ASN A 44 -10.35 -9.88 -1.14
C ASN A 44 -9.04 -9.43 -0.49
N LEU A 45 -9.03 -8.20 0.01
CA LEU A 45 -7.84 -7.65 0.65
C LEU A 45 -7.56 -8.36 1.97
N GLU A 46 -8.60 -8.90 2.58
CA GLU A 46 -8.46 -9.61 3.85
C GLU A 46 -7.86 -11.00 3.64
N GLU A 47 -7.77 -11.41 2.37
CA GLU A 47 -7.22 -12.71 2.03
C GLU A 47 -5.70 -12.65 1.95
N TYR A 48 -5.18 -11.50 1.57
CA TYR A 48 -3.74 -11.31 1.45
C TYR A 48 -3.26 -10.13 2.30
N VAL A 49 -1.95 -10.00 2.44
CA VAL A 49 -1.37 -8.92 3.22
C VAL A 49 -0.35 -8.14 2.40
N VAL A 50 -0.17 -6.86 2.74
CA VAL A 50 0.77 -6.00 2.03
C VAL A 50 1.93 -5.62 2.94
N ASN A 51 3.16 -5.85 2.47
CA ASN A 51 4.35 -5.53 3.23
C ASN A 51 5.21 -4.50 2.50
N HIS A 52 5.85 -3.62 3.26
CA HIS A 52 6.71 -2.60 2.68
C HIS A 52 8.19 -2.88 2.96
N GLU A 53 8.94 -3.18 1.91
CA GLU A 53 10.36 -3.47 2.05
C GLU A 53 10.58 -4.57 3.08
N GLY A 54 9.64 -5.49 3.18
CA GLY A 54 9.75 -6.58 4.13
C GLY A 54 9.14 -6.24 5.48
N LYS A 55 8.38 -5.15 5.53
CA LYS A 55 7.76 -4.72 6.76
C LYS A 55 6.26 -5.00 6.74
N LEU A 56 5.78 -5.71 7.75
CA LEU A 56 4.36 -6.04 7.85
C LEU A 56 3.69 -5.27 8.98
N LEU A 57 2.75 -4.40 8.62
CA LEU A 57 2.04 -3.60 9.60
C LEU A 57 0.76 -4.30 10.05
N LEU A 58 0.79 -4.88 11.24
CA LEU A 58 -0.36 -5.59 11.79
C LEU A 58 -1.57 -4.67 11.87
N ASP A 59 -1.31 -3.36 11.97
CA ASP A 59 -2.39 -2.38 12.05
C ASP A 59 -2.11 -1.20 11.11
N ASP A 60 -3.17 -0.61 10.58
CA ASP A 60 -3.05 0.53 9.67
C ASP A 60 -3.20 1.84 10.44
N SER A 61 -2.69 1.87 11.66
CA SER A 61 -2.78 3.07 12.49
C SER A 61 -1.53 3.94 12.33
N VAL A 62 -0.42 3.30 11.95
CA VAL A 62 0.84 4.00 11.76
C VAL A 62 0.88 4.68 10.39
N THR A 63 1.34 5.92 10.37
CA THR A 63 1.43 6.68 9.12
C THR A 63 2.65 6.25 8.31
N LEU A 64 2.71 6.71 7.07
CA LEU A 64 3.82 6.38 6.18
C LEU A 64 5.17 6.73 6.83
N GLN A 65 5.24 7.93 7.41
CA GLN A 65 6.45 8.39 8.08
C GLN A 65 6.64 7.69 9.41
N THR A 66 5.53 7.31 10.04
CA THR A 66 5.58 6.62 11.32
C THR A 66 6.38 5.33 11.24
N VAL A 67 6.28 4.64 10.11
CA VAL A 67 7.00 3.39 9.89
C VAL A 67 8.37 3.65 9.29
N GLY A 68 8.50 4.78 8.59
CA GLY A 68 9.77 5.12 7.97
C GLY A 68 9.78 4.86 6.48
N VAL A 69 8.64 5.11 5.83
CA VAL A 69 8.52 4.90 4.40
C VAL A 69 9.38 5.90 3.62
N LYS A 70 10.23 5.37 2.74
CA LYS A 70 11.10 6.21 1.93
C LYS A 70 10.31 6.95 0.86
N LYS A 71 10.99 7.81 0.12
CA LYS A 71 10.36 8.58 -0.96
C LYS A 71 9.74 7.65 -2.00
N ASP A 72 10.51 6.67 -2.45
CA ASP A 72 10.04 5.71 -3.44
C ASP A 72 8.84 4.93 -2.92
N SER A 73 8.96 4.44 -1.68
CA SER A 73 7.89 3.68 -1.07
C SER A 73 7.51 2.48 -1.93
N VAL A 74 8.18 1.35 -1.71
CA VAL A 74 7.91 0.14 -2.48
C VAL A 74 7.47 -0.99 -1.56
N PHE A 75 6.27 -1.50 -1.81
CA PHE A 75 5.72 -2.60 -1.01
C PHE A 75 5.27 -3.75 -1.89
N VAL A 76 5.62 -4.97 -1.49
CA VAL A 76 5.25 -6.16 -2.25
C VAL A 76 4.23 -7.00 -1.49
N LEU A 77 3.26 -7.54 -2.23
CA LEU A 77 2.22 -8.37 -1.63
C LEU A 77 2.36 -9.83 -2.07
N VAL A 78 2.25 -10.74 -1.11
CA VAL A 78 2.35 -12.17 -1.41
C VAL A 78 1.09 -12.91 -0.99
N ARG A 79 0.66 -13.85 -1.83
CA ARG A 79 -0.54 -14.63 -1.55
C ARG A 79 -0.27 -15.68 -0.47
N LYS A 80 -0.63 -15.35 0.76
CA LYS A 80 -0.43 -16.27 1.88
C LYS A 80 -1.56 -17.28 1.97
N ALA A 81 -2.75 -16.88 1.50
CA ALA A 81 -3.91 -17.75 1.53
C ALA A 81 -4.77 -17.55 0.29
N MET A 1 -3.09 19.70 -4.58
CA MET A 1 -1.72 19.54 -5.07
C MET A 1 -0.74 20.32 -4.20
N SER A 2 -0.54 19.86 -2.97
CA SER A 2 0.37 20.52 -2.05
C SER A 2 1.54 19.61 -1.70
N GLU A 3 1.23 18.37 -1.32
CA GLU A 3 2.27 17.40 -0.97
C GLU A 3 1.98 16.05 -1.59
N THR A 4 2.61 15.77 -2.73
CA THR A 4 2.41 14.51 -3.43
C THR A 4 3.48 13.50 -3.04
N ILE A 5 3.10 12.22 -3.04
CA ILE A 5 4.02 11.16 -2.67
C ILE A 5 3.84 9.95 -3.59
N PRO A 6 4.75 9.80 -4.55
CA PRO A 6 4.73 8.68 -5.51
C PRO A 6 5.06 7.35 -4.85
N VAL A 7 4.13 6.41 -4.93
CA VAL A 7 4.32 5.09 -4.35
C VAL A 7 4.27 4.00 -5.42
N SER A 8 4.97 2.89 -5.16
CA SER A 8 5.00 1.78 -6.11
C SER A 8 4.63 0.47 -5.41
N VAL A 9 3.79 -0.32 -6.07
CA VAL A 9 3.36 -1.61 -5.51
C VAL A 9 3.60 -2.73 -6.50
N GLN A 10 4.07 -3.87 -5.99
CA GLN A 10 4.35 -5.03 -6.83
C GLN A 10 3.33 -6.14 -6.58
N CYS A 11 2.86 -6.76 -7.66
CA CYS A 11 1.89 -7.83 -7.56
C CYS A 11 2.27 -9.00 -8.46
N CYS A 12 1.90 -10.21 -8.04
CA CYS A 12 2.20 -11.41 -8.82
C CYS A 12 1.61 -11.33 -10.21
N GLU A 13 0.57 -10.52 -10.36
CA GLU A 13 -0.09 -10.35 -11.65
C GLU A 13 0.52 -9.20 -12.43
N GLY A 14 1.17 -8.29 -11.72
CA GLY A 14 1.79 -7.14 -12.36
C GLY A 14 2.14 -6.04 -11.38
N ARG A 15 2.66 -4.93 -11.90
CA ARG A 15 3.04 -3.80 -11.06
C ARG A 15 2.08 -2.63 -11.27
N PHE A 16 1.86 -1.85 -10.22
CA PHE A 16 0.96 -0.71 -10.28
C PHE A 16 1.53 0.47 -9.49
N GLU A 17 1.57 1.64 -10.11
CA GLU A 17 2.08 2.84 -9.46
C GLU A 17 0.97 3.85 -9.22
N LEU A 18 1.07 4.58 -8.11
CA LEU A 18 0.06 5.58 -7.77
C LEU A 18 0.67 6.68 -6.89
N SER A 19 -0.06 7.77 -6.74
CA SER A 19 0.40 8.90 -5.94
C SER A 19 -0.67 9.36 -4.96
N VAL A 20 -0.29 9.53 -3.70
CA VAL A 20 -1.21 9.97 -2.67
C VAL A 20 -0.53 10.87 -1.65
N ASP A 21 -1.30 11.76 -1.04
CA ASP A 21 -0.77 12.68 -0.05
C ASP A 21 -0.77 12.06 1.33
N SER A 22 0.29 12.31 2.09
CA SER A 22 0.41 11.76 3.45
C SER A 22 -0.34 12.63 4.44
N ASN A 23 -1.15 11.99 5.28
CA ASN A 23 -1.93 12.69 6.29
C ASN A 23 -2.73 11.72 7.15
N HIS A 24 -3.34 10.72 6.51
CA HIS A 24 -4.13 9.72 7.21
C HIS A 24 -3.28 8.49 7.53
N THR A 25 -3.84 7.57 8.29
CA THR A 25 -3.15 6.35 8.67
C THR A 25 -3.07 5.38 7.50
N LEU A 26 -2.38 4.25 7.71
CA LEU A 26 -2.23 3.25 6.67
C LEU A 26 -3.58 2.85 6.09
N ARG A 27 -4.63 2.96 6.91
CA ARG A 27 -5.97 2.61 6.48
C ARG A 27 -6.33 3.34 5.18
N ASP A 28 -5.91 4.60 5.07
CA ASP A 28 -6.18 5.39 3.89
C ASP A 28 -5.41 4.87 2.69
N VAL A 29 -4.12 4.61 2.90
CA VAL A 29 -3.26 4.11 1.82
C VAL A 29 -3.81 2.81 1.24
N LEU A 30 -4.25 1.92 2.12
CA LEU A 30 -4.80 0.63 1.69
C LEU A 30 -6.15 0.83 1.02
N ARG A 31 -6.93 1.78 1.52
CA ARG A 31 -8.25 2.07 0.97
C ARG A 31 -8.16 2.35 -0.53
N GLN A 32 -7.19 3.17 -0.91
CA GLN A 32 -7.00 3.53 -2.31
C GLN A 32 -6.34 2.39 -3.08
N PHE A 33 -5.34 1.78 -2.48
CA PHE A 33 -4.64 0.67 -3.11
C PHE A 33 -5.60 -0.45 -3.49
N LYS A 34 -6.43 -0.85 -2.53
CA LYS A 34 -7.40 -1.91 -2.75
C LYS A 34 -8.53 -1.44 -3.66
N ARG A 35 -8.82 -0.14 -3.60
CA ARG A 35 -9.88 0.44 -4.42
C ARG A 35 -9.51 0.38 -5.90
N GLU A 36 -8.21 0.34 -6.18
CA GLU A 36 -7.73 0.28 -7.55
C GLU A 36 -7.30 -1.14 -7.93
N VAL A 37 -6.49 -1.74 -7.07
CA VAL A 37 -6.00 -3.10 -7.31
C VAL A 37 -7.17 -4.07 -7.48
N ALA A 38 -8.32 -3.70 -6.94
CA ALA A 38 -9.51 -4.55 -7.03
C ALA A 38 -9.98 -4.68 -8.47
N ALA A 39 -9.46 -3.81 -9.33
CA ALA A 39 -9.82 -3.85 -10.75
C ALA A 39 -9.37 -5.15 -11.40
N LEU A 40 -8.20 -5.64 -11.00
CA LEU A 40 -7.66 -6.87 -11.56
C LEU A 40 -7.62 -7.97 -10.49
N ASP A 41 -7.59 -7.56 -9.23
CA ASP A 41 -7.55 -8.50 -8.12
C ASP A 41 -8.94 -8.68 -7.50
N PRO A 42 -9.58 -9.82 -7.82
CA PRO A 42 -10.92 -10.13 -7.32
C PRO A 42 -10.92 -10.44 -5.82
N ILE A 43 -9.78 -10.92 -5.33
CA ILE A 43 -9.65 -11.25 -3.91
C ILE A 43 -9.75 -10.00 -3.05
N ASN A 44 -10.30 -10.15 -1.85
CA ASN A 44 -10.45 -9.04 -0.93
C ASN A 44 -9.10 -8.66 -0.30
N LEU A 45 -9.03 -7.47 0.26
CA LEU A 45 -7.81 -6.99 0.89
C LEU A 45 -7.48 -7.81 2.13
N GLU A 46 -8.51 -8.26 2.83
CA GLU A 46 -8.33 -9.06 4.03
C GLU A 46 -7.94 -10.49 3.68
N GLU A 47 -8.03 -10.83 2.40
CA GLU A 47 -7.68 -12.17 1.93
C GLU A 47 -6.19 -12.29 1.68
N TYR A 48 -5.46 -11.19 1.92
CA TYR A 48 -4.02 -11.16 1.71
C TYR A 48 -3.37 -10.02 2.49
N VAL A 49 -2.05 -10.03 2.55
CA VAL A 49 -1.31 -9.00 3.27
C VAL A 49 -0.29 -8.33 2.35
N VAL A 50 0.01 -7.06 2.66
CA VAL A 50 0.97 -6.31 1.87
C VAL A 50 2.19 -5.93 2.70
N ASN A 51 3.38 -6.10 2.13
CA ASN A 51 4.62 -5.78 2.82
C ASN A 51 5.31 -4.59 2.16
N HIS A 52 5.95 -3.76 2.98
CA HIS A 52 6.66 -2.58 2.48
C HIS A 52 8.17 -2.75 2.63
N GLU A 53 8.86 -2.84 1.50
CA GLU A 53 10.31 -3.00 1.50
C GLU A 53 10.72 -4.18 2.37
N GLY A 54 9.87 -5.21 2.41
CA GLY A 54 10.17 -6.38 3.21
C GLY A 54 9.65 -6.26 4.64
N LYS A 55 8.80 -5.27 4.87
CA LYS A 55 8.24 -5.05 6.19
C LYS A 55 6.77 -5.47 6.23
N LEU A 56 6.43 -6.34 7.18
CA LEU A 56 5.06 -6.82 7.32
C LEU A 56 4.37 -6.14 8.51
N LEU A 57 3.32 -5.38 8.21
CA LEU A 57 2.57 -4.68 9.25
C LEU A 57 1.40 -5.52 9.74
N LEU A 58 0.95 -5.26 10.96
CA LEU A 58 -0.16 -5.99 11.54
C LEU A 58 -1.42 -5.12 11.60
N ASP A 59 -1.24 -3.88 12.04
CA ASP A 59 -2.36 -2.94 12.15
C ASP A 59 -2.14 -1.73 11.25
N ASP A 60 -3.19 -0.96 11.01
CA ASP A 60 -3.11 0.22 10.17
C ASP A 60 -3.22 1.49 11.01
N SER A 61 -2.63 1.45 12.21
CA SER A 61 -2.66 2.59 13.11
C SER A 61 -1.45 3.49 12.90
N VAL A 62 -0.40 2.92 12.31
CA VAL A 62 0.83 3.67 12.05
C VAL A 62 0.72 4.45 10.74
N THR A 63 1.13 5.71 10.77
CA THR A 63 1.08 6.57 9.60
C THR A 63 2.16 6.19 8.60
N LEU A 64 2.32 7.00 7.55
CA LEU A 64 3.32 6.75 6.53
C LEU A 64 4.73 6.94 7.09
N GLN A 65 4.95 8.08 7.73
CA GLN A 65 6.26 8.39 8.31
C GLN A 65 6.49 7.57 9.57
N THR A 66 5.41 7.23 10.26
CA THR A 66 5.50 6.45 11.49
C THR A 66 6.20 5.11 11.24
N VAL A 67 5.86 4.47 10.13
CA VAL A 67 6.46 3.18 9.77
C VAL A 67 7.84 3.37 9.16
N GLY A 68 8.06 4.54 8.56
CA GLY A 68 9.34 4.82 7.95
C GLY A 68 9.30 4.70 6.44
N VAL A 69 8.18 5.10 5.84
CA VAL A 69 8.02 5.03 4.40
C VAL A 69 8.95 6.01 3.68
N LYS A 70 9.79 5.47 2.80
CA LYS A 70 10.74 6.30 2.05
C LYS A 70 10.02 7.14 1.01
N LYS A 71 10.76 8.00 0.32
CA LYS A 71 10.19 8.85 -0.72
C LYS A 71 9.56 8.02 -1.83
N ASP A 72 10.22 6.93 -2.21
CA ASP A 72 9.73 6.05 -3.26
C ASP A 72 8.60 5.17 -2.73
N SER A 73 8.81 4.58 -1.56
CA SER A 73 7.82 3.70 -0.94
C SER A 73 7.51 2.53 -1.85
N VAL A 74 8.26 1.45 -1.70
CA VAL A 74 8.07 0.25 -2.50
C VAL A 74 7.56 -0.91 -1.65
N PHE A 75 6.37 -1.41 -2.00
CA PHE A 75 5.77 -2.51 -1.26
C PHE A 75 5.39 -3.65 -2.21
N VAL A 76 5.71 -4.88 -1.81
CA VAL A 76 5.40 -6.05 -2.62
C VAL A 76 4.23 -6.83 -2.04
N LEU A 77 3.43 -7.42 -2.92
CA LEU A 77 2.26 -8.20 -2.48
C LEU A 77 2.66 -9.64 -2.19
N VAL A 78 2.17 -10.16 -1.07
CA VAL A 78 2.46 -11.53 -0.67
C VAL A 78 1.25 -12.19 -0.04
N ARG A 79 1.03 -13.46 -0.38
CA ARG A 79 -0.12 -14.20 0.16
C ARG A 79 0.33 -15.13 1.28
N LYS A 80 -0.52 -15.30 2.28
CA LYS A 80 -0.22 -16.16 3.41
C LYS A 80 -0.54 -17.61 3.09
N ALA A 81 -1.61 -17.82 2.33
CA ALA A 81 -2.02 -19.17 1.94
C ALA A 81 -2.44 -19.22 0.48
N MET A 1 -3.04 19.11 -5.24
CA MET A 1 -1.63 18.95 -5.56
C MET A 1 -0.76 19.45 -4.42
N SER A 2 -1.22 19.27 -3.20
CA SER A 2 -0.48 19.71 -2.02
C SER A 2 0.26 18.53 -1.38
N GLU A 3 1.59 18.58 -1.44
CA GLU A 3 2.41 17.52 -0.87
C GLU A 3 2.09 16.18 -1.51
N THR A 4 2.79 15.85 -2.59
CA THR A 4 2.58 14.60 -3.30
C THR A 4 3.63 13.57 -2.91
N ILE A 5 3.23 12.30 -2.90
CA ILE A 5 4.14 11.22 -2.53
C ILE A 5 3.92 10.00 -3.45
N PRO A 6 4.83 9.84 -4.42
CA PRO A 6 4.77 8.72 -5.38
C PRO A 6 5.08 7.38 -4.71
N VAL A 7 4.18 6.42 -4.89
CA VAL A 7 4.36 5.09 -4.31
C VAL A 7 4.34 4.02 -5.39
N SER A 8 5.03 2.91 -5.13
CA SER A 8 5.09 1.81 -6.08
C SER A 8 4.69 0.49 -5.42
N VAL A 9 3.87 -0.29 -6.11
CA VAL A 9 3.41 -1.57 -5.59
C VAL A 9 3.69 -2.70 -6.58
N GLN A 10 4.13 -3.84 -6.05
CA GLN A 10 4.44 -4.99 -6.90
C GLN A 10 3.40 -6.09 -6.71
N CYS A 11 2.98 -6.69 -7.80
CA CYS A 11 1.99 -7.76 -7.76
C CYS A 11 2.40 -8.93 -8.66
N CYS A 12 2.01 -10.14 -8.27
CA CYS A 12 2.33 -11.34 -9.04
C CYS A 12 1.79 -11.24 -10.46
N GLU A 13 0.75 -10.41 -10.63
CA GLU A 13 0.12 -10.24 -11.94
C GLU A 13 0.77 -9.07 -12.69
N GLY A 14 1.39 -8.17 -11.95
CA GLY A 14 2.03 -7.02 -12.57
C GLY A 14 2.36 -5.93 -11.57
N ARG A 15 2.86 -4.81 -12.05
CA ARG A 15 3.22 -3.69 -11.19
C ARG A 15 2.25 -2.53 -11.37
N PHE A 16 1.99 -1.80 -10.28
CA PHE A 16 1.08 -0.66 -10.31
C PHE A 16 1.61 0.49 -9.48
N GLU A 17 1.58 1.69 -10.04
CA GLU A 17 2.06 2.88 -9.34
C GLU A 17 0.91 3.82 -9.03
N LEU A 18 1.06 4.59 -7.95
CA LEU A 18 0.03 5.53 -7.54
C LEU A 18 0.64 6.65 -6.69
N SER A 19 -0.16 7.69 -6.44
CA SER A 19 0.29 8.83 -5.65
C SER A 19 -0.73 9.18 -4.57
N VAL A 20 -0.22 9.50 -3.38
CA VAL A 20 -1.09 9.85 -2.26
C VAL A 20 -0.43 10.89 -1.36
N ASP A 21 -1.24 11.71 -0.70
CA ASP A 21 -0.73 12.74 0.19
C ASP A 21 -0.69 12.23 1.63
N SER A 22 0.37 12.60 2.35
CA SER A 22 0.54 12.17 3.73
C SER A 22 -0.25 13.09 4.68
N ASN A 23 -1.01 12.48 5.58
CA ASN A 23 -1.81 13.24 6.53
C ASN A 23 -2.64 12.30 7.41
N HIS A 24 -3.06 11.18 6.83
CA HIS A 24 -3.86 10.19 7.55
C HIS A 24 -3.02 8.97 7.93
N THR A 25 -3.60 8.08 8.72
CA THR A 25 -2.91 6.87 9.16
C THR A 25 -2.81 5.86 8.03
N LEU A 26 -2.01 4.82 8.25
CA LEU A 26 -1.84 3.77 7.24
C LEU A 26 -3.18 3.23 6.77
N ARG A 27 -4.17 3.29 7.65
CA ARG A 27 -5.51 2.79 7.32
C ARG A 27 -6.02 3.42 6.03
N ASP A 28 -5.75 4.72 5.86
CA ASP A 28 -6.18 5.43 4.66
C ASP A 28 -5.41 4.96 3.44
N VAL A 29 -4.08 4.87 3.59
CA VAL A 29 -3.22 4.43 2.49
C VAL A 29 -3.62 3.04 2.00
N LEU A 30 -3.77 2.11 2.95
CA LEU A 30 -4.14 0.74 2.61
C LEU A 30 -5.50 0.70 1.92
N ARG A 31 -6.40 1.57 2.34
CA ARG A 31 -7.74 1.64 1.77
C ARG A 31 -7.67 1.93 0.26
N GLN A 32 -6.84 2.92 -0.11
CA GLN A 32 -6.68 3.29 -1.50
C GLN A 32 -6.07 2.15 -2.31
N PHE A 33 -4.98 1.60 -1.81
CA PHE A 33 -4.29 0.50 -2.48
C PHE A 33 -5.26 -0.64 -2.77
N LYS A 34 -6.07 -0.99 -1.78
CA LYS A 34 -7.03 -2.07 -1.94
C LYS A 34 -8.12 -1.69 -2.94
N ARG A 35 -8.41 -0.40 -3.04
CA ARG A 35 -9.42 0.09 -3.96
C ARG A 35 -8.86 0.16 -5.39
N GLU A 36 -7.55 0.28 -5.51
CA GLU A 36 -6.89 0.35 -6.80
C GLU A 36 -6.38 -1.02 -7.23
N VAL A 37 -6.35 -1.96 -6.29
CA VAL A 37 -5.88 -3.31 -6.56
C VAL A 37 -7.04 -4.25 -6.87
N ALA A 38 -8.23 -3.88 -6.39
CA ALA A 38 -9.42 -4.68 -6.61
C ALA A 38 -9.88 -4.59 -8.06
N ALA A 39 -9.36 -3.61 -8.79
CA ALA A 39 -9.71 -3.42 -10.18
C ALA A 39 -9.24 -4.61 -11.04
N LEU A 40 -8.08 -5.14 -10.70
CA LEU A 40 -7.52 -6.28 -11.43
C LEU A 40 -7.49 -7.53 -10.56
N ASP A 41 -7.48 -7.33 -9.24
CA ASP A 41 -7.45 -8.44 -8.30
C ASP A 41 -8.84 -8.71 -7.74
N PRO A 42 -9.48 -9.78 -8.25
CA PRO A 42 -10.83 -10.17 -7.82
C PRO A 42 -10.85 -10.72 -6.40
N ILE A 43 -9.69 -11.18 -5.93
CA ILE A 43 -9.58 -11.73 -4.58
C ILE A 43 -9.80 -10.65 -3.54
N ASN A 44 -10.39 -11.04 -2.41
CA ASN A 44 -10.66 -10.10 -1.32
C ASN A 44 -9.36 -9.65 -0.65
N LEU A 45 -9.38 -8.45 -0.09
CA LEU A 45 -8.20 -7.91 0.58
C LEU A 45 -7.92 -8.67 1.88
N GLU A 46 -8.96 -9.26 2.46
CA GLU A 46 -8.82 -10.02 3.69
C GLU A 46 -8.22 -11.39 3.43
N GLU A 47 -8.13 -11.74 2.14
CA GLU A 47 -7.58 -13.04 1.75
C GLU A 47 -6.05 -12.96 1.66
N TYR A 48 -5.54 -11.80 1.31
CA TYR A 48 -4.10 -11.60 1.18
C TYR A 48 -3.63 -10.45 2.07
N VAL A 49 -2.32 -10.30 2.20
CA VAL A 49 -1.73 -9.25 3.02
C VAL A 49 -0.69 -8.45 2.23
N VAL A 50 -0.61 -7.16 2.51
CA VAL A 50 0.33 -6.29 1.82
C VAL A 50 1.52 -5.95 2.73
N ASN A 51 2.72 -6.08 2.18
CA ASN A 51 3.93 -5.80 2.93
C ASN A 51 4.72 -4.65 2.29
N HIS A 52 5.36 -3.84 3.13
CA HIS A 52 6.15 -2.72 2.65
C HIS A 52 7.64 -2.96 2.87
N GLU A 53 8.37 -3.12 1.77
CA GLU A 53 9.81 -3.36 1.84
C GLU A 53 10.12 -4.53 2.77
N GLY A 54 9.21 -5.50 2.80
CA GLY A 54 9.41 -6.66 3.65
C GLY A 54 8.86 -6.46 5.05
N LYS A 55 8.05 -5.42 5.22
CA LYS A 55 7.46 -5.11 6.52
C LYS A 55 5.96 -5.43 6.51
N LEU A 56 5.48 -5.97 7.63
CA LEU A 56 4.07 -6.32 7.75
C LEU A 56 3.37 -5.44 8.79
N LEU A 57 2.29 -4.79 8.37
CA LEU A 57 1.53 -3.92 9.27
C LEU A 57 0.46 -4.70 10.02
N LEU A 58 0.06 -4.17 11.17
CA LEU A 58 -0.96 -4.82 11.98
C LEU A 58 -2.08 -3.84 12.34
N ASP A 59 -1.73 -2.81 13.11
CA ASP A 59 -2.69 -1.80 13.51
C ASP A 59 -2.93 -0.79 12.40
N ASP A 60 -1.93 -0.61 11.54
CA ASP A 60 -2.03 0.34 10.43
C ASP A 60 -2.46 1.71 10.92
N SER A 61 -2.12 2.03 12.16
CA SER A 61 -2.48 3.32 12.75
C SER A 61 -1.37 4.34 12.54
N VAL A 62 -0.14 3.85 12.40
CA VAL A 62 1.01 4.72 12.19
C VAL A 62 0.94 5.41 10.83
N THR A 63 1.66 6.52 10.70
CA THR A 63 1.68 7.28 9.45
C THR A 63 2.66 6.67 8.46
N LEU A 64 2.44 6.94 7.18
CA LEU A 64 3.30 6.41 6.12
C LEU A 64 4.76 6.78 6.40
N GLN A 65 4.98 8.00 6.87
CA GLN A 65 6.33 8.47 7.17
C GLN A 65 6.86 7.83 8.44
N THR A 66 6.00 7.70 9.44
CA THR A 66 6.38 7.10 10.71
C THR A 66 6.90 5.69 10.52
N VAL A 67 6.34 4.98 9.54
CA VAL A 67 6.76 3.61 9.25
C VAL A 67 8.15 3.58 8.63
N GLY A 68 8.54 4.69 8.02
CA GLY A 68 9.84 4.77 7.38
C GLY A 68 9.76 4.63 5.88
N VAL A 69 8.60 4.91 5.31
CA VAL A 69 8.39 4.81 3.88
C VAL A 69 9.20 5.87 3.14
N LYS A 70 10.18 5.42 2.35
CA LYS A 70 11.02 6.33 1.58
C LYS A 70 10.25 6.95 0.43
N LYS A 71 10.89 7.86 -0.30
CA LYS A 71 10.27 8.52 -1.44
C LYS A 71 9.79 7.50 -2.47
N ASP A 72 10.53 6.39 -2.58
CA ASP A 72 10.18 5.34 -3.53
C ASP A 72 8.92 4.59 -3.07
N SER A 73 8.90 4.23 -1.79
CA SER A 73 7.77 3.50 -1.23
C SER A 73 7.44 2.27 -2.06
N VAL A 74 8.19 1.19 -1.83
CA VAL A 74 7.99 -0.05 -2.55
C VAL A 74 7.40 -1.13 -1.65
N PHE A 75 6.21 -1.62 -2.01
CA PHE A 75 5.55 -2.65 -1.22
C PHE A 75 5.15 -3.83 -2.10
N VAL A 76 5.40 -5.04 -1.60
CA VAL A 76 5.08 -6.25 -2.35
C VAL A 76 3.67 -6.74 -2.01
N LEU A 77 3.00 -7.32 -3.00
CA LEU A 77 1.65 -7.83 -2.81
C LEU A 77 1.62 -9.35 -2.90
N VAL A 78 1.31 -10.01 -1.78
CA VAL A 78 1.25 -11.47 -1.74
C VAL A 78 0.09 -11.94 -0.86
N ARG A 79 -0.35 -13.18 -1.09
CA ARG A 79 -1.44 -13.75 -0.32
C ARG A 79 -0.95 -14.91 0.54
N LYS A 80 -1.48 -15.01 1.75
CA LYS A 80 -1.10 -16.08 2.67
C LYS A 80 -2.11 -17.23 2.62
N ALA A 81 -3.39 -16.88 2.52
CA ALA A 81 -4.44 -17.88 2.45
C ALA A 81 -5.30 -17.69 1.20
N MET A 1 2.42 14.99 4.81
CA MET A 1 3.16 16.25 4.71
C MET A 1 2.74 17.05 3.49
N SER A 2 1.48 16.86 3.06
CA SER A 2 0.96 17.55 1.90
C SER A 2 1.74 17.19 0.65
N GLU A 3 1.49 17.92 -0.43
CA GLU A 3 2.16 17.67 -1.70
C GLU A 3 1.83 16.28 -2.24
N THR A 4 2.44 15.93 -3.36
CA THR A 4 2.20 14.64 -3.98
C THR A 4 3.24 13.62 -3.54
N ILE A 5 2.82 12.35 -3.44
CA ILE A 5 3.72 11.28 -3.03
C ILE A 5 3.52 10.04 -3.88
N PRO A 6 4.43 9.81 -4.83
CA PRO A 6 4.38 8.65 -5.73
C PRO A 6 4.66 7.34 -5.00
N VAL A 7 3.73 6.40 -5.10
CA VAL A 7 3.88 5.10 -4.45
C VAL A 7 3.76 3.97 -5.46
N SER A 8 4.42 2.85 -5.16
CA SER A 8 4.39 1.69 -6.04
C SER A 8 4.09 0.42 -5.26
N VAL A 9 3.20 -0.41 -5.82
CA VAL A 9 2.84 -1.67 -5.17
C VAL A 9 3.08 -2.85 -6.10
N GLN A 10 3.59 -3.94 -5.54
CA GLN A 10 3.87 -5.14 -6.33
C GLN A 10 2.89 -6.26 -5.97
N CYS A 11 2.39 -6.94 -6.99
CA CYS A 11 1.45 -8.04 -6.79
C CYS A 11 1.81 -9.24 -7.64
N CYS A 12 1.49 -10.44 -7.15
CA CYS A 12 1.79 -11.67 -7.86
C CYS A 12 1.09 -11.70 -9.22
N GLU A 13 0.04 -10.90 -9.35
CA GLU A 13 -0.71 -10.84 -10.61
C GLU A 13 -0.16 -9.75 -11.51
N GLY A 14 0.52 -8.77 -10.91
CA GLY A 14 1.09 -7.68 -11.69
C GLY A 14 1.54 -6.52 -10.82
N ARG A 15 1.91 -5.41 -11.45
CA ARG A 15 2.37 -4.24 -10.73
C ARG A 15 1.43 -3.05 -10.95
N PHE A 16 1.21 -2.27 -9.90
CA PHE A 16 0.34 -1.11 -9.99
C PHE A 16 0.91 0.06 -9.20
N GLU A 17 0.97 1.23 -9.83
CA GLU A 17 1.49 2.42 -9.19
C GLU A 17 0.40 3.48 -9.01
N LEU A 18 0.54 4.31 -7.99
CA LEU A 18 -0.43 5.36 -7.70
C LEU A 18 0.22 6.53 -6.98
N SER A 19 -0.47 7.66 -6.95
CA SER A 19 0.04 8.86 -6.30
C SER A 19 -1.01 9.47 -5.39
N VAL A 20 -0.65 9.68 -4.13
CA VAL A 20 -1.56 10.27 -3.15
C VAL A 20 -0.80 11.14 -2.15
N ASP A 21 -1.50 12.15 -1.63
CA ASP A 21 -0.91 13.07 -0.66
C ASP A 21 -0.82 12.42 0.72
N SER A 22 0.28 12.66 1.42
CA SER A 22 0.48 12.10 2.75
C SER A 22 -0.19 12.97 3.81
N ASN A 23 -0.95 12.33 4.69
CA ASN A 23 -1.65 13.05 5.76
C ASN A 23 -2.39 12.07 6.67
N HIS A 24 -3.04 11.08 6.07
CA HIS A 24 -3.78 10.08 6.83
C HIS A 24 -2.91 8.86 7.12
N THR A 25 -3.43 7.96 7.94
CA THR A 25 -2.70 6.74 8.30
C THR A 25 -2.70 5.74 7.15
N LEU A 26 -2.00 4.63 7.33
CA LEU A 26 -1.92 3.60 6.31
C LEU A 26 -3.31 3.17 5.86
N ARG A 27 -4.29 3.29 6.75
CA ARG A 27 -5.67 2.93 6.44
C ARG A 27 -6.14 3.61 5.16
N ASP A 28 -5.61 4.80 4.90
CA ASP A 28 -5.97 5.56 3.72
C ASP A 28 -5.28 5.00 2.48
N VAL A 29 -3.98 4.76 2.60
CA VAL A 29 -3.19 4.23 1.49
C VAL A 29 -3.71 2.86 1.05
N LEU A 30 -4.00 2.02 2.03
CA LEU A 30 -4.51 0.67 1.75
C LEU A 30 -5.94 0.74 1.21
N ARG A 31 -6.72 1.67 1.72
CA ARG A 31 -8.11 1.84 1.30
C ARG A 31 -8.19 2.05 -0.22
N GLN A 32 -7.32 2.91 -0.73
CA GLN A 32 -7.29 3.20 -2.16
C GLN A 32 -6.66 2.05 -2.94
N PHE A 33 -5.52 1.59 -2.45
CA PHE A 33 -4.80 0.49 -3.10
C PHE A 33 -5.71 -0.72 -3.29
N LYS A 34 -6.39 -1.11 -2.21
CA LYS A 34 -7.30 -2.25 -2.24
C LYS A 34 -8.55 -1.92 -3.06
N ARG A 35 -8.93 -0.65 -3.06
CA ARG A 35 -10.11 -0.21 -3.78
C ARG A 35 -9.86 -0.24 -5.29
N GLU A 36 -8.60 -0.14 -5.68
CA GLU A 36 -8.22 -0.17 -7.08
C GLU A 36 -7.76 -1.56 -7.51
N VAL A 37 -7.05 -2.23 -6.62
CA VAL A 37 -6.54 -3.57 -6.90
C VAL A 37 -7.68 -4.53 -7.24
N ALA A 38 -8.88 -4.20 -6.77
CA ALA A 38 -10.05 -5.03 -7.03
C ALA A 38 -10.50 -4.91 -8.48
N ALA A 39 -9.98 -3.89 -9.17
CA ALA A 39 -10.32 -3.67 -10.57
C ALA A 39 -9.83 -4.81 -11.45
N LEU A 40 -8.65 -5.33 -11.13
CA LEU A 40 -8.07 -6.44 -11.88
C LEU A 40 -8.00 -7.70 -11.04
N ASP A 41 -7.99 -7.53 -9.72
CA ASP A 41 -7.93 -8.66 -8.80
C ASP A 41 -9.31 -8.99 -8.26
N PRO A 42 -9.92 -10.06 -8.77
CA PRO A 42 -11.25 -10.50 -8.36
C PRO A 42 -11.25 -11.06 -6.93
N ILE A 43 -10.07 -11.46 -6.46
CA ILE A 43 -9.93 -12.01 -5.13
C ILE A 43 -9.85 -10.92 -4.07
N ASN A 44 -10.40 -11.20 -2.89
CA ASN A 44 -10.39 -10.23 -1.80
C ASN A 44 -8.97 -10.02 -1.26
N LEU A 45 -8.50 -8.79 -1.35
CA LEU A 45 -7.16 -8.45 -0.87
C LEU A 45 -7.08 -8.54 0.65
N GLU A 46 -8.24 -8.55 1.30
CA GLU A 46 -8.31 -8.63 2.75
C GLU A 46 -7.78 -9.98 3.24
N GLU A 47 -7.64 -10.92 2.32
CA GLU A 47 -7.16 -12.26 2.66
C GLU A 47 -5.63 -12.29 2.64
N TYR A 48 -5.03 -11.37 1.90
CA TYR A 48 -3.57 -11.29 1.81
C TYR A 48 -3.03 -10.10 2.59
N VAL A 49 -1.71 -10.06 2.75
CA VAL A 49 -1.07 -8.97 3.48
C VAL A 49 -0.01 -8.28 2.62
N VAL A 50 0.10 -6.97 2.78
CA VAL A 50 1.07 -6.19 2.02
C VAL A 50 2.15 -5.62 2.93
N ASN A 51 3.41 -5.82 2.54
CA ASN A 51 4.54 -5.33 3.33
C ASN A 51 5.17 -4.11 2.66
N HIS A 52 5.65 -3.18 3.48
CA HIS A 52 6.28 -1.97 2.97
C HIS A 52 7.78 -1.97 3.25
N GLU A 53 8.58 -2.07 2.20
CA GLU A 53 10.03 -2.08 2.36
C GLU A 53 10.47 -3.14 3.37
N GLY A 54 9.71 -4.23 3.42
CA GLY A 54 10.04 -5.31 4.35
C GLY A 54 9.36 -5.13 5.69
N LYS A 55 8.39 -4.23 5.75
CA LYS A 55 7.66 -3.96 6.99
C LYS A 55 6.25 -4.55 6.92
N LEU A 56 5.91 -5.37 7.90
CA LEU A 56 4.59 -6.00 7.96
C LEU A 56 3.61 -5.12 8.74
N LEU A 57 2.47 -4.83 8.14
CA LEU A 57 1.45 -4.01 8.78
C LEU A 57 0.36 -4.88 9.41
N LEU A 58 -0.32 -4.33 10.41
CA LEU A 58 -1.38 -5.06 11.09
C LEU A 58 -2.50 -4.11 11.53
N ASP A 59 -2.14 -3.12 12.33
CA ASP A 59 -3.11 -2.16 12.82
C ASP A 59 -3.36 -1.06 11.78
N ASP A 60 -2.41 -0.89 10.87
CA ASP A 60 -2.52 0.11 9.83
C ASP A 60 -2.80 1.48 10.41
N SER A 61 -2.36 1.70 11.64
CA SER A 61 -2.57 2.98 12.33
C SER A 61 -1.38 3.92 12.10
N VAL A 62 -0.23 3.34 11.77
CA VAL A 62 0.96 4.13 11.52
C VAL A 62 0.81 4.99 10.29
N THR A 63 1.50 6.13 10.27
CA THR A 63 1.44 7.06 9.15
C THR A 63 2.49 6.73 8.10
N LEU A 64 2.62 7.59 7.10
CA LEU A 64 3.58 7.39 6.03
C LEU A 64 5.01 7.57 6.54
N GLN A 65 5.24 8.66 7.28
CA GLN A 65 6.55 8.95 7.82
C GLN A 65 6.88 8.03 9.00
N THR A 66 5.84 7.59 9.70
CA THR A 66 6.00 6.70 10.85
C THR A 66 6.73 5.42 10.44
N VAL A 67 6.24 4.79 9.38
CA VAL A 67 6.85 3.55 8.90
C VAL A 67 8.22 3.81 8.29
N GLY A 68 8.43 5.03 7.81
CA GLY A 68 9.70 5.39 7.22
C GLY A 68 9.69 5.26 5.70
N VAL A 69 8.56 5.61 5.09
CA VAL A 69 8.42 5.53 3.64
C VAL A 69 9.30 6.55 2.94
N LYS A 70 9.99 6.11 1.89
CA LYS A 70 10.87 7.00 1.14
C LYS A 70 10.16 7.57 -0.08
N LYS A 71 10.85 8.45 -0.80
CA LYS A 71 10.28 9.07 -2.00
C LYS A 71 9.81 8.01 -2.98
N ASP A 72 10.45 6.85 -2.97
CA ASP A 72 10.08 5.75 -3.86
C ASP A 72 8.82 5.06 -3.37
N SER A 73 8.79 4.74 -2.08
CA SER A 73 7.64 4.07 -1.49
C SER A 73 7.27 2.82 -2.29
N VAL A 74 7.88 1.70 -1.95
CA VAL A 74 7.61 0.44 -2.64
C VAL A 74 7.21 -0.65 -1.66
N PHE A 75 6.04 -1.23 -1.88
CA PHE A 75 5.53 -2.29 -1.01
C PHE A 75 5.14 -3.52 -1.82
N VAL A 76 5.53 -4.69 -1.33
CA VAL A 76 5.23 -5.95 -2.01
C VAL A 76 4.00 -6.62 -1.41
N LEU A 77 3.23 -7.29 -2.25
CA LEU A 77 2.01 -7.97 -1.81
C LEU A 77 2.19 -9.48 -1.88
N VAL A 78 1.77 -10.19 -0.83
CA VAL A 78 1.87 -11.63 -0.78
C VAL A 78 0.65 -12.24 -0.09
N ARG A 79 0.23 -13.41 -0.59
CA ARG A 79 -0.92 -14.10 -0.03
C ARG A 79 -0.52 -14.91 1.20
N LYS A 80 -1.01 -14.50 2.36
CA LYS A 80 -0.71 -15.20 3.61
C LYS A 80 -1.72 -16.31 3.88
N ALA A 81 -2.96 -16.08 3.45
CA ALA A 81 -4.01 -17.08 3.65
C ALA A 81 -4.70 -17.42 2.32
N MET A 1 0.15 20.59 -7.77
CA MET A 1 0.75 19.58 -6.91
C MET A 1 1.08 20.16 -5.53
N SER A 2 0.55 19.53 -4.49
CA SER A 2 0.79 19.99 -3.12
C SER A 2 0.94 18.80 -2.17
N GLU A 3 2.13 18.69 -1.57
CA GLU A 3 2.40 17.60 -0.64
C GLU A 3 2.07 16.25 -1.26
N THR A 4 2.67 15.97 -2.43
CA THR A 4 2.44 14.72 -3.12
C THR A 4 3.49 13.68 -2.76
N ILE A 5 3.09 12.42 -2.75
CA ILE A 5 4.01 11.33 -2.42
C ILE A 5 3.78 10.13 -3.32
N PRO A 6 4.67 9.96 -4.32
CA PRO A 6 4.59 8.85 -5.27
C PRO A 6 4.91 7.51 -4.63
N VAL A 7 3.97 6.58 -4.70
CA VAL A 7 4.15 5.25 -4.13
C VAL A 7 4.05 4.17 -5.20
N SER A 8 4.73 3.05 -4.97
CA SER A 8 4.71 1.94 -5.92
C SER A 8 4.34 0.64 -5.22
N VAL A 9 3.55 -0.18 -5.90
CA VAL A 9 3.12 -1.46 -5.34
C VAL A 9 3.38 -2.60 -6.33
N GLN A 10 3.85 -3.73 -5.80
CA GLN A 10 4.14 -4.88 -6.62
C GLN A 10 3.12 -6.00 -6.38
N CYS A 11 2.67 -6.63 -7.46
CA CYS A 11 1.69 -7.71 -7.37
C CYS A 11 2.09 -8.88 -8.26
N CYS A 12 1.71 -10.08 -7.85
CA CYS A 12 2.03 -11.29 -8.61
C CYS A 12 1.34 -11.26 -9.97
N GLU A 13 0.25 -10.49 -10.06
CA GLU A 13 -0.50 -10.38 -11.30
C GLU A 13 0.00 -9.21 -12.15
N GLY A 14 0.62 -8.24 -11.49
CA GLY A 14 1.13 -7.08 -12.19
C GLY A 14 1.67 -6.02 -11.25
N ARG A 15 1.72 -4.78 -11.72
CA ARG A 15 2.21 -3.67 -10.91
C ARG A 15 1.22 -2.51 -10.91
N PHE A 16 1.15 -1.81 -9.78
CA PHE A 16 0.24 -0.68 -9.65
C PHE A 16 0.90 0.46 -8.87
N GLU A 17 0.87 1.66 -9.45
CA GLU A 17 1.47 2.83 -8.81
C GLU A 17 0.43 3.92 -8.61
N LEU A 18 0.63 4.75 -7.58
CA LEU A 18 -0.29 5.84 -7.28
C LEU A 18 0.40 6.91 -6.43
N SER A 19 -0.27 8.04 -6.28
CA SER A 19 0.28 9.15 -5.51
C SER A 19 -0.77 9.69 -4.52
N VAL A 20 -0.35 9.85 -3.27
CA VAL A 20 -1.24 10.36 -2.23
C VAL A 20 -0.49 11.25 -1.24
N ASP A 21 -1.20 12.20 -0.65
CA ASP A 21 -0.60 13.11 0.31
C ASP A 21 -0.50 12.47 1.68
N SER A 22 0.61 12.72 2.37
CA SER A 22 0.84 12.16 3.70
C SER A 22 0.15 13.00 4.77
N ASN A 23 -0.58 12.33 5.65
CA ASN A 23 -1.29 13.01 6.73
C ASN A 23 -2.10 12.02 7.56
N HIS A 24 -2.61 10.98 6.91
CA HIS A 24 -3.40 9.97 7.59
C HIS A 24 -2.58 8.69 7.81
N THR A 25 -3.15 7.75 8.55
CA THR A 25 -2.46 6.49 8.83
C THR A 25 -2.47 5.58 7.61
N LEU A 26 -1.74 4.46 7.71
CA LEU A 26 -1.66 3.51 6.61
C LEU A 26 -3.05 3.10 6.14
N ARG A 27 -4.02 3.15 7.06
CA ARG A 27 -5.39 2.78 6.74
C ARG A 27 -5.89 3.55 5.52
N ASP A 28 -5.38 4.76 5.34
CA ASP A 28 -5.77 5.59 4.22
C ASP A 28 -5.14 5.10 2.92
N VAL A 29 -3.84 4.83 2.97
CA VAL A 29 -3.11 4.35 1.80
C VAL A 29 -3.64 2.99 1.35
N LEU A 30 -3.97 2.14 2.31
CA LEU A 30 -4.49 0.80 2.01
C LEU A 30 -5.90 0.89 1.43
N ARG A 31 -6.68 1.84 1.92
CA ARG A 31 -8.04 2.03 1.46
C ARG A 31 -8.07 2.36 -0.03
N GLN A 32 -7.21 3.28 -0.43
CA GLN A 32 -7.13 3.69 -1.83
C GLN A 32 -6.49 2.60 -2.69
N PHE A 33 -5.40 2.02 -2.19
CA PHE A 33 -4.70 0.96 -2.91
C PHE A 33 -5.62 -0.24 -3.14
N LYS A 34 -6.32 -0.64 -2.10
CA LYS A 34 -7.25 -1.78 -2.18
C LYS A 34 -8.42 -1.45 -3.10
N ARG A 35 -8.83 -0.19 -3.11
CA ARG A 35 -9.94 0.25 -3.94
C ARG A 35 -9.51 0.41 -5.40
N GLU A 36 -8.22 0.64 -5.60
CA GLU A 36 -7.67 0.82 -6.94
C GLU A 36 -7.10 -0.49 -7.47
N VAL A 37 -6.94 -1.47 -6.59
CA VAL A 37 -6.41 -2.76 -6.96
C VAL A 37 -7.53 -3.78 -7.13
N ALA A 38 -8.65 -3.56 -6.45
CA ALA A 38 -9.78 -4.46 -6.52
C ALA A 38 -10.34 -4.52 -7.95
N ALA A 39 -9.97 -3.54 -8.75
CA ALA A 39 -10.43 -3.48 -10.14
C ALA A 39 -9.85 -4.64 -10.96
N LEU A 40 -8.65 -5.07 -10.59
CA LEU A 40 -7.99 -6.17 -11.28
C LEU A 40 -7.87 -7.40 -10.39
N ASP A 41 -7.91 -7.16 -9.07
CA ASP A 41 -7.80 -8.26 -8.11
C ASP A 41 -9.19 -8.64 -7.58
N PRO A 42 -9.72 -9.76 -8.08
CA PRO A 42 -11.04 -10.26 -7.67
C PRO A 42 -11.05 -10.78 -6.24
N ILE A 43 -9.87 -11.18 -5.75
CA ILE A 43 -9.74 -11.69 -4.40
C ILE A 43 -9.88 -10.57 -3.37
N ASN A 44 -10.45 -10.90 -2.22
CA ASN A 44 -10.64 -9.94 -1.15
C ASN A 44 -9.30 -9.49 -0.57
N LEU A 45 -9.26 -8.26 -0.07
CA LEU A 45 -8.03 -7.72 0.51
C LEU A 45 -7.70 -8.44 1.82
N GLU A 46 -8.71 -8.97 2.49
CA GLU A 46 -8.52 -9.68 3.75
C GLU A 46 -7.95 -11.08 3.50
N GLU A 47 -7.95 -11.49 2.24
CA GLU A 47 -7.44 -12.80 1.87
C GLU A 47 -5.93 -12.78 1.69
N TYR A 48 -5.41 -11.62 1.27
CA TYR A 48 -3.98 -11.47 1.06
C TYR A 48 -3.44 -10.29 1.87
N VAL A 49 -2.10 -10.18 1.93
CA VAL A 49 -1.47 -9.10 2.67
C VAL A 49 -0.30 -8.51 1.88
N VAL A 50 0.00 -7.24 2.14
CA VAL A 50 1.09 -6.56 1.46
C VAL A 50 2.02 -5.87 2.45
N ASN A 51 3.32 -6.08 2.28
CA ASN A 51 4.31 -5.48 3.16
C ASN A 51 4.91 -4.22 2.54
N HIS A 52 5.21 -3.23 3.38
CA HIS A 52 5.78 -1.98 2.90
C HIS A 52 7.22 -1.84 3.36
N GLU A 53 8.14 -1.74 2.40
CA GLU A 53 9.56 -1.61 2.71
C GLU A 53 10.03 -2.74 3.61
N GLY A 54 9.43 -3.92 3.45
CA GLY A 54 9.80 -5.07 4.25
C GLY A 54 9.16 -5.04 5.62
N LYS A 55 8.17 -4.17 5.79
CA LYS A 55 7.46 -4.06 7.06
C LYS A 55 5.96 -4.30 6.88
N LEU A 56 5.42 -5.25 7.63
CA LEU A 56 4.00 -5.57 7.56
C LEU A 56 3.29 -5.21 8.85
N LEU A 57 2.37 -4.25 8.77
CA LEU A 57 1.62 -3.82 9.94
C LEU A 57 0.37 -4.66 10.12
N LEU A 58 -0.13 -4.71 11.36
CA LEU A 58 -1.33 -5.48 11.67
C LEU A 58 -2.42 -4.59 12.25
N ASP A 59 -2.06 -3.34 12.52
CA ASP A 59 -3.01 -2.38 13.08
C ASP A 59 -3.30 -1.26 12.09
N ASP A 60 -2.37 -1.04 11.17
CA ASP A 60 -2.52 0.00 10.16
C ASP A 60 -2.81 1.36 10.81
N SER A 61 -2.35 1.52 12.04
CA SER A 61 -2.55 2.76 12.78
C SER A 61 -1.38 3.72 12.57
N VAL A 62 -0.22 3.17 12.23
CA VAL A 62 0.97 3.97 12.01
C VAL A 62 0.91 4.68 10.66
N THR A 63 1.47 5.88 10.60
CA THR A 63 1.46 6.67 9.37
C THR A 63 2.61 6.24 8.45
N LEU A 64 2.71 6.90 7.30
CA LEU A 64 3.76 6.59 6.33
C LEU A 64 5.14 6.88 6.91
N GLN A 65 5.29 8.07 7.50
CA GLN A 65 6.56 8.48 8.10
C GLN A 65 6.81 7.75 9.41
N THR A 66 5.72 7.37 10.09
CA THR A 66 5.83 6.67 11.35
C THR A 66 6.61 5.37 11.19
N VAL A 67 6.20 4.55 10.23
CA VAL A 67 6.87 3.28 9.97
C VAL A 67 8.23 3.49 9.33
N GLY A 68 8.39 4.62 8.65
CA GLY A 68 9.65 4.92 8.00
C GLY A 68 9.60 4.69 6.50
N VAL A 69 8.46 5.00 5.89
CA VAL A 69 8.30 4.82 4.46
C VAL A 69 9.17 5.78 3.68
N LYS A 70 9.94 5.26 2.73
CA LYS A 70 10.82 6.07 1.91
C LYS A 70 10.02 6.90 0.90
N LYS A 71 10.66 7.92 0.35
CA LYS A 71 10.01 8.79 -0.63
C LYS A 71 9.39 7.96 -1.75
N ASP A 72 10.04 6.86 -2.10
CA ASP A 72 9.55 5.97 -3.16
C ASP A 72 8.37 5.14 -2.67
N SER A 73 8.46 4.68 -1.42
CA SER A 73 7.40 3.86 -0.84
C SER A 73 7.09 2.67 -1.73
N VAL A 74 7.81 1.57 -1.53
CA VAL A 74 7.60 0.35 -2.31
C VAL A 74 7.08 -0.78 -1.44
N PHE A 75 5.91 -1.30 -1.79
CA PHE A 75 5.31 -2.39 -1.03
C PHE A 75 4.97 -3.57 -1.95
N VAL A 76 5.29 -4.78 -1.50
CA VAL A 76 5.01 -5.98 -2.28
C VAL A 76 3.86 -6.77 -1.68
N LEU A 77 2.95 -7.23 -2.55
CA LEU A 77 1.80 -8.01 -2.10
C LEU A 77 2.14 -9.50 -2.04
N VAL A 78 2.11 -10.05 -0.83
CA VAL A 78 2.42 -11.46 -0.63
C VAL A 78 1.17 -12.23 -0.19
N ARG A 79 1.00 -13.43 -0.75
CA ARG A 79 -0.15 -14.27 -0.42
C ARG A 79 0.19 -15.23 0.71
N LYS A 80 -0.79 -15.49 1.57
CA LYS A 80 -0.60 -16.40 2.69
C LYS A 80 -1.14 -17.78 2.37
N ALA A 81 -2.19 -17.84 1.55
CA ALA A 81 -2.80 -19.10 1.16
C ALA A 81 -3.30 -19.05 -0.28
N MET A 1 1.67 19.57 -5.13
CA MET A 1 3.03 19.66 -5.63
C MET A 1 4.02 19.84 -4.50
N SER A 2 3.59 20.52 -3.43
CA SER A 2 4.45 20.77 -2.28
C SER A 2 4.26 19.68 -1.23
N GLU A 3 3.00 19.39 -0.89
CA GLU A 3 2.70 18.37 0.10
C GLU A 3 2.24 17.08 -0.58
N THR A 4 2.96 16.67 -1.61
CA THR A 4 2.62 15.46 -2.35
C THR A 4 3.48 14.29 -1.88
N ILE A 5 2.90 13.09 -1.89
CA ILE A 5 3.60 11.89 -1.47
C ILE A 5 3.28 10.71 -2.38
N PRO A 6 4.20 10.39 -3.29
CA PRO A 6 4.05 9.28 -4.24
C PRO A 6 4.11 7.92 -3.55
N VAL A 7 3.41 6.95 -4.12
CA VAL A 7 3.39 5.60 -3.56
C VAL A 7 3.32 4.55 -4.67
N SER A 8 3.85 3.37 -4.40
CA SER A 8 3.86 2.28 -5.36
C SER A 8 3.51 0.95 -4.70
N VAL A 9 2.64 0.19 -5.34
CA VAL A 9 2.22 -1.11 -4.81
C VAL A 9 2.19 -2.16 -5.91
N GLN A 10 2.86 -3.29 -5.66
CA GLN A 10 2.90 -4.38 -6.63
C GLN A 10 2.07 -5.57 -6.16
N CYS A 11 1.39 -6.23 -7.08
CA CYS A 11 0.56 -7.38 -6.76
C CYS A 11 0.80 -8.51 -7.75
N CYS A 12 0.63 -9.74 -7.28
CA CYS A 12 0.83 -10.92 -8.12
C CYS A 12 -0.05 -10.84 -9.37
N GLU A 13 -1.15 -10.12 -9.27
CA GLU A 13 -2.07 -9.97 -10.38
C GLU A 13 -1.67 -8.81 -11.28
N GLY A 14 -0.92 -7.86 -10.71
CA GLY A 14 -0.47 -6.71 -11.46
C GLY A 14 0.13 -5.64 -10.58
N ARG A 15 0.85 -4.71 -11.19
CA ARG A 15 1.51 -3.63 -10.46
C ARG A 15 0.80 -2.30 -10.70
N PHE A 16 0.38 -1.65 -9.63
CA PHE A 16 -0.31 -0.37 -9.72
C PHE A 16 0.29 0.66 -8.77
N GLU A 17 0.48 1.87 -9.26
CA GLU A 17 1.06 2.94 -8.44
C GLU A 17 0.10 4.13 -8.37
N LEU A 18 0.19 4.88 -7.28
CA LEU A 18 -0.66 6.04 -7.07
C LEU A 18 0.07 7.12 -6.29
N SER A 19 -0.46 8.34 -6.34
CA SER A 19 0.15 9.48 -5.63
C SER A 19 -0.89 10.24 -4.84
N VAL A 20 -0.67 10.36 -3.54
CA VAL A 20 -1.59 11.08 -2.66
C VAL A 20 -0.86 11.75 -1.51
N ASP A 21 -1.47 12.79 -0.95
CA ASP A 21 -0.87 13.51 0.17
C ASP A 21 -0.96 12.70 1.45
N SER A 22 0.11 12.75 2.25
CA SER A 22 0.15 12.01 3.51
C SER A 22 -0.54 12.79 4.62
N ASN A 23 -1.42 12.12 5.34
CA ASN A 23 -2.15 12.74 6.44
C ASN A 23 -3.02 11.73 7.17
N HIS A 24 -3.61 10.81 6.42
CA HIS A 24 -4.46 9.78 6.99
C HIS A 24 -3.66 8.53 7.34
N THR A 25 -4.31 7.58 8.01
CA THR A 25 -3.65 6.35 8.40
C THR A 25 -3.46 5.42 7.20
N LEU A 26 -2.71 4.35 7.40
CA LEU A 26 -2.43 3.38 6.35
C LEU A 26 -3.74 2.90 5.70
N ARG A 27 -4.78 2.79 6.52
CA ARG A 27 -6.08 2.34 6.03
C ARG A 27 -6.53 3.18 4.84
N ASP A 28 -6.12 4.44 4.82
CA ASP A 28 -6.48 5.35 3.73
C ASP A 28 -5.70 5.01 2.46
N VAL A 29 -4.40 4.81 2.60
CA VAL A 29 -3.55 4.48 1.47
C VAL A 29 -3.91 3.12 0.89
N LEU A 30 -4.00 2.12 1.76
CA LEU A 30 -4.32 0.77 1.34
C LEU A 30 -5.70 0.73 0.68
N ARG A 31 -6.62 1.54 1.18
CA ARG A 31 -7.97 1.60 0.64
C ARG A 31 -7.96 2.16 -0.78
N GLN A 32 -7.10 3.14 -1.01
CA GLN A 32 -6.99 3.77 -2.32
C GLN A 32 -6.42 2.79 -3.35
N PHE A 33 -5.39 2.05 -2.94
CA PHE A 33 -4.76 1.09 -3.82
C PHE A 33 -5.64 -0.14 -4.03
N LYS A 34 -6.06 -0.75 -2.93
CA LYS A 34 -6.92 -1.92 -2.98
C LYS A 34 -8.18 -1.63 -3.79
N ARG A 35 -8.62 -0.38 -3.78
CA ARG A 35 -9.81 0.02 -4.51
C ARG A 35 -9.54 0.06 -6.02
N GLU A 36 -8.27 0.25 -6.38
CA GLU A 36 -7.88 0.31 -7.79
C GLU A 36 -7.36 -1.05 -8.26
N VAL A 37 -6.89 -1.86 -7.32
CA VAL A 37 -6.36 -3.18 -7.64
C VAL A 37 -7.49 -4.18 -7.86
N ALA A 38 -8.66 -3.86 -7.32
CA ALA A 38 -9.82 -4.73 -7.45
C ALA A 38 -10.36 -4.71 -8.88
N ALA A 39 -9.93 -3.73 -9.65
CA ALA A 39 -10.36 -3.60 -11.03
C ALA A 39 -9.90 -4.78 -11.88
N LEU A 40 -8.69 -5.26 -11.61
CA LEU A 40 -8.12 -6.38 -12.33
C LEU A 40 -7.96 -7.59 -11.43
N ASP A 41 -7.86 -7.35 -10.13
CA ASP A 41 -7.71 -8.41 -9.14
C ASP A 41 -9.04 -8.74 -8.49
N PRO A 42 -9.65 -9.85 -8.90
CA PRO A 42 -10.94 -10.30 -8.37
C PRO A 42 -10.83 -10.79 -6.93
N ILE A 43 -9.66 -11.32 -6.58
CA ILE A 43 -9.42 -11.82 -5.23
C ILE A 43 -9.44 -10.69 -4.20
N ASN A 44 -9.91 -11.00 -3.00
CA ASN A 44 -9.98 -10.00 -1.94
C ASN A 44 -8.60 -9.74 -1.34
N LEU A 45 -8.11 -8.52 -1.50
CA LEU A 45 -6.80 -8.14 -0.98
C LEU A 45 -6.78 -8.22 0.55
N GLU A 46 -7.93 -7.96 1.16
CA GLU A 46 -8.05 -8.00 2.62
C GLU A 46 -7.72 -9.39 3.15
N GLU A 47 -7.80 -10.39 2.27
CA GLU A 47 -7.52 -11.76 2.65
C GLU A 47 -6.02 -12.06 2.56
N TYR A 48 -5.25 -11.05 2.20
CA TYR A 48 -3.80 -11.20 2.08
C TYR A 48 -3.07 -10.06 2.79
N VAL A 49 -1.76 -10.21 2.93
CA VAL A 49 -0.94 -9.19 3.59
C VAL A 49 0.02 -8.54 2.61
N VAL A 50 0.25 -7.25 2.79
CA VAL A 50 1.17 -6.51 1.92
C VAL A 50 2.42 -6.08 2.67
N ASN A 51 3.57 -6.44 2.14
CA ASN A 51 4.84 -6.10 2.76
C ASN A 51 5.47 -4.88 2.09
N HIS A 52 6.13 -4.04 2.88
CA HIS A 52 6.77 -2.84 2.36
C HIS A 52 8.29 -2.97 2.41
N GLU A 53 8.93 -2.95 1.24
CA GLU A 53 10.37 -3.06 1.16
C GLU A 53 10.86 -4.32 1.86
N GLY A 54 10.04 -5.37 1.82
CA GLY A 54 10.41 -6.61 2.46
C GLY A 54 10.12 -6.62 3.95
N LYS A 55 9.36 -5.63 4.39
CA LYS A 55 9.01 -5.52 5.81
C LYS A 55 7.52 -5.78 6.02
N LEU A 56 7.20 -6.43 7.13
CA LEU A 56 5.81 -6.74 7.46
C LEU A 56 5.17 -5.61 8.25
N LEU A 57 4.01 -5.16 7.80
CA LEU A 57 3.29 -4.08 8.45
C LEU A 57 2.75 -4.54 9.81
N LEU A 58 3.14 -3.83 10.86
CA LEU A 58 2.69 -4.17 12.21
C LEU A 58 1.21 -3.83 12.39
N ASP A 59 0.84 -2.60 12.06
CA ASP A 59 -0.55 -2.17 12.18
C ASP A 59 -0.86 -1.06 11.18
N ASP A 60 -1.92 -1.24 10.41
CA ASP A 60 -2.32 -0.26 9.41
C ASP A 60 -2.93 0.97 10.07
N SER A 61 -3.16 0.88 11.38
CA SER A 61 -3.74 1.99 12.13
C SER A 61 -2.76 3.15 12.25
N VAL A 62 -1.47 2.84 12.09
CA VAL A 62 -0.43 3.85 12.17
C VAL A 62 -0.29 4.61 10.87
N THR A 63 0.52 5.67 10.89
CA THR A 63 0.73 6.49 9.70
C THR A 63 1.84 5.91 8.82
N LEU A 64 1.70 6.08 7.51
CA LEU A 64 2.70 5.58 6.57
C LEU A 64 4.09 6.07 6.93
N GLN A 65 4.17 7.29 7.46
CA GLN A 65 5.45 7.88 7.85
C GLN A 65 5.96 7.25 9.14
N THR A 66 5.04 6.93 10.04
CA THR A 66 5.40 6.31 11.32
C THR A 66 6.17 5.01 11.10
N VAL A 67 5.82 4.29 10.05
CA VAL A 67 6.48 3.02 9.74
C VAL A 67 7.92 3.25 9.27
N GLY A 68 8.17 4.44 8.72
CA GLY A 68 9.49 4.76 8.23
C GLY A 68 9.71 4.35 6.78
N VAL A 69 8.65 4.46 5.98
CA VAL A 69 8.73 4.10 4.57
C VAL A 69 9.65 5.05 3.80
N LYS A 70 10.33 4.52 2.81
CA LYS A 70 11.24 5.31 1.99
C LYS A 70 10.47 6.26 1.07
N LYS A 71 11.19 7.09 0.34
CA LYS A 71 10.58 8.04 -0.57
C LYS A 71 9.79 7.31 -1.65
N ASP A 72 10.41 6.32 -2.28
CA ASP A 72 9.76 5.55 -3.33
C ASP A 72 8.51 4.85 -2.80
N SER A 73 8.60 4.32 -1.57
CA SER A 73 7.47 3.64 -0.95
C SER A 73 6.93 2.56 -1.88
N VAL A 74 7.60 1.41 -1.90
CA VAL A 74 7.18 0.29 -2.73
C VAL A 74 6.87 -0.94 -1.89
N PHE A 75 5.63 -1.41 -1.97
CA PHE A 75 5.21 -2.58 -1.22
C PHE A 75 4.56 -3.61 -2.14
N VAL A 76 4.92 -4.87 -1.95
CA VAL A 76 4.38 -5.96 -2.76
C VAL A 76 3.39 -6.81 -1.96
N LEU A 77 2.36 -7.30 -2.64
CA LEU A 77 1.35 -8.12 -1.98
C LEU A 77 1.57 -9.60 -2.30
N VAL A 78 1.48 -10.45 -1.27
CA VAL A 78 1.66 -11.88 -1.44
C VAL A 78 0.69 -12.67 -0.55
N ARG A 79 0.34 -13.86 -0.99
CA ARG A 79 -0.58 -14.72 -0.25
C ARG A 79 -0.09 -14.92 1.18
N LYS A 80 -0.90 -14.50 2.14
CA LYS A 80 -0.54 -14.64 3.55
C LYS A 80 -0.81 -16.06 4.03
N ALA A 81 -1.84 -16.69 3.48
CA ALA A 81 -2.18 -18.06 3.86
C ALA A 81 -2.43 -18.92 2.63
N MET A 1 -3.36 22.10 -5.49
CA MET A 1 -2.90 21.31 -4.37
C MET A 1 -1.38 21.43 -4.19
N SER A 2 -0.83 20.66 -3.26
CA SER A 2 0.60 20.69 -3.00
C SER A 2 1.01 19.54 -2.07
N GLU A 3 2.31 19.37 -1.87
CA GLU A 3 2.83 18.33 -1.01
C GLU A 3 2.46 16.95 -1.56
N THR A 4 2.86 16.68 -2.80
CA THR A 4 2.58 15.41 -3.45
C THR A 4 3.73 14.43 -3.27
N ILE A 5 3.41 13.15 -3.18
CA ILE A 5 4.43 12.11 -3.01
C ILE A 5 4.11 10.89 -3.86
N PRO A 6 5.12 10.39 -4.58
CA PRO A 6 4.97 9.21 -5.45
C PRO A 6 4.78 7.92 -4.64
N VAL A 7 4.16 6.93 -5.26
CA VAL A 7 3.92 5.65 -4.60
C VAL A 7 4.03 4.50 -5.60
N SER A 8 4.41 3.32 -5.09
CA SER A 8 4.55 2.14 -5.93
C SER A 8 4.14 0.88 -5.17
N VAL A 9 3.41 0.01 -5.84
CA VAL A 9 2.96 -1.24 -5.24
C VAL A 9 3.12 -2.42 -6.19
N GLN A 10 3.57 -3.54 -5.66
CA GLN A 10 3.78 -4.74 -6.46
C GLN A 10 2.73 -5.80 -6.15
N CYS A 11 2.21 -6.44 -7.18
CA CYS A 11 1.19 -7.48 -7.01
C CYS A 11 1.50 -8.69 -7.88
N CYS A 12 1.10 -9.86 -7.41
CA CYS A 12 1.34 -11.10 -8.15
C CYS A 12 0.75 -11.02 -9.56
N GLU A 13 -0.26 -10.17 -9.72
CA GLU A 13 -0.91 -10.00 -11.01
C GLU A 13 -0.15 -8.99 -11.88
N GLY A 14 0.61 -8.13 -11.22
CA GLY A 14 1.37 -7.12 -11.94
C GLY A 14 1.81 -5.97 -11.05
N ARG A 15 2.36 -4.93 -11.67
CA ARG A 15 2.81 -3.76 -10.92
C ARG A 15 1.89 -2.57 -11.16
N PHE A 16 1.62 -1.82 -10.10
CA PHE A 16 0.76 -0.65 -10.18
C PHE A 16 1.32 0.52 -9.39
N GLU A 17 1.38 1.69 -10.02
CA GLU A 17 1.91 2.89 -9.38
C GLU A 17 0.81 3.91 -9.14
N LEU A 18 0.97 4.73 -8.10
CA LEU A 18 -0.01 5.75 -7.77
C LEU A 18 0.65 6.94 -7.08
N SER A 19 -0.10 8.02 -6.93
CA SER A 19 0.42 9.23 -6.29
C SER A 19 -0.56 9.74 -5.23
N VAL A 20 -0.06 9.87 -4.01
CA VAL A 20 -0.88 10.36 -2.90
C VAL A 20 -0.05 11.18 -1.92
N ASP A 21 -0.73 12.00 -1.12
CA ASP A 21 -0.05 12.84 -0.14
C ASP A 21 0.02 12.13 1.22
N SER A 22 1.15 12.29 1.89
CA SER A 22 1.35 11.66 3.19
C SER A 22 0.74 12.50 4.30
N ASN A 23 -0.05 11.86 5.15
CA ASN A 23 -0.71 12.55 6.26
C ASN A 23 -1.51 11.58 7.12
N HIS A 24 -2.20 10.66 6.47
CA HIS A 24 -3.00 9.65 7.18
C HIS A 24 -2.21 8.38 7.39
N THR A 25 -2.78 7.45 8.15
CA THR A 25 -2.12 6.18 8.43
C THR A 25 -2.16 5.26 7.22
N LEU A 26 -1.52 4.10 7.34
CA LEU A 26 -1.48 3.13 6.26
C LEU A 26 -2.88 2.82 5.74
N ARG A 27 -3.87 2.97 6.61
CA ARG A 27 -5.26 2.71 6.24
C ARG A 27 -5.67 3.56 5.05
N ASP A 28 -5.05 4.72 4.92
CA ASP A 28 -5.35 5.64 3.83
C ASP A 28 -4.85 5.07 2.50
N VAL A 29 -3.59 4.65 2.49
CA VAL A 29 -2.98 4.09 1.28
C VAL A 29 -3.55 2.71 0.98
N LEU A 30 -3.91 1.98 2.03
CA LEU A 30 -4.47 0.64 1.86
C LEU A 30 -5.87 0.69 1.27
N ARG A 31 -6.63 1.71 1.66
CA ARG A 31 -7.98 1.88 1.16
C ARG A 31 -7.99 2.26 -0.31
N GLN A 32 -7.12 3.21 -0.67
CA GLN A 32 -7.03 3.67 -2.06
C GLN A 32 -6.48 2.56 -2.96
N PHE A 33 -5.40 1.92 -2.52
CA PHE A 33 -4.79 0.85 -3.29
C PHE A 33 -5.74 -0.33 -3.43
N LYS A 34 -6.52 -0.59 -2.39
CA LYS A 34 -7.47 -1.69 -2.40
C LYS A 34 -8.64 -1.39 -3.33
N ARG A 35 -8.95 -0.10 -3.50
CA ARG A 35 -10.04 0.31 -4.37
C ARG A 35 -9.66 0.12 -5.84
N GLU A 36 -8.37 0.13 -6.11
CA GLU A 36 -7.87 -0.04 -7.48
C GLU A 36 -7.45 -1.49 -7.72
N VAL A 37 -6.85 -2.11 -6.71
CA VAL A 37 -6.40 -3.48 -6.82
C VAL A 37 -7.55 -4.41 -7.19
N ALA A 38 -8.77 -4.00 -6.87
CA ALA A 38 -9.95 -4.79 -7.17
C ALA A 38 -10.24 -4.79 -8.67
N ALA A 39 -9.62 -3.88 -9.38
CA ALA A 39 -9.81 -3.78 -10.82
C ALA A 39 -9.30 -5.02 -11.54
N LEU A 40 -8.19 -5.57 -11.06
CA LEU A 40 -7.60 -6.76 -11.64
C LEU A 40 -7.68 -7.94 -10.68
N ASP A 41 -7.78 -7.63 -9.39
CA ASP A 41 -7.87 -8.67 -8.37
C ASP A 41 -9.31 -8.87 -7.92
N PRO A 42 -9.93 -9.96 -8.40
CA PRO A 42 -11.31 -10.30 -8.06
C PRO A 42 -11.48 -10.73 -6.61
N ILE A 43 -10.35 -11.06 -5.98
CA ILE A 43 -10.37 -11.49 -4.58
C ILE A 43 -10.15 -10.31 -3.64
N ASN A 44 -10.78 -10.36 -2.47
CA ASN A 44 -10.65 -9.29 -1.48
C ASN A 44 -9.23 -9.22 -0.94
N LEU A 45 -8.64 -8.03 -1.00
CA LEU A 45 -7.28 -7.83 -0.51
C LEU A 45 -7.22 -8.02 1.01
N GLU A 46 -8.35 -7.82 1.67
CA GLU A 46 -8.43 -7.95 3.12
C GLU A 46 -8.01 -9.36 3.55
N GLU A 47 -8.16 -10.32 2.64
CA GLU A 47 -7.80 -11.71 2.94
C GLU A 47 -6.35 -11.97 2.60
N TYR A 48 -5.62 -10.91 2.27
CA TYR A 48 -4.20 -11.03 1.93
C TYR A 48 -3.35 -10.06 2.75
N VAL A 49 -2.05 -10.30 2.75
CA VAL A 49 -1.13 -9.45 3.50
C VAL A 49 -0.19 -8.70 2.56
N VAL A 50 0.14 -7.46 2.93
CA VAL A 50 1.02 -6.63 2.11
C VAL A 50 2.14 -6.03 2.96
N ASN A 51 3.36 -6.10 2.44
CA ASN A 51 4.52 -5.55 3.15
C ASN A 51 4.89 -4.17 2.63
N HIS A 52 5.31 -3.29 3.53
CA HIS A 52 5.69 -1.93 3.16
C HIS A 52 7.20 -1.73 3.32
N GLU A 53 7.85 -1.42 2.21
CA GLU A 53 9.30 -1.19 2.23
C GLU A 53 10.03 -2.43 2.74
N GLY A 54 9.55 -3.60 2.36
CA GLY A 54 10.17 -4.84 2.79
C GLY A 54 9.91 -5.14 4.25
N LYS A 55 8.97 -4.42 4.84
CA LYS A 55 8.63 -4.60 6.26
C LYS A 55 7.15 -4.94 6.41
N LEU A 56 6.88 -6.04 7.09
CA LEU A 56 5.51 -6.48 7.32
C LEU A 56 4.95 -5.89 8.61
N LEU A 57 3.93 -5.04 8.48
CA LEU A 57 3.31 -4.41 9.63
C LEU A 57 2.12 -5.22 10.13
N LEU A 58 1.80 -5.06 11.40
CA LEU A 58 0.67 -5.78 12.00
C LEU A 58 -0.64 -5.09 11.67
N ASP A 59 -0.81 -3.86 12.14
CA ASP A 59 -2.02 -3.10 11.90
C ASP A 59 -1.77 -1.98 10.89
N ASP A 60 -2.83 -1.25 10.55
CA ASP A 60 -2.71 -0.15 9.59
C ASP A 60 -2.79 1.20 10.31
N SER A 61 -2.39 1.22 11.57
CA SER A 61 -2.41 2.45 12.37
C SER A 61 -1.14 3.26 12.15
N VAL A 62 -0.05 2.57 11.81
CA VAL A 62 1.23 3.22 11.58
C VAL A 62 1.19 4.05 10.30
N THR A 63 1.75 5.25 10.36
CA THR A 63 1.79 6.15 9.21
C THR A 63 2.97 5.83 8.31
N LEU A 64 2.99 6.43 7.12
CA LEU A 64 4.07 6.21 6.17
C LEU A 64 5.42 6.49 6.80
N GLN A 65 5.52 7.62 7.49
CA GLN A 65 6.76 8.01 8.15
C GLN A 65 7.01 7.16 9.39
N THR A 66 5.93 6.71 10.02
CA THR A 66 6.02 5.89 11.22
C THR A 66 6.83 4.62 10.96
N VAL A 67 6.44 3.87 9.94
CA VAL A 67 7.14 2.63 9.58
C VAL A 67 8.53 2.94 9.02
N GLY A 68 8.69 4.13 8.47
CA GLY A 68 9.96 4.51 7.90
C GLY A 68 9.98 4.43 6.38
N VAL A 69 8.85 4.78 5.76
CA VAL A 69 8.74 4.74 4.31
C VAL A 69 9.61 5.80 3.66
N LYS A 70 10.26 5.45 2.57
CA LYS A 70 11.12 6.36 1.84
C LYS A 70 10.34 7.12 0.77
N LYS A 71 11.00 8.09 0.14
CA LYS A 71 10.37 8.89 -0.91
C LYS A 71 9.79 7.99 -1.99
N ASP A 72 10.38 6.82 -2.17
CA ASP A 72 9.92 5.86 -3.17
C ASP A 72 8.62 5.20 -2.73
N SER A 73 8.58 4.79 -1.46
CA SER A 73 7.39 4.12 -0.93
C SER A 73 6.99 2.94 -1.79
N VAL A 74 7.65 1.81 -1.59
CA VAL A 74 7.36 0.60 -2.35
C VAL A 74 6.86 -0.51 -1.45
N PHE A 75 5.67 -1.04 -1.75
CA PHE A 75 5.09 -2.11 -0.95
C PHE A 75 4.70 -3.29 -1.85
N VAL A 76 5.00 -4.50 -1.38
CA VAL A 76 4.68 -5.70 -2.13
C VAL A 76 3.48 -6.43 -1.53
N LEU A 77 2.63 -6.98 -2.39
CA LEU A 77 1.44 -7.69 -1.94
C LEU A 77 1.69 -9.21 -1.95
N VAL A 78 1.61 -9.82 -0.77
CA VAL A 78 1.81 -11.24 -0.65
C VAL A 78 0.54 -11.94 -0.20
N ARG A 79 0.56 -13.27 -0.20
CA ARG A 79 -0.59 -14.06 0.21
C ARG A 79 -0.62 -14.28 1.71
N LYS A 80 -1.76 -13.99 2.33
CA LYS A 80 -1.91 -14.16 3.78
C LYS A 80 -2.13 -15.62 4.14
N ALA A 81 -2.76 -16.36 3.24
CA ALA A 81 -3.02 -17.78 3.47
C ALA A 81 -2.53 -18.62 2.29
N MET A 1 -3.31 24.34 -1.85
CA MET A 1 -2.66 23.38 -0.97
C MET A 1 -2.68 21.98 -1.58
N SER A 2 -1.50 21.39 -1.71
CA SER A 2 -1.37 20.05 -2.28
C SER A 2 0.00 19.46 -1.99
N GLU A 3 0.03 18.17 -1.65
CA GLU A 3 1.28 17.49 -1.34
C GLU A 3 1.23 16.04 -1.81
N THR A 4 1.39 15.84 -3.12
CA THR A 4 1.37 14.50 -3.70
C THR A 4 2.77 13.92 -3.80
N ILE A 5 2.88 12.60 -3.66
CA ILE A 5 4.16 11.93 -3.74
C ILE A 5 4.05 10.61 -4.50
N PRO A 6 5.13 10.24 -5.20
CA PRO A 6 5.18 9.00 -5.98
C PRO A 6 5.19 7.75 -5.10
N VAL A 7 4.49 6.72 -5.54
CA VAL A 7 4.43 5.47 -4.78
C VAL A 7 4.38 4.26 -5.73
N SER A 8 4.89 3.13 -5.25
CA SER A 8 4.91 1.91 -6.04
C SER A 8 4.29 0.74 -5.27
N VAL A 9 3.48 -0.06 -5.96
CA VAL A 9 2.83 -1.20 -5.34
C VAL A 9 2.90 -2.42 -6.25
N GLN A 10 3.16 -3.58 -5.66
CA GLN A 10 3.25 -4.83 -6.41
C GLN A 10 2.05 -5.72 -6.12
N CYS A 11 1.52 -6.35 -7.17
CA CYS A 11 0.37 -7.24 -7.03
C CYS A 11 0.59 -8.53 -7.80
N CYS A 12 -0.01 -9.62 -7.32
CA CYS A 12 0.13 -10.92 -7.98
C CYS A 12 -0.33 -10.85 -9.43
N GLU A 13 -1.19 -9.88 -9.73
CA GLU A 13 -1.70 -9.71 -11.08
C GLU A 13 -0.73 -8.88 -11.93
N GLY A 14 0.11 -8.09 -11.26
CA GLY A 14 1.07 -7.27 -11.96
C GLY A 14 1.56 -6.11 -11.12
N ARG A 15 2.17 -5.12 -11.77
CA ARG A 15 2.69 -3.95 -11.07
C ARG A 15 1.83 -2.72 -11.35
N PHE A 16 1.63 -1.91 -10.32
CA PHE A 16 0.83 -0.70 -10.45
C PHE A 16 1.45 0.45 -9.67
N GLU A 17 1.55 1.62 -10.31
CA GLU A 17 2.13 2.80 -9.67
C GLU A 17 1.06 3.86 -9.45
N LEU A 18 1.22 4.62 -8.36
CA LEU A 18 0.26 5.68 -8.03
C LEU A 18 0.86 6.66 -7.04
N SER A 19 0.19 7.78 -6.82
CA SER A 19 0.66 8.80 -5.90
C SER A 19 -0.43 9.14 -4.86
N VAL A 20 0.01 9.49 -3.66
CA VAL A 20 -0.91 9.84 -2.59
C VAL A 20 -0.31 10.88 -1.66
N ASP A 21 -1.17 11.69 -1.04
CA ASP A 21 -0.72 12.73 -0.13
C ASP A 21 -0.66 12.21 1.30
N SER A 22 0.37 12.62 2.03
CA SER A 22 0.55 12.20 3.41
C SER A 22 -0.28 13.05 4.36
N ASN A 23 -1.05 12.40 5.22
CA ASN A 23 -1.90 13.11 6.18
C ASN A 23 -2.67 12.11 7.05
N HIS A 24 -3.21 11.08 6.42
CA HIS A 24 -3.98 10.06 7.14
C HIS A 24 -3.11 8.82 7.40
N THR A 25 -3.67 7.88 8.16
CA THR A 25 -2.95 6.64 8.49
C THR A 25 -2.89 5.72 7.28
N LEU A 26 -2.09 4.66 7.40
CA LEU A 26 -1.95 3.69 6.32
C LEU A 26 -3.31 3.19 5.84
N ARG A 27 -4.28 3.19 6.73
CA ARG A 27 -5.63 2.74 6.41
C ARG A 27 -6.14 3.46 5.16
N ASP A 28 -5.91 4.76 5.09
CA ASP A 28 -6.36 5.56 3.95
C ASP A 28 -5.60 5.16 2.69
N VAL A 29 -4.28 5.06 2.80
CA VAL A 29 -3.44 4.70 1.67
C VAL A 29 -3.87 3.35 1.09
N LEU A 30 -3.97 2.34 1.96
CA LEU A 30 -4.37 1.00 1.53
C LEU A 30 -5.73 1.03 0.84
N ARG A 31 -6.61 1.89 1.33
CA ARG A 31 -7.95 2.01 0.76
C ARG A 31 -7.88 2.41 -0.72
N GLN A 32 -7.04 3.39 -1.01
CA GLN A 32 -6.88 3.87 -2.39
C GLN A 32 -6.31 2.77 -3.27
N PHE A 33 -5.19 2.19 -2.85
CA PHE A 33 -4.54 1.13 -3.61
C PHE A 33 -5.47 -0.05 -3.79
N LYS A 34 -6.30 -0.30 -2.78
CA LYS A 34 -7.25 -1.41 -2.83
C LYS A 34 -8.31 -1.17 -3.89
N ARG A 35 -8.71 0.08 -4.06
CA ARG A 35 -9.72 0.44 -5.04
C ARG A 35 -9.13 0.47 -6.45
N GLU A 36 -7.82 0.69 -6.53
CA GLU A 36 -7.14 0.74 -7.81
C GLU A 36 -6.55 -0.62 -8.17
N VAL A 37 -6.52 -1.53 -7.20
CA VAL A 37 -5.98 -2.87 -7.41
C VAL A 37 -7.10 -3.89 -7.51
N ALA A 38 -8.24 -3.59 -6.89
CA ALA A 38 -9.39 -4.48 -6.92
C ALA A 38 -9.87 -4.71 -8.35
N ALA A 39 -9.49 -3.80 -9.24
CA ALA A 39 -9.88 -3.90 -10.65
C ALA A 39 -9.46 -5.25 -11.25
N LEU A 40 -8.33 -5.76 -10.79
CA LEU A 40 -7.82 -7.04 -11.28
C LEU A 40 -7.84 -8.09 -10.18
N ASP A 41 -7.82 -7.63 -8.93
CA ASP A 41 -7.85 -8.53 -7.78
C ASP A 41 -9.25 -8.63 -7.19
N PRO A 42 -9.93 -9.76 -7.49
CA PRO A 42 -11.29 -10.00 -7.00
C PRO A 42 -11.33 -10.25 -5.50
N ILE A 43 -10.27 -10.85 -4.97
CA ILE A 43 -10.19 -11.14 -3.54
C ILE A 43 -10.13 -9.86 -2.73
N ASN A 44 -10.71 -9.89 -1.53
CA ASN A 44 -10.72 -8.73 -0.65
C ASN A 44 -9.35 -8.53 0.00
N LEU A 45 -9.13 -7.34 0.54
CA LEU A 45 -7.86 -7.01 1.18
C LEU A 45 -7.59 -7.96 2.34
N GLU A 46 -8.65 -8.38 3.03
CA GLU A 46 -8.52 -9.29 4.15
C GLU A 46 -8.25 -10.71 3.68
N GLU A 47 -8.38 -10.93 2.38
CA GLU A 47 -8.15 -12.25 1.80
C GLU A 47 -6.67 -12.47 1.52
N TYR A 48 -5.85 -11.46 1.81
CA TYR A 48 -4.42 -11.53 1.59
C TYR A 48 -3.68 -10.50 2.44
N VAL A 49 -2.36 -10.62 2.48
CA VAL A 49 -1.53 -9.70 3.24
C VAL A 49 -0.64 -8.86 2.33
N VAL A 50 -0.24 -7.70 2.82
CA VAL A 50 0.62 -6.80 2.05
C VAL A 50 1.83 -6.35 2.86
N ASN A 51 3.01 -6.38 2.25
CA ASN A 51 4.23 -5.97 2.92
C ASN A 51 4.67 -4.58 2.45
N HIS A 52 5.17 -3.78 3.39
CA HIS A 52 5.63 -2.43 3.07
C HIS A 52 7.15 -2.34 3.19
N GLU A 53 7.81 -2.11 2.07
CA GLU A 53 9.27 -2.00 2.05
C GLU A 53 9.92 -3.29 2.52
N GLY A 54 9.31 -4.42 2.16
CA GLY A 54 9.84 -5.71 2.56
C GLY A 54 9.61 -6.00 4.02
N LYS A 55 8.75 -5.22 4.66
CA LYS A 55 8.43 -5.40 6.07
C LYS A 55 6.94 -5.58 6.28
N LEU A 56 6.57 -6.61 7.04
CA LEU A 56 5.16 -6.89 7.32
C LEU A 56 4.69 -6.13 8.56
N LEU A 57 3.75 -5.21 8.37
CA LEU A 57 3.22 -4.41 9.46
C LEU A 57 2.12 -5.17 10.19
N LEU A 58 1.89 -4.83 11.45
CA LEU A 58 0.85 -5.48 12.25
C LEU A 58 -0.49 -4.80 12.05
N ASP A 59 -0.58 -3.54 12.44
CA ASP A 59 -1.83 -2.78 12.29
C ASP A 59 -1.65 -1.66 11.26
N ASP A 60 -2.75 -0.97 10.98
CA ASP A 60 -2.73 0.13 10.02
C ASP A 60 -3.07 1.45 10.68
N SER A 61 -2.58 1.63 11.91
CA SER A 61 -2.84 2.85 12.67
C SER A 61 -1.74 3.88 12.42
N VAL A 62 -0.58 3.40 12.00
CA VAL A 62 0.56 4.28 11.72
C VAL A 62 0.50 4.82 10.29
N THR A 63 0.89 6.08 10.12
CA THR A 63 0.89 6.70 8.80
C THR A 63 2.04 6.17 7.94
N LEU A 64 2.20 6.78 6.77
CA LEU A 64 3.26 6.37 5.86
C LEU A 64 4.64 6.70 6.43
N GLN A 65 4.81 7.94 6.86
CA GLN A 65 6.08 8.38 7.44
C GLN A 65 6.28 7.80 8.83
N THR A 66 5.17 7.57 9.53
CA THR A 66 5.22 7.02 10.88
C THR A 66 5.95 5.68 10.91
N VAL A 67 5.59 4.79 9.98
CA VAL A 67 6.22 3.48 9.89
C VAL A 67 7.67 3.59 9.44
N GLY A 68 8.00 4.69 8.77
CA GLY A 68 9.35 4.90 8.30
C GLY A 68 9.53 4.46 6.86
N VAL A 69 8.51 4.69 6.04
CA VAL A 69 8.56 4.32 4.63
C VAL A 69 9.58 5.17 3.88
N LYS A 70 10.16 4.59 2.82
CA LYS A 70 11.15 5.30 2.02
C LYS A 70 10.49 6.37 1.17
N LYS A 71 11.30 7.25 0.60
CA LYS A 71 10.81 8.33 -0.24
C LYS A 71 9.92 7.79 -1.37
N ASP A 72 10.37 6.70 -1.98
CA ASP A 72 9.62 6.07 -3.06
C ASP A 72 8.43 5.29 -2.52
N SER A 73 8.63 4.66 -1.37
CA SER A 73 7.57 3.85 -0.75
C SER A 73 7.11 2.74 -1.68
N VAL A 74 7.71 1.56 -1.53
CA VAL A 74 7.35 0.42 -2.35
C VAL A 74 6.84 -0.74 -1.50
N PHE A 75 5.61 -1.16 -1.77
CA PHE A 75 5.00 -2.26 -1.03
C PHE A 75 4.57 -3.38 -1.97
N VAL A 76 4.84 -4.62 -1.57
CA VAL A 76 4.48 -5.78 -2.38
C VAL A 76 3.35 -6.58 -1.72
N LEU A 77 2.48 -7.16 -2.53
CA LEU A 77 1.37 -7.95 -2.04
C LEU A 77 1.76 -9.42 -1.93
N VAL A 78 1.56 -9.99 -0.75
CA VAL A 78 1.88 -11.40 -0.52
C VAL A 78 0.65 -12.19 -0.11
N ARG A 79 0.79 -13.51 -0.02
CA ARG A 79 -0.31 -14.38 0.36
C ARG A 79 0.11 -15.36 1.44
N LYS A 80 -0.68 -15.44 2.50
CA LYS A 80 -0.39 -16.35 3.61
C LYS A 80 -0.88 -17.76 3.29
N ALA A 81 -2.02 -17.85 2.64
CA ALA A 81 -2.61 -19.14 2.27
C ALA A 81 -2.96 -19.19 0.79
N MET A 1 -1.29 21.34 -5.80
CA MET A 1 -0.91 20.33 -4.81
C MET A 1 0.01 20.92 -3.75
N SER A 2 -0.20 20.51 -2.51
CA SER A 2 0.62 20.99 -1.40
C SER A 2 1.77 20.03 -1.10
N GLU A 3 1.42 18.80 -0.74
CA GLU A 3 2.41 17.78 -0.43
C GLU A 3 2.08 16.47 -1.11
N THR A 4 2.78 16.18 -2.21
CA THR A 4 2.56 14.95 -2.96
C THR A 4 3.52 13.85 -2.52
N ILE A 5 3.06 12.61 -2.56
CA ILE A 5 3.88 11.47 -2.16
C ILE A 5 3.69 10.29 -3.12
N PRO A 6 4.67 10.10 -4.02
CA PRO A 6 4.63 9.01 -5.00
C PRO A 6 4.82 7.64 -4.35
N VAL A 7 3.80 6.80 -4.47
CA VAL A 7 3.85 5.46 -3.90
C VAL A 7 3.58 4.40 -4.96
N SER A 8 4.13 3.21 -4.76
CA SER A 8 3.96 2.11 -5.70
C SER A 8 3.75 0.79 -4.96
N VAL A 9 3.00 -0.11 -5.57
CA VAL A 9 2.73 -1.42 -4.98
C VAL A 9 2.84 -2.53 -6.01
N GLN A 10 3.57 -3.59 -5.66
CA GLN A 10 3.76 -4.72 -6.56
C GLN A 10 2.99 -5.94 -6.07
N CYS A 11 2.33 -6.62 -7.00
CA CYS A 11 1.55 -7.82 -6.66
C CYS A 11 1.82 -8.94 -7.65
N CYS A 12 1.72 -10.18 -7.17
CA CYS A 12 1.95 -11.34 -8.02
C CYS A 12 1.05 -11.31 -9.25
N GLU A 13 -0.09 -10.62 -9.14
CA GLU A 13 -1.03 -10.52 -10.25
C GLU A 13 -0.72 -9.30 -11.11
N GLY A 14 -0.03 -8.33 -10.52
CA GLY A 14 0.31 -7.12 -11.24
C GLY A 14 0.79 -6.00 -10.33
N ARG A 15 1.35 -4.95 -10.92
CA ARG A 15 1.85 -3.82 -10.15
C ARG A 15 1.05 -2.56 -10.44
N PHE A 16 0.86 -1.73 -9.42
CA PHE A 16 0.10 -0.49 -9.57
C PHE A 16 0.75 0.64 -8.79
N GLU A 17 0.90 1.79 -9.44
CA GLU A 17 1.51 2.96 -8.80
C GLU A 17 0.52 4.10 -8.69
N LEU A 18 0.61 4.86 -7.59
CA LEU A 18 -0.29 5.98 -7.36
C LEU A 18 0.39 7.04 -6.50
N SER A 19 -0.20 8.23 -6.46
CA SER A 19 0.33 9.34 -5.68
C SER A 19 -0.76 9.98 -4.83
N VAL A 20 -0.46 10.17 -3.55
CA VAL A 20 -1.41 10.79 -2.62
C VAL A 20 -0.69 11.58 -1.54
N ASP A 21 -1.36 12.60 -1.02
CA ASP A 21 -0.79 13.45 0.02
C ASP A 21 -0.77 12.72 1.35
N SER A 22 0.32 12.90 2.10
CA SER A 22 0.46 12.25 3.40
C SER A 22 -0.25 13.05 4.49
N ASN A 23 -1.04 12.36 5.31
CA ASN A 23 -1.78 13.00 6.38
C ASN A 23 -2.54 11.97 7.22
N HIS A 24 -3.16 11.01 6.54
CA HIS A 24 -3.90 9.97 7.23
C HIS A 24 -3.03 8.73 7.47
N THR A 25 -3.57 7.77 8.22
CA THR A 25 -2.84 6.56 8.52
C THR A 25 -2.78 5.63 7.31
N LEU A 26 -2.05 4.53 7.45
CA LEU A 26 -1.91 3.55 6.38
C LEU A 26 -3.27 3.12 5.85
N ARG A 27 -4.28 3.15 6.74
CA ARG A 27 -5.63 2.76 6.37
C ARG A 27 -6.10 3.53 5.13
N ASP A 28 -5.61 4.75 4.98
CA ASP A 28 -5.96 5.58 3.84
C ASP A 28 -5.26 5.12 2.57
N VAL A 29 -3.96 4.88 2.68
CA VAL A 29 -3.16 4.43 1.55
C VAL A 29 -3.61 3.05 1.07
N LEU A 30 -3.93 2.19 2.01
CA LEU A 30 -4.38 0.83 1.70
C LEU A 30 -5.78 0.86 1.08
N ARG A 31 -6.62 1.76 1.55
CA ARG A 31 -7.98 1.89 1.06
C ARG A 31 -7.98 2.24 -0.43
N GLN A 32 -7.14 3.20 -0.80
CA GLN A 32 -7.05 3.63 -2.20
C GLN A 32 -6.44 2.53 -3.06
N PHE A 33 -5.28 2.02 -2.65
CA PHE A 33 -4.60 0.97 -3.39
C PHE A 33 -5.50 -0.26 -3.54
N LYS A 34 -6.27 -0.54 -2.49
CA LYS A 34 -7.18 -1.69 -2.51
C LYS A 34 -8.37 -1.43 -3.44
N ARG A 35 -8.74 -0.17 -3.57
CA ARG A 35 -9.86 0.21 -4.44
C ARG A 35 -9.52 -0.02 -5.90
N GLU A 36 -8.22 0.00 -6.22
CA GLU A 36 -7.77 -0.20 -7.58
C GLU A 36 -7.27 -1.63 -7.78
N VAL A 37 -6.40 -2.07 -6.88
CA VAL A 37 -5.84 -3.42 -6.96
C VAL A 37 -6.95 -4.46 -6.99
N ALA A 38 -8.11 -4.12 -6.44
CA ALA A 38 -9.24 -5.02 -6.40
C ALA A 38 -9.81 -5.26 -7.79
N ALA A 39 -9.46 -4.37 -8.73
CA ALA A 39 -9.93 -4.48 -10.10
C ALA A 39 -9.20 -5.59 -10.85
N LEU A 40 -8.01 -5.93 -10.37
CA LEU A 40 -7.20 -6.97 -11.00
C LEU A 40 -7.07 -8.18 -10.07
N ASP A 41 -7.23 -7.95 -8.77
CA ASP A 41 -7.14 -9.02 -7.78
C ASP A 41 -8.52 -9.50 -7.36
N PRO A 42 -8.92 -10.67 -7.89
CA PRO A 42 -10.23 -11.26 -7.58
C PRO A 42 -10.32 -11.77 -6.15
N ILE A 43 -9.17 -11.85 -5.49
CA ILE A 43 -9.12 -12.32 -4.10
C ILE A 43 -9.39 -11.17 -3.13
N ASN A 44 -10.04 -11.51 -2.02
CA ASN A 44 -10.36 -10.50 -1.00
C ASN A 44 -9.09 -9.96 -0.34
N LEU A 45 -9.14 -8.71 0.09
CA LEU A 45 -7.99 -8.08 0.73
C LEU A 45 -7.73 -8.70 2.10
N GLU A 46 -8.76 -9.28 2.69
CA GLU A 46 -8.64 -9.91 4.01
C GLU A 46 -7.95 -11.27 3.88
N GLU A 47 -7.78 -11.73 2.65
CA GLU A 47 -7.14 -13.02 2.40
C GLU A 47 -5.62 -12.88 2.38
N TYR A 48 -5.15 -11.71 1.95
CA TYR A 48 -3.72 -11.44 1.88
C TYR A 48 -3.36 -10.19 2.68
N VAL A 49 -2.06 -9.98 2.87
CA VAL A 49 -1.58 -8.82 3.62
C VAL A 49 -0.49 -8.08 2.85
N VAL A 50 -0.39 -6.78 3.08
CA VAL A 50 0.62 -5.96 2.41
C VAL A 50 1.80 -5.67 3.33
N ASN A 51 3.01 -5.97 2.85
CA ASN A 51 4.21 -5.74 3.63
C ASN A 51 5.14 -4.76 2.93
N HIS A 52 5.83 -3.94 3.71
CA HIS A 52 6.75 -2.95 3.16
C HIS A 52 8.19 -3.31 3.49
N GLU A 53 8.97 -3.63 2.45
CA GLU A 53 10.37 -4.00 2.64
C GLU A 53 10.51 -5.13 3.67
N GLY A 54 9.51 -6.00 3.72
CA GLY A 54 9.54 -7.10 4.66
C GLY A 54 8.93 -6.74 6.00
N LYS A 55 8.23 -5.61 6.04
CA LYS A 55 7.58 -5.15 7.27
C LYS A 55 6.07 -5.34 7.20
N LEU A 56 5.52 -6.03 8.19
CA LEU A 56 4.09 -6.28 8.25
C LEU A 56 3.45 -5.53 9.40
N LEU A 57 2.57 -4.58 9.08
CA LEU A 57 1.89 -3.78 10.08
C LEU A 57 0.49 -4.31 10.34
N LEU A 58 0.32 -5.00 11.47
CA LEU A 58 -0.98 -5.56 11.84
C LEU A 58 -2.05 -4.49 11.86
N ASP A 59 -1.63 -3.25 12.09
CA ASP A 59 -2.56 -2.12 12.14
C ASP A 59 -2.21 -1.07 11.09
N ASP A 60 -3.22 -0.45 10.49
CA ASP A 60 -3.00 0.57 9.48
C ASP A 60 -3.03 1.96 10.10
N SER A 61 -2.46 2.08 11.29
CA SER A 61 -2.43 3.36 12.00
C SER A 61 -1.14 4.13 11.68
N VAL A 62 -0.05 3.38 11.51
CA VAL A 62 1.24 3.98 11.21
C VAL A 62 1.17 4.81 9.93
N THR A 63 1.79 5.98 9.96
CA THR A 63 1.80 6.87 8.82
C THR A 63 2.88 6.46 7.81
N LEU A 64 3.09 7.29 6.81
CA LEU A 64 4.10 7.02 5.78
C LEU A 64 5.51 7.13 6.36
N GLN A 65 5.78 8.24 7.02
CA GLN A 65 7.10 8.46 7.61
C GLN A 65 7.28 7.61 8.87
N THR A 66 6.17 7.33 9.55
CA THR A 66 6.20 6.53 10.77
C THR A 66 6.81 5.16 10.50
N VAL A 67 6.40 4.54 9.40
CA VAL A 67 6.90 3.22 9.03
C VAL A 67 8.33 3.31 8.48
N GLY A 68 8.68 4.48 7.96
CA GLY A 68 10.01 4.67 7.42
C GLY A 68 10.04 4.50 5.91
N VAL A 69 8.99 4.93 5.23
CA VAL A 69 8.91 4.81 3.79
C VAL A 69 9.93 5.71 3.10
N LYS A 70 10.58 5.18 2.07
CA LYS A 70 11.58 5.93 1.33
C LYS A 70 10.94 6.71 0.18
N LYS A 71 11.75 7.49 -0.52
CA LYS A 71 11.27 8.28 -1.65
C LYS A 71 10.48 7.41 -2.62
N ASP A 72 11.06 6.28 -2.99
CA ASP A 72 10.40 5.36 -3.92
C ASP A 72 9.07 4.89 -3.38
N SER A 73 9.05 4.56 -2.08
CA SER A 73 7.83 4.09 -1.44
C SER A 73 7.21 2.93 -2.21
N VAL A 74 7.89 1.79 -2.19
CA VAL A 74 7.42 0.60 -2.89
C VAL A 74 7.11 -0.54 -1.91
N PHE A 75 5.86 -0.96 -1.89
CA PHE A 75 5.44 -2.04 -1.00
C PHE A 75 5.45 -3.38 -1.73
N VAL A 76 5.95 -4.41 -1.05
CA VAL A 76 6.02 -5.74 -1.63
C VAL A 76 4.83 -6.60 -1.20
N LEU A 77 3.92 -6.84 -2.13
CA LEU A 77 2.73 -7.64 -1.85
C LEU A 77 2.91 -9.07 -2.36
N VAL A 78 2.56 -10.04 -1.51
CA VAL A 78 2.68 -11.44 -1.87
C VAL A 78 1.51 -12.25 -1.31
N ARG A 79 0.99 -13.17 -2.12
CA ARG A 79 -0.13 -14.02 -1.71
C ARG A 79 0.37 -15.20 -0.88
N LYS A 80 -0.14 -15.30 0.35
CA LYS A 80 0.25 -16.39 1.24
C LYS A 80 -0.78 -17.52 1.20
N ALA A 81 -2.03 -17.17 0.92
CA ALA A 81 -3.11 -18.15 0.84
C ALA A 81 -3.80 -18.10 -0.52
N MET A 1 1.03 18.09 -6.51
CA MET A 1 0.78 19.50 -6.78
C MET A 1 1.18 20.36 -5.59
N SER A 2 1.09 19.79 -4.39
CA SER A 2 1.44 20.50 -3.17
C SER A 2 2.05 19.57 -2.14
N GLU A 3 1.34 18.48 -1.84
CA GLU A 3 1.80 17.50 -0.87
C GLU A 3 1.53 16.08 -1.35
N THR A 4 2.12 15.72 -2.49
CA THR A 4 1.95 14.40 -3.06
C THR A 4 3.05 13.45 -2.61
N ILE A 5 2.71 12.17 -2.47
CA ILE A 5 3.68 11.17 -2.05
C ILE A 5 3.50 9.86 -2.83
N PRO A 6 4.38 9.66 -3.83
CA PRO A 6 4.34 8.46 -4.68
C PRO A 6 4.75 7.20 -3.91
N VAL A 7 4.32 6.05 -4.42
CA VAL A 7 4.65 4.78 -3.79
C VAL A 7 4.70 3.65 -4.81
N SER A 8 5.50 2.63 -4.53
CA SER A 8 5.64 1.50 -5.43
C SER A 8 5.05 0.24 -4.82
N VAL A 9 4.37 -0.56 -5.64
CA VAL A 9 3.75 -1.80 -5.18
C VAL A 9 3.99 -2.94 -6.16
N GLN A 10 4.30 -4.11 -5.63
CA GLN A 10 4.56 -5.28 -6.46
C GLN A 10 3.42 -6.29 -6.34
N CYS A 11 3.01 -6.84 -7.48
CA CYS A 11 1.92 -7.82 -7.51
C CYS A 11 2.27 -9.00 -8.42
N CYS A 12 1.75 -10.17 -8.08
CA CYS A 12 2.01 -11.37 -8.87
C CYS A 12 1.57 -11.18 -10.31
N GLU A 13 0.66 -10.24 -10.54
CA GLU A 13 0.15 -9.96 -11.87
C GLU A 13 0.97 -8.85 -12.54
N GLY A 14 1.60 -8.02 -11.71
CA GLY A 14 2.40 -6.92 -12.23
C GLY A 14 2.70 -5.88 -11.18
N ARG A 15 3.37 -4.79 -11.59
CA ARG A 15 3.72 -3.73 -10.67
C ARG A 15 2.87 -2.48 -10.93
N PHE A 16 2.47 -1.82 -9.85
CA PHE A 16 1.65 -0.62 -9.96
C PHE A 16 2.08 0.43 -8.93
N GLU A 17 1.96 1.69 -9.32
CA GLU A 17 2.35 2.80 -8.43
C GLU A 17 1.13 3.64 -8.06
N LEU A 18 1.18 4.26 -6.89
CA LEU A 18 0.08 5.10 -6.42
C LEU A 18 0.61 6.36 -5.76
N SER A 19 -0.20 7.42 -5.77
CA SER A 19 0.19 8.69 -5.16
C SER A 19 -0.92 9.22 -4.26
N VAL A 20 -0.57 9.51 -3.01
CA VAL A 20 -1.54 10.02 -2.04
C VAL A 20 -0.87 10.96 -1.04
N ASP A 21 -1.63 11.92 -0.54
CA ASP A 21 -1.11 12.87 0.43
C ASP A 21 -1.07 12.27 1.83
N SER A 22 -0.01 12.57 2.57
CA SER A 22 0.16 12.05 3.92
C SER A 22 -0.62 12.89 4.93
N ASN A 23 -1.39 12.22 5.77
CA ASN A 23 -2.19 12.90 6.79
C ASN A 23 -2.92 11.90 7.67
N HIS A 24 -3.49 10.88 7.04
CA HIS A 24 -4.24 9.85 7.77
C HIS A 24 -3.34 8.64 8.04
N THR A 25 -3.87 7.70 8.83
CA THR A 25 -3.12 6.49 9.17
C THR A 25 -3.05 5.53 8.00
N LEU A 26 -2.32 4.44 8.18
CA LEU A 26 -2.20 3.42 7.14
C LEU A 26 -3.56 2.98 6.62
N ARG A 27 -4.56 3.06 7.49
CA ARG A 27 -5.92 2.66 7.13
C ARG A 27 -6.36 3.37 5.85
N ASP A 28 -6.09 4.67 5.78
CA ASP A 28 -6.46 5.46 4.60
C ASP A 28 -5.68 5.00 3.37
N VAL A 29 -4.37 4.84 3.53
CA VAL A 29 -3.51 4.41 2.44
C VAL A 29 -3.98 3.08 1.86
N LEU A 30 -4.37 2.17 2.74
CA LEU A 30 -4.84 0.85 2.31
C LEU A 30 -6.20 0.96 1.63
N ARG A 31 -7.03 1.87 2.11
CA ARG A 31 -8.37 2.07 1.55
C ARG A 31 -8.27 2.39 0.05
N GLN A 32 -7.37 3.29 -0.29
CA GLN A 32 -7.18 3.68 -1.69
C GLN A 32 -6.46 2.60 -2.47
N PHE A 33 -5.34 2.13 -1.93
CA PHE A 33 -4.55 1.09 -2.57
C PHE A 33 -5.41 -0.12 -2.91
N LYS A 34 -6.18 -0.58 -1.92
CA LYS A 34 -7.06 -1.73 -2.11
C LYS A 34 -8.23 -1.38 -3.02
N ARG A 35 -8.65 -0.12 -2.98
CA ARG A 35 -9.76 0.34 -3.82
C ARG A 35 -9.37 0.34 -5.29
N GLU A 36 -8.07 0.45 -5.56
CA GLU A 36 -7.57 0.46 -6.93
C GLU A 36 -7.06 -0.92 -7.33
N VAL A 37 -6.37 -1.58 -6.40
CA VAL A 37 -5.82 -2.90 -6.66
C VAL A 37 -6.91 -3.87 -7.11
N ALA A 38 -8.14 -3.59 -6.72
CA ALA A 38 -9.27 -4.44 -7.09
C ALA A 38 -9.51 -4.40 -8.59
N ALA A 39 -8.91 -3.43 -9.26
CA ALA A 39 -9.06 -3.28 -10.71
C ALA A 39 -8.49 -4.48 -11.44
N LEU A 40 -7.36 -4.99 -10.95
CA LEU A 40 -6.71 -6.13 -11.56
C LEU A 40 -6.74 -7.35 -10.63
N ASP A 41 -6.89 -7.09 -9.34
CA ASP A 41 -6.96 -8.17 -8.35
C ASP A 41 -8.40 -8.45 -7.95
N PRO A 42 -8.95 -9.55 -8.48
CA PRO A 42 -10.32 -9.96 -8.19
C PRO A 42 -10.50 -10.45 -6.76
N ILE A 43 -9.38 -10.60 -6.05
CA ILE A 43 -9.42 -11.06 -4.66
C ILE A 43 -9.48 -9.87 -3.70
N ASN A 44 -10.16 -10.06 -2.58
CA ASN A 44 -10.29 -9.01 -1.58
C ASN A 44 -8.97 -8.77 -0.87
N LEU A 45 -8.79 -7.56 -0.38
CA LEU A 45 -7.56 -7.19 0.33
C LEU A 45 -7.46 -7.92 1.67
N GLU A 46 -8.61 -8.24 2.25
CA GLU A 46 -8.66 -8.94 3.52
C GLU A 46 -8.31 -10.42 3.35
N GLU A 47 -8.25 -10.86 2.10
CA GLU A 47 -7.93 -12.25 1.80
C GLU A 47 -6.42 -12.47 1.79
N TYR A 48 -5.67 -11.40 2.04
CA TYR A 48 -4.21 -11.47 2.05
C TYR A 48 -3.61 -10.30 2.82
N VAL A 49 -2.32 -10.38 3.08
CA VAL A 49 -1.62 -9.32 3.81
C VAL A 49 -0.60 -8.61 2.92
N VAL A 50 -0.37 -7.33 3.20
CA VAL A 50 0.59 -6.54 2.42
C VAL A 50 1.89 -6.35 3.19
N ASN A 51 3.01 -6.53 2.49
CA ASN A 51 4.32 -6.38 3.11
C ASN A 51 5.10 -5.25 2.44
N HIS A 52 5.89 -4.53 3.24
CA HIS A 52 6.69 -3.43 2.73
C HIS A 52 8.18 -3.77 2.77
N GLU A 53 8.78 -3.90 1.58
CA GLU A 53 10.20 -4.22 1.48
C GLU A 53 10.53 -5.48 2.29
N GLY A 54 9.57 -6.39 2.36
CA GLY A 54 9.77 -7.62 3.11
C GLY A 54 9.37 -7.50 4.57
N LYS A 55 8.65 -6.43 4.88
CA LYS A 55 8.19 -6.18 6.25
C LYS A 55 6.69 -6.43 6.37
N LEU A 56 6.32 -7.30 7.32
CA LEU A 56 4.92 -7.62 7.54
C LEU A 56 4.37 -6.90 8.77
N LEU A 57 3.43 -6.00 8.56
CA LEU A 57 2.84 -5.24 9.66
C LEU A 57 1.50 -5.86 10.08
N LEU A 58 1.14 -5.66 11.34
CA LEU A 58 -0.11 -6.20 11.87
C LEU A 58 -1.04 -5.08 12.30
N ASP A 59 -0.47 -3.92 12.62
CA ASP A 59 -1.24 -2.76 13.04
C ASP A 59 -1.33 -1.73 11.92
N ASP A 60 -2.41 -0.96 11.92
CA ASP A 60 -2.62 0.07 10.91
C ASP A 60 -2.85 1.44 11.55
N SER A 61 -2.18 1.67 12.68
CA SER A 61 -2.33 2.93 13.40
C SER A 61 -1.25 3.92 12.96
N VAL A 62 -0.16 3.40 12.41
CA VAL A 62 0.95 4.23 11.95
C VAL A 62 0.62 4.87 10.60
N THR A 63 1.18 6.06 10.37
CA THR A 63 0.96 6.77 9.13
C THR A 63 1.97 6.36 8.06
N LEU A 64 1.76 6.82 6.83
CA LEU A 64 2.65 6.51 5.73
C LEU A 64 3.97 7.27 5.86
N GLN A 65 3.88 8.52 6.32
CA GLN A 65 5.06 9.36 6.49
C GLN A 65 5.87 8.92 7.71
N THR A 66 5.17 8.42 8.72
CA THR A 66 5.82 7.96 9.94
C THR A 66 6.86 6.88 9.65
N VAL A 67 6.44 5.84 8.94
CA VAL A 67 7.32 4.74 8.58
C VAL A 67 8.39 5.19 7.58
N GLY A 68 8.07 6.23 6.82
CA GLY A 68 9.00 6.74 5.82
C GLY A 68 8.67 6.27 4.42
N VAL A 69 7.38 6.19 4.11
CA VAL A 69 6.94 5.75 2.79
C VAL A 69 7.32 6.77 1.72
N LYS A 70 8.26 6.40 0.87
CA LYS A 70 8.72 7.28 -0.20
C LYS A 70 8.60 6.59 -1.56
N LYS A 71 8.92 7.33 -2.63
CA LYS A 71 8.86 6.79 -3.98
C LYS A 71 9.64 5.48 -4.08
N ASP A 72 10.67 5.35 -3.26
CA ASP A 72 11.50 4.15 -3.25
C ASP A 72 10.79 3.00 -2.53
N SER A 73 10.01 3.34 -1.51
CA SER A 73 9.28 2.34 -0.75
C SER A 73 8.48 1.42 -1.66
N VAL A 74 8.82 0.13 -1.62
CA VAL A 74 8.14 -0.86 -2.45
C VAL A 74 7.53 -1.98 -1.60
N PHE A 75 6.22 -2.13 -1.68
CA PHE A 75 5.52 -3.16 -0.92
C PHE A 75 4.91 -4.21 -1.85
N VAL A 76 5.15 -5.47 -1.53
CA VAL A 76 4.63 -6.57 -2.34
C VAL A 76 3.41 -7.20 -1.67
N LEU A 77 2.47 -7.65 -2.49
CA LEU A 77 1.24 -8.28 -1.98
C LEU A 77 1.42 -9.79 -1.87
N VAL A 78 1.38 -10.30 -0.64
CA VAL A 78 1.52 -11.73 -0.41
C VAL A 78 0.27 -12.31 0.23
N ARG A 79 -0.11 -13.50 -0.20
CA ARG A 79 -1.29 -14.18 0.35
C ARG A 79 -0.89 -15.33 1.26
N LYS A 80 -1.63 -15.50 2.35
CA LYS A 80 -1.36 -16.57 3.30
C LYS A 80 -1.97 -17.89 2.83
N ALA A 81 -3.13 -17.80 2.19
CA ALA A 81 -3.81 -18.98 1.68
C ALA A 81 -4.62 -18.65 0.43
N MET A 1 -2.36 22.41 -2.49
CA MET A 1 -1.14 21.63 -2.64
C MET A 1 -0.08 22.09 -1.64
N SER A 2 0.82 21.18 -1.28
CA SER A 2 1.88 21.50 -0.32
C SER A 2 3.08 20.58 -0.53
N GLU A 3 2.82 19.28 -0.56
CA GLU A 3 3.89 18.29 -0.75
C GLU A 3 3.34 17.01 -1.36
N THR A 4 3.98 16.54 -2.42
CA THR A 4 3.56 15.32 -3.10
C THR A 4 4.32 14.12 -2.60
N ILE A 5 3.65 12.97 -2.56
CA ILE A 5 4.27 11.74 -2.08
C ILE A 5 3.84 10.55 -2.94
N PRO A 6 4.74 10.12 -3.84
CA PRO A 6 4.48 8.99 -4.74
C PRO A 6 4.46 7.66 -4.00
N VAL A 7 3.80 6.67 -4.60
CA VAL A 7 3.71 5.34 -4.00
C VAL A 7 3.73 4.25 -5.06
N SER A 8 4.24 3.08 -4.69
CA SER A 8 4.32 1.96 -5.63
C SER A 8 3.87 0.66 -4.95
N VAL A 9 3.11 -0.14 -5.67
CA VAL A 9 2.62 -1.41 -5.15
C VAL A 9 2.76 -2.53 -6.18
N GLN A 10 3.16 -3.70 -5.71
CA GLN A 10 3.33 -4.86 -6.61
C GLN A 10 2.24 -5.89 -6.37
N CYS A 11 1.70 -6.43 -7.45
CA CYS A 11 0.64 -7.43 -7.36
C CYS A 11 0.91 -8.60 -8.31
N CYS A 12 0.45 -9.78 -7.94
CA CYS A 12 0.64 -10.97 -8.76
C CYS A 12 0.06 -10.77 -10.15
N GLU A 13 -0.88 -9.83 -10.26
CA GLU A 13 -1.53 -9.55 -11.55
C GLU A 13 -0.67 -8.59 -12.38
N GLY A 14 0.19 -7.83 -11.70
CA GLY A 14 1.06 -6.89 -12.40
C GLY A 14 1.65 -5.85 -11.47
N ARG A 15 1.46 -4.59 -11.81
CA ARG A 15 1.99 -3.49 -10.99
C ARG A 15 1.01 -2.33 -10.95
N PHE A 16 0.97 -1.63 -9.81
CA PHE A 16 0.08 -0.50 -9.63
C PHE A 16 0.76 0.62 -8.86
N GLU A 17 0.81 1.80 -9.46
CA GLU A 17 1.44 2.95 -8.82
C GLU A 17 0.46 4.11 -8.70
N LEU A 18 0.58 4.87 -7.61
CA LEU A 18 -0.30 6.00 -7.37
C LEU A 18 0.45 7.13 -6.65
N SER A 19 -0.13 8.33 -6.68
CA SER A 19 0.49 9.48 -6.05
C SER A 19 -0.53 10.23 -5.20
N VAL A 20 -0.23 10.38 -3.91
CA VAL A 20 -1.12 11.08 -2.98
C VAL A 20 -0.33 11.78 -1.88
N ASP A 21 -0.99 12.69 -1.18
CA ASP A 21 -0.35 13.43 -0.10
C ASP A 21 -0.42 12.65 1.21
N SER A 22 0.67 12.69 1.98
CA SER A 22 0.73 11.99 3.25
C SER A 22 0.08 12.80 4.37
N ASN A 23 -0.79 12.15 5.13
CA ASN A 23 -1.48 12.82 6.23
C ASN A 23 -2.35 11.83 7.00
N HIS A 24 -3.05 10.96 6.27
CA HIS A 24 -3.91 9.96 6.89
C HIS A 24 -3.14 8.67 7.16
N THR A 25 -3.79 7.74 7.86
CA THR A 25 -3.16 6.47 8.20
C THR A 25 -3.08 5.55 6.97
N LEU A 26 -2.31 4.49 7.09
CA LEU A 26 -2.15 3.53 6.00
C LEU A 26 -3.51 3.05 5.49
N ARG A 27 -4.50 3.04 6.38
CA ARG A 27 -5.84 2.60 6.03
C ARG A 27 -6.35 3.36 4.81
N ASP A 28 -5.92 4.59 4.65
CA ASP A 28 -6.33 5.43 3.53
C ASP A 28 -5.62 4.98 2.25
N VAL A 29 -4.30 4.80 2.34
CA VAL A 29 -3.51 4.39 1.20
C VAL A 29 -3.93 2.99 0.71
N LEU A 30 -4.21 2.11 1.66
CA LEU A 30 -4.61 0.74 1.33
C LEU A 30 -6.00 0.73 0.71
N ARG A 31 -6.88 1.62 1.19
CA ARG A 31 -8.24 1.70 0.68
C ARG A 31 -8.24 2.05 -0.81
N GLN A 32 -7.43 3.04 -1.17
CA GLN A 32 -7.34 3.47 -2.57
C GLN A 32 -6.72 2.40 -3.44
N PHE A 33 -5.55 1.90 -3.02
CA PHE A 33 -4.84 0.87 -3.76
C PHE A 33 -5.71 -0.38 -3.91
N LYS A 34 -6.50 -0.67 -2.87
CA LYS A 34 -7.38 -1.83 -2.89
C LYS A 34 -8.50 -1.65 -3.90
N ARG A 35 -8.98 -0.43 -4.03
CA ARG A 35 -10.06 -0.12 -4.97
C ARG A 35 -9.53 -0.04 -6.40
N GLU A 36 -8.24 0.25 -6.54
CA GLU A 36 -7.61 0.37 -7.85
C GLU A 36 -6.96 -0.96 -8.25
N VAL A 37 -6.82 -1.85 -7.29
CA VAL A 37 -6.22 -3.16 -7.54
C VAL A 37 -7.28 -4.25 -7.61
N ALA A 38 -8.40 -4.03 -6.94
CA ALA A 38 -9.50 -4.99 -6.93
C ALA A 38 -10.09 -5.15 -8.32
N ALA A 39 -9.83 -4.17 -9.19
CA ALA A 39 -10.35 -4.22 -10.55
C ALA A 39 -9.81 -5.44 -11.30
N LEU A 40 -8.58 -5.82 -11.01
CA LEU A 40 -7.96 -6.97 -11.65
C LEU A 40 -7.73 -8.11 -10.65
N ASP A 41 -7.66 -7.75 -9.37
CA ASP A 41 -7.46 -8.74 -8.31
C ASP A 41 -8.77 -9.08 -7.63
N PRO A 42 -9.33 -10.25 -7.97
CA PRO A 42 -10.59 -10.72 -7.39
C PRO A 42 -10.45 -11.10 -5.92
N ILE A 43 -9.22 -11.39 -5.50
CA ILE A 43 -8.97 -11.75 -4.12
C ILE A 43 -9.24 -10.59 -3.17
N ASN A 44 -9.71 -10.91 -1.97
CA ASN A 44 -10.01 -9.90 -0.97
C ASN A 44 -8.72 -9.35 -0.34
N LEU A 45 -8.53 -8.04 -0.47
CA LEU A 45 -7.34 -7.39 0.08
C LEU A 45 -7.25 -7.62 1.58
N GLU A 46 -8.40 -7.75 2.23
CA GLU A 46 -8.44 -7.97 3.68
C GLU A 46 -8.08 -9.42 4.01
N GLU A 47 -8.00 -10.26 2.99
CA GLU A 47 -7.68 -11.66 3.16
C GLU A 47 -6.16 -11.87 3.22
N TYR A 48 -5.43 -11.01 2.52
CA TYR A 48 -3.97 -11.09 2.48
C TYR A 48 -3.34 -9.77 2.92
N VAL A 49 -2.03 -9.80 3.14
CA VAL A 49 -1.30 -8.60 3.57
C VAL A 49 -0.25 -8.21 2.54
N VAL A 50 0.34 -7.03 2.73
CA VAL A 50 1.36 -6.53 1.82
C VAL A 50 2.59 -6.06 2.60
N ASN A 51 3.77 -6.47 2.12
CA ASN A 51 5.03 -6.09 2.76
C ASN A 51 5.66 -4.90 2.04
N HIS A 52 6.33 -4.04 2.81
CA HIS A 52 6.99 -2.86 2.24
C HIS A 52 8.51 -3.02 2.30
N GLU A 53 9.14 -3.14 1.15
CA GLU A 53 10.59 -3.29 1.08
C GLU A 53 11.06 -4.43 1.98
N GLY A 54 10.22 -5.46 2.11
CA GLY A 54 10.58 -6.59 2.95
C GLY A 54 10.11 -6.42 4.38
N LYS A 55 9.25 -5.43 4.62
CA LYS A 55 8.74 -5.16 5.95
C LYS A 55 7.30 -5.64 6.09
N LEU A 56 7.04 -6.47 7.09
CA LEU A 56 5.71 -7.01 7.33
C LEU A 56 4.94 -6.14 8.32
N LEU A 57 3.78 -5.65 7.90
CA LEU A 57 2.95 -4.81 8.76
C LEU A 57 1.85 -5.62 9.44
N LEU A 58 1.43 -5.18 10.61
CA LEU A 58 0.38 -5.86 11.36
C LEU A 58 -0.97 -5.20 11.14
N ASP A 59 -1.04 -3.90 11.40
CA ASP A 59 -2.27 -3.14 11.22
C ASP A 59 -2.05 -1.94 10.30
N ASP A 60 -3.14 -1.28 9.92
CA ASP A 60 -3.06 -0.12 9.05
C ASP A 60 -3.38 1.15 9.82
N SER A 61 -3.11 1.14 11.13
CA SER A 61 -3.37 2.29 11.98
C SER A 61 -2.21 3.28 11.92
N VAL A 62 -1.02 2.77 11.61
CA VAL A 62 0.17 3.61 11.53
C VAL A 62 0.20 4.39 10.22
N THR A 63 0.67 5.63 10.29
CA THR A 63 0.74 6.49 9.11
C THR A 63 1.91 6.09 8.21
N LEU A 64 2.18 6.91 7.19
CA LEU A 64 3.27 6.64 6.26
C LEU A 64 4.62 6.81 6.95
N GLN A 65 4.80 7.95 7.60
CA GLN A 65 6.04 8.24 8.30
C GLN A 65 6.15 7.43 9.58
N THR A 66 5.01 7.11 10.18
CA THR A 66 4.97 6.34 11.41
C THR A 66 5.66 4.98 11.23
N VAL A 67 5.42 4.35 10.10
CA VAL A 67 6.02 3.05 9.80
C VAL A 67 7.45 3.20 9.33
N GLY A 68 7.77 4.36 8.76
CA GLY A 68 9.12 4.61 8.29
C GLY A 68 9.26 4.36 6.80
N VAL A 69 8.21 4.65 6.05
CA VAL A 69 8.21 4.45 4.60
C VAL A 69 9.18 5.41 3.92
N LYS A 70 9.95 4.89 2.97
CA LYS A 70 10.91 5.70 2.23
C LYS A 70 10.21 6.59 1.21
N LYS A 71 10.98 7.44 0.53
CA LYS A 71 10.43 8.34 -0.47
C LYS A 71 9.76 7.55 -1.59
N ASP A 72 10.37 6.44 -1.98
CA ASP A 72 9.82 5.60 -3.04
C ASP A 72 8.52 4.93 -2.58
N SER A 73 8.55 4.37 -1.38
CA SER A 73 7.38 3.68 -0.84
C SER A 73 6.90 2.58 -1.77
N VAL A 74 7.67 1.49 -1.83
CA VAL A 74 7.32 0.36 -2.68
C VAL A 74 7.07 -0.90 -1.86
N PHE A 75 5.87 -1.47 -2.02
CA PHE A 75 5.51 -2.68 -1.28
C PHE A 75 5.04 -3.76 -2.25
N VAL A 76 5.49 -4.98 -2.01
CA VAL A 76 5.11 -6.12 -2.86
C VAL A 76 3.97 -6.91 -2.22
N LEU A 77 3.10 -7.47 -3.06
CA LEU A 77 1.97 -8.25 -2.59
C LEU A 77 2.43 -9.58 -2.02
N VAL A 78 2.03 -9.86 -0.79
CA VAL A 78 2.40 -11.11 -0.12
C VAL A 78 1.17 -11.90 0.29
N ARG A 79 1.30 -13.22 0.31
CA ARG A 79 0.19 -14.10 0.68
C ARG A 79 0.53 -14.89 1.94
N LYS A 80 -0.42 -14.96 2.86
CA LYS A 80 -0.24 -15.70 4.11
C LYS A 80 -0.91 -17.07 4.04
N ALA A 81 -2.04 -17.13 3.34
CA ALA A 81 -2.78 -18.37 3.20
C ALA A 81 -3.51 -18.43 1.87
#